data_4R25
# 
_entry.id   4R25 
# 
_audit_conform.dict_name       mmcif_pdbx.dic 
_audit_conform.dict_version    5.379 
_audit_conform.dict_location   http://mmcif.pdb.org/dictionaries/ascii/mmcif_pdbx.dic 
# 
loop_
_database_2.database_id 
_database_2.database_code 
_database_2.pdbx_database_accession 
_database_2.pdbx_DOI 
PDB   4R25         pdb_00004r25 10.2210/pdb4r25/pdb 
RCSB  RCSB086803   ?            ?                   
WWPDB D_1000086803 ?            ?                   
# 
loop_
_pdbx_database_related.db_name 
_pdbx_database_related.db_id 
_pdbx_database_related.details 
_pdbx_database_related.content_type 
PDB 4R22 'TnrA-21mer, crystal form P212121' unspecified 
PDB 4R24 'TnrA-21mer, crystal form C2221'   unspecified 
# 
_pdbx_database_status.entry_id                        4R25 
_pdbx_database_status.deposit_site                    RCSB 
_pdbx_database_status.process_site                    RCSB 
_pdbx_database_status.recvd_initial_deposition_date   2014-08-08 
_pdbx_database_status.status_code                     REL 
_pdbx_database_status.status_code_sf                  REL 
_pdbx_database_status.status_code_mr                  ? 
_pdbx_database_status.SG_entry                        ? 
_pdbx_database_status.status_code_cs                  ? 
_pdbx_database_status.methods_development_category    ? 
_pdbx_database_status.pdb_format_compatible           Y 
_pdbx_database_status.status_code_nmr_data            ? 
# 
_audit_author.name           'Schumacher, M.A.' 
_audit_author.pdbx_ordinal   1 
# 
_citation.id                        primary 
_citation.title                     
'Structures of regulatory machinery reveal novel molecular mechanisms controlling B. subtilis nitrogen homeostasis.' 
_citation.journal_abbrev            'Genes Dev.' 
_citation.journal_volume            29 
_citation.page_first                451 
_citation.page_last                 464 
_citation.year                      2015 
_citation.journal_id_ASTM           GEDEEP 
_citation.country                   US 
_citation.journal_id_ISSN           0890-9369 
_citation.journal_id_CSD            2056 
_citation.book_publisher            ? 
_citation.pdbx_database_id_PubMed   25691471 
_citation.pdbx_database_id_DOI      10.1101/gad.254714.114 
# 
loop_
_citation_author.citation_id 
_citation_author.name 
_citation_author.ordinal 
_citation_author.identifier_ORCID 
primary 'Schumacher, M.A.' 1 ? 
primary 'Chinnam, N.B.'    2 ? 
primary 'Cuthbert, B.'     3 ? 
primary 'Tonthat, N.K.'    4 ? 
primary 'Whitfill, T.'     5 ? 
# 
_cell.entry_id           4R25 
_cell.length_a           66.600 
_cell.length_b           66.600 
_cell.length_c           189.300 
_cell.angle_alpha        90.00 
_cell.angle_beta         90.00 
_cell.angle_gamma        120.00 
_cell.Z_PDB              18 
_cell.pdbx_unique_axis   ? 
# 
_symmetry.entry_id                         4R25 
_symmetry.space_group_name_H-M             'H 3 2' 
_symmetry.pdbx_full_space_group_name_H-M   ? 
_symmetry.cell_setting                     ? 
_symmetry.Int_Tables_number                155 
# 
loop_
_entity.id 
_entity.type 
_entity.src_method 
_entity.pdbx_description 
_entity.formula_weight 
_entity.pdbx_number_of_molecules 
_entity.pdbx_ec 
_entity.pdbx_mutation 
_entity.pdbx_fragment 
_entity.details 
1 polymer     man 'Nitrogen regulatory PII-like protein' 12661.552 1 ? ? 'GlnK, B. subtilis' ? 
2 non-polymer syn 'ZINC ION'                             65.409    5 ? ? ?                   ? 
3 water       nat water                                  18.015    7 ? ? ?                   ? 
# 
_entity_poly.entity_id                      1 
_entity_poly.type                           'polypeptide(L)' 
_entity_poly.nstd_linkage                   no 
_entity_poly.nstd_monomer                   no 
_entity_poly.pdbx_seq_one_letter_code       
;SHMFKVEIVTRPANFEKLKQELGKIGVTSLTFSNVHGCGLQKAHTELYRGVKIESNVYERLKIEIVVSKVPVDQVTETAK
RVLKTGSPGDGKIFVYEISNTINIRTGEEGPEAL
;
_entity_poly.pdbx_seq_one_letter_code_can   
;SHMFKVEIVTRPANFEKLKQELGKIGVTSLTFSNVHGCGLQKAHTELYRGVKIESNVYERLKIEIVVSKVPVDQVTETAK
RVLKTGSPGDGKIFVYEISNTINIRTGEEGPEAL
;
_entity_poly.pdbx_strand_id                 A 
_entity_poly.pdbx_target_identifier         ? 
# 
loop_
_entity_poly_seq.entity_id 
_entity_poly_seq.num 
_entity_poly_seq.mon_id 
_entity_poly_seq.hetero 
1 1   SER n 
1 2   HIS n 
1 3   MET n 
1 4   PHE n 
1 5   LYS n 
1 6   VAL n 
1 7   GLU n 
1 8   ILE n 
1 9   VAL n 
1 10  THR n 
1 11  ARG n 
1 12  PRO n 
1 13  ALA n 
1 14  ASN n 
1 15  PHE n 
1 16  GLU n 
1 17  LYS n 
1 18  LEU n 
1 19  LYS n 
1 20  GLN n 
1 21  GLU n 
1 22  LEU n 
1 23  GLY n 
1 24  LYS n 
1 25  ILE n 
1 26  GLY n 
1 27  VAL n 
1 28  THR n 
1 29  SER n 
1 30  LEU n 
1 31  THR n 
1 32  PHE n 
1 33  SER n 
1 34  ASN n 
1 35  VAL n 
1 36  HIS n 
1 37  GLY n 
1 38  CYS n 
1 39  GLY n 
1 40  LEU n 
1 41  GLN n 
1 42  LYS n 
1 43  ALA n 
1 44  HIS n 
1 45  THR n 
1 46  GLU n 
1 47  LEU n 
1 48  TYR n 
1 49  ARG n 
1 50  GLY n 
1 51  VAL n 
1 52  LYS n 
1 53  ILE n 
1 54  GLU n 
1 55  SER n 
1 56  ASN n 
1 57  VAL n 
1 58  TYR n 
1 59  GLU n 
1 60  ARG n 
1 61  LEU n 
1 62  LYS n 
1 63  ILE n 
1 64  GLU n 
1 65  ILE n 
1 66  VAL n 
1 67  VAL n 
1 68  SER n 
1 69  LYS n 
1 70  VAL n 
1 71  PRO n 
1 72  VAL n 
1 73  ASP n 
1 74  GLN n 
1 75  VAL n 
1 76  THR n 
1 77  GLU n 
1 78  THR n 
1 79  ALA n 
1 80  LYS n 
1 81  ARG n 
1 82  VAL n 
1 83  LEU n 
1 84  LYS n 
1 85  THR n 
1 86  GLY n 
1 87  SER n 
1 88  PRO n 
1 89  GLY n 
1 90  ASP n 
1 91  GLY n 
1 92  LYS n 
1 93  ILE n 
1 94  PHE n 
1 95  VAL n 
1 96  TYR n 
1 97  GLU n 
1 98  ILE n 
1 99  SER n 
1 100 ASN n 
1 101 THR n 
1 102 ILE n 
1 103 ASN n 
1 104 ILE n 
1 105 ARG n 
1 106 THR n 
1 107 GLY n 
1 108 GLU n 
1 109 GLU n 
1 110 GLY n 
1 111 PRO n 
1 112 GLU n 
1 113 ALA n 
1 114 LEU n 
# 
_entity_src_gen.entity_id                          1 
_entity_src_gen.pdbx_src_id                        1 
_entity_src_gen.pdbx_alt_source_flag               sample 
_entity_src_gen.pdbx_seq_type                      ? 
_entity_src_gen.pdbx_beg_seq_num                   ? 
_entity_src_gen.pdbx_end_seq_num                   ? 
_entity_src_gen.gene_src_common_name               ? 
_entity_src_gen.gene_src_genus                     ? 
_entity_src_gen.pdbx_gene_src_gene                 'nrgB, BSU36520' 
_entity_src_gen.gene_src_species                   ? 
_entity_src_gen.gene_src_strain                    168 
_entity_src_gen.gene_src_tissue                    ? 
_entity_src_gen.gene_src_tissue_fraction           ? 
_entity_src_gen.gene_src_details                   ? 
_entity_src_gen.pdbx_gene_src_fragment             ? 
_entity_src_gen.pdbx_gene_src_scientific_name      'Bacillus subtilis subsp. subtilis' 
_entity_src_gen.pdbx_gene_src_ncbi_taxonomy_id     224308 
_entity_src_gen.pdbx_gene_src_variant              ? 
_entity_src_gen.pdbx_gene_src_cell_line            ? 
_entity_src_gen.pdbx_gene_src_atcc                 ? 
_entity_src_gen.pdbx_gene_src_organ                ? 
_entity_src_gen.pdbx_gene_src_organelle            ? 
_entity_src_gen.pdbx_gene_src_cell                 ? 
_entity_src_gen.pdbx_gene_src_cellular_location    ? 
_entity_src_gen.host_org_common_name               ? 
_entity_src_gen.pdbx_host_org_scientific_name      'Escherichia coli' 
_entity_src_gen.pdbx_host_org_ncbi_taxonomy_id     562 
_entity_src_gen.host_org_genus                     ? 
_entity_src_gen.pdbx_host_org_gene                 ? 
_entity_src_gen.pdbx_host_org_organ                ? 
_entity_src_gen.host_org_species                   ? 
_entity_src_gen.pdbx_host_org_tissue               ? 
_entity_src_gen.pdbx_host_org_tissue_fraction      ? 
_entity_src_gen.pdbx_host_org_strain               ? 
_entity_src_gen.pdbx_host_org_variant              ? 
_entity_src_gen.pdbx_host_org_cell_line            ? 
_entity_src_gen.pdbx_host_org_atcc                 ? 
_entity_src_gen.pdbx_host_org_culture_collection   ? 
_entity_src_gen.pdbx_host_org_cell                 ? 
_entity_src_gen.pdbx_host_org_organelle            ? 
_entity_src_gen.pdbx_host_org_cellular_location    ? 
_entity_src_gen.pdbx_host_org_vector_type          ? 
_entity_src_gen.pdbx_host_org_vector               ? 
_entity_src_gen.host_org_details                   ? 
_entity_src_gen.expression_system_id               ? 
_entity_src_gen.plasmid_name                       ? 
_entity_src_gen.plasmid_details                    ? 
_entity_src_gen.pdbx_description                   ? 
# 
_struct_ref.id                         1 
_struct_ref.db_name                    UNP 
_struct_ref.db_code                    NRGB_BACSU 
_struct_ref.pdbx_db_accession          Q07428 
_struct_ref.entity_id                  1 
_struct_ref.pdbx_seq_one_letter_code   
;MFKVEIVTRPANFEKLKQELGKIGVTSLTFSNVHGCGLQKAHTELYRGVKIESNVYERLKIEIVVSKVPVDQVTETAKRV
LKTGSPGDGKIFVYEISNTINIRTGEEGPEAL
;
_struct_ref.pdbx_align_begin           5 
_struct_ref.pdbx_db_isoform            ? 
# 
_struct_ref_seq.align_id                      1 
_struct_ref_seq.ref_id                        1 
_struct_ref_seq.pdbx_PDB_id_code              4R25 
_struct_ref_seq.pdbx_strand_id                A 
_struct_ref_seq.seq_align_beg                 3 
_struct_ref_seq.pdbx_seq_align_beg_ins_code   ? 
_struct_ref_seq.seq_align_end                 114 
_struct_ref_seq.pdbx_seq_align_end_ins_code   ? 
_struct_ref_seq.pdbx_db_accession             Q07428 
_struct_ref_seq.db_align_beg                  5 
_struct_ref_seq.pdbx_db_align_beg_ins_code    ? 
_struct_ref_seq.db_align_end                  116 
_struct_ref_seq.pdbx_db_align_end_ins_code    ? 
_struct_ref_seq.pdbx_auth_seq_align_beg       10 
_struct_ref_seq.pdbx_auth_seq_align_end       121 
# 
loop_
_struct_ref_seq_dif.align_id 
_struct_ref_seq_dif.pdbx_pdb_id_code 
_struct_ref_seq_dif.mon_id 
_struct_ref_seq_dif.pdbx_pdb_strand_id 
_struct_ref_seq_dif.seq_num 
_struct_ref_seq_dif.pdbx_pdb_ins_code 
_struct_ref_seq_dif.pdbx_seq_db_name 
_struct_ref_seq_dif.pdbx_seq_db_accession_code 
_struct_ref_seq_dif.db_mon_id 
_struct_ref_seq_dif.pdbx_seq_db_seq_num 
_struct_ref_seq_dif.details 
_struct_ref_seq_dif.pdbx_auth_seq_num 
_struct_ref_seq_dif.pdbx_ordinal 
1 4R25 SER A 1 ? UNP Q07428 ? ? 'expression tag' 8 1 
1 4R25 HIS A 2 ? UNP Q07428 ? ? 'expression tag' 9 2 
# 
loop_
_chem_comp.id 
_chem_comp.type 
_chem_comp.mon_nstd_flag 
_chem_comp.name 
_chem_comp.pdbx_synonyms 
_chem_comp.formula 
_chem_comp.formula_weight 
ALA 'L-peptide linking' y ALANINE         ? 'C3 H7 N O2'     89.093  
ARG 'L-peptide linking' y ARGININE        ? 'C6 H15 N4 O2 1' 175.209 
ASN 'L-peptide linking' y ASPARAGINE      ? 'C4 H8 N2 O3'    132.118 
ASP 'L-peptide linking' y 'ASPARTIC ACID' ? 'C4 H7 N O4'     133.103 
CYS 'L-peptide linking' y CYSTEINE        ? 'C3 H7 N O2 S'   121.158 
GLN 'L-peptide linking' y GLUTAMINE       ? 'C5 H10 N2 O3'   146.144 
GLU 'L-peptide linking' y 'GLUTAMIC ACID' ? 'C5 H9 N O4'     147.129 
GLY 'peptide linking'   y GLYCINE         ? 'C2 H5 N O2'     75.067  
HIS 'L-peptide linking' y HISTIDINE       ? 'C6 H10 N3 O2 1' 156.162 
HOH non-polymer         . WATER           ? 'H2 O'           18.015  
ILE 'L-peptide linking' y ISOLEUCINE      ? 'C6 H13 N O2'    131.173 
LEU 'L-peptide linking' y LEUCINE         ? 'C6 H13 N O2'    131.173 
LYS 'L-peptide linking' y LYSINE          ? 'C6 H15 N2 O2 1' 147.195 
MET 'L-peptide linking' y METHIONINE      ? 'C5 H11 N O2 S'  149.211 
PHE 'L-peptide linking' y PHENYLALANINE   ? 'C9 H11 N O2'    165.189 
PRO 'L-peptide linking' y PROLINE         ? 'C5 H9 N O2'     115.130 
SER 'L-peptide linking' y SERINE          ? 'C3 H7 N O3'     105.093 
THR 'L-peptide linking' y THREONINE       ? 'C4 H9 N O3'     119.119 
TYR 'L-peptide linking' y TYROSINE        ? 'C9 H11 N O3'    181.189 
VAL 'L-peptide linking' y VALINE          ? 'C5 H11 N O2'    117.146 
ZN  non-polymer         . 'ZINC ION'      ? 'Zn 2'           65.409  
# 
_exptl.entry_id          4R25 
_exptl.method            'X-RAY DIFFRACTION' 
_exptl.crystals_number   1 
# 
_exptl_crystal.id                    1 
_exptl_crystal.density_meas          ? 
_exptl_crystal.density_Matthews      3.19 
_exptl_crystal.density_percent_sol   61.45 
_exptl_crystal.description           ? 
# 
_exptl_crystal_grow.crystal_id      1 
_exptl_crystal_grow.method          'VAPOR DIFFUSION, HANGING DROP' 
_exptl_crystal_grow.temp            298 
_exptl_crystal_grow.temp_details    ? 
_exptl_crystal_grow.pH              6.5 
_exptl_crystal_grow.pdbx_pH_range   ? 
_exptl_crystal_grow.pdbx_details    
'10% Peg 8000, 0.1 M MES, 0.1 M zinc acetate, pH 6.5, VAPOR DIFFUSION, HANGING DROP, temperature 298K' 
# 
_diffrn.id                     1 
_diffrn.ambient_temp           100 
_diffrn.ambient_temp_details   ? 
_diffrn.crystal_id             1 
# 
_diffrn_detector.diffrn_id              1 
_diffrn_detector.detector               CCD 
_diffrn_detector.type                   'ADSC QUANTUM 315r' 
_diffrn_detector.pdbx_collection_date   2013-05-23 
_diffrn_detector.details                ? 
# 
_diffrn_radiation.diffrn_id                        1 
_diffrn_radiation.wavelength_id                    1 
_diffrn_radiation.pdbx_monochromatic_or_laue_m_l   M 
_diffrn_radiation.monochromator                    'Si(111)' 
_diffrn_radiation.pdbx_diffrn_protocol             'SINGLE WAVELENGTH' 
_diffrn_radiation.pdbx_scattering_type             x-ray 
# 
_diffrn_radiation_wavelength.id           1 
_diffrn_radiation_wavelength.wavelength   1 
_diffrn_radiation_wavelength.wt           1.0 
# 
_diffrn_source.diffrn_id                   1 
_diffrn_source.source                      SYNCHROTRON 
_diffrn_source.type                        'ALS BEAMLINE 8.3.1' 
_diffrn_source.pdbx_synchrotron_site       ALS 
_diffrn_source.pdbx_synchrotron_beamline   8.3.1 
_diffrn_source.pdbx_wavelength             ? 
_diffrn_source.pdbx_wavelength_list        1 
# 
_reflns.pdbx_diffrn_id               1 
_reflns.pdbx_ordinal                 1 
_reflns.entry_id                     4R25 
_reflns.observed_criterion_sigma_I   0 
_reflns.observed_criterion_sigma_F   0 
_reflns.d_resolution_low             63.1 
_reflns.d_resolution_high            2.519 
_reflns.number_obs                   5695 
_reflns.number_all                   5770 
_reflns.percent_possible_obs         99 
_reflns.pdbx_Rmerge_I_obs            ? 
_reflns.pdbx_Rsym_value              0.067 
_reflns.pdbx_netI_over_sigmaI        14.3 
_reflns.B_iso_Wilson_estimate        ? 
_reflns.pdbx_redundancy              ? 
# 
_refine.pdbx_refine_id                           'X-RAY DIFFRACTION' 
_refine.entry_id                                 4R25 
_refine.pdbx_diffrn_id                           1 
_refine.pdbx_TLS_residual_ADP_flag               ? 
_refine.ls_number_reflns_obs                     5695 
_refine.ls_number_reflns_all                     5770 
_refine.pdbx_ls_sigma_I                          ? 
_refine.pdbx_ls_sigma_F                          1.35 
_refine.pdbx_data_cutoff_high_absF               ? 
_refine.pdbx_data_cutoff_low_absF                ? 
_refine.pdbx_data_cutoff_high_rms_absF           ? 
_refine.ls_d_res_low                             24.485 
_refine.ls_d_res_high                            2.5193 
_refine.ls_percent_reflns_obs                    98.94 
_refine.ls_R_factor_obs                          0.2170 
_refine.ls_R_factor_all                          ? 
_refine.ls_R_factor_R_work                       0.2128 
_refine.ls_R_factor_R_free                       0.2549 
_refine.ls_R_factor_R_free_error                 ? 
_refine.ls_R_factor_R_free_error_details         ? 
_refine.ls_percent_reflns_R_free                 10.01 
_refine.ls_number_reflns_R_free                  570 
_refine.ls_number_parameters                     ? 
_refine.ls_number_restraints                     ? 
_refine.occupancy_min                            ? 
_refine.occupancy_max                            ? 
_refine.correlation_coeff_Fo_to_Fc               ? 
_refine.correlation_coeff_Fo_to_Fc_free          ? 
_refine.B_iso_mean                               ? 
_refine.aniso_B[1][1]                            -6.9306 
_refine.aniso_B[2][2]                            -6.9306 
_refine.aniso_B[3][3]                            13.8611 
_refine.aniso_B[1][2]                            -0.0000 
_refine.aniso_B[1][3]                            0.0000 
_refine.aniso_B[2][3]                            -0.0000 
_refine.solvent_model_details                    'FLAT BULK SOLVENT MODEL' 
_refine.solvent_model_param_ksol                 0.372 
_refine.solvent_model_param_bsol                 59.654 
_refine.pdbx_solvent_vdw_probe_radii             1.20 
_refine.pdbx_solvent_ion_probe_radii             ? 
_refine.pdbx_solvent_shrinkage_radii             0.95 
_refine.pdbx_ls_cross_valid_method               ? 
_refine.details                                  ? 
_refine.pdbx_starting_model                      2z0g 
_refine.pdbx_method_to_determine_struct          'MOLECULAR REPLACEMENT' 
_refine.pdbx_isotropic_thermal_model             ? 
_refine.pdbx_stereochemistry_target_values       ML 
_refine.pdbx_stereochem_target_val_spec_case     ? 
_refine.pdbx_R_Free_selection_details            ? 
_refine.pdbx_overall_ESU_R                       ? 
_refine.pdbx_overall_ESU_R_Free                  ? 
_refine.overall_SU_ML                            0.43 
_refine.pdbx_overall_phase_error                 25.63 
_refine.overall_SU_B                             ? 
_refine.overall_SU_R_Cruickshank_DPI             ? 
_refine.pdbx_overall_SU_R_free_Cruickshank_DPI   ? 
_refine.pdbx_overall_SU_R_Blow_DPI               ? 
_refine.pdbx_overall_SU_R_free_Blow_DPI          ? 
# 
_refine_hist.pdbx_refine_id                   'X-RAY DIFFRACTION' 
_refine_hist.cycle_id                         LAST 
_refine_hist.pdbx_number_atoms_protein        883 
_refine_hist.pdbx_number_atoms_nucleic_acid   0 
_refine_hist.pdbx_number_atoms_ligand         5 
_refine_hist.number_atoms_solvent             7 
_refine_hist.number_atoms_total               895 
_refine_hist.d_res_high                       2.5193 
_refine_hist.d_res_low                        24.485 
# 
loop_
_refine_ls_restr.type 
_refine_ls_restr.dev_ideal 
_refine_ls_restr.dev_ideal_target 
_refine_ls_restr.weight 
_refine_ls_restr.number 
_refine_ls_restr.pdbx_refine_id 
_refine_ls_restr.pdbx_restraint_function 
f_bond_d           0.007  ? ? 903  'X-RAY DIFFRACTION' ? 
f_angle_d          1.035  ? ? 1217 'X-RAY DIFFRACTION' ? 
f_dihedral_angle_d 16.787 ? ? 344  'X-RAY DIFFRACTION' ? 
f_chiral_restr     0.063  ? ? 143  'X-RAY DIFFRACTION' ? 
f_plane_restr      0.004  ? ? 155  'X-RAY DIFFRACTION' ? 
# 
loop_
_refine_ls_shell.pdbx_refine_id 
_refine_ls_shell.pdbx_total_number_of_bins_used 
_refine_ls_shell.d_res_high 
_refine_ls_shell.d_res_low 
_refine_ls_shell.number_reflns_R_work 
_refine_ls_shell.R_factor_R_work 
_refine_ls_shell.percent_reflns_obs 
_refine_ls_shell.R_factor_R_free 
_refine_ls_shell.R_factor_R_free_error 
_refine_ls_shell.percent_reflns_R_free 
_refine_ls_shell.number_reflns_R_free 
_refine_ls_shell.number_reflns_all 
_refine_ls_shell.R_factor_all 
'X-RAY DIFFRACTION' . 2.5193 2.7725  1269 0.3516 100.00 0.4256 . . 141 . . 
'X-RAY DIFFRACTION' . 2.7725 3.1730  1262 0.2256 100.00 0.2892 . . 140 . . 
'X-RAY DIFFRACTION' . 3.1730 3.9948  1281 0.1944 99.00  0.2540 . . 142 . . 
'X-RAY DIFFRACTION' . 3.9948 24.4863 1313 0.2001 97.00  0.2213 . . 147 . . 
# 
_struct.entry_id                  4R25 
_struct.title                     'Structure of B. subtilis GlnK' 
_struct.pdbx_model_details        ? 
_struct.pdbx_CASP_flag            ? 
_struct.pdbx_model_type_details   ? 
# 
_struct_keywords.entry_id        4R25 
_struct_keywords.pdbx_keywords   TRANSCRIPTION 
_struct_keywords.text            'PII family member, nitrogen regulation, TnrA, transcription' 
# 
loop_
_struct_asym.id 
_struct_asym.pdbx_blank_PDB_chainid_flag 
_struct_asym.pdbx_modified 
_struct_asym.entity_id 
_struct_asym.details 
A N N 1 ? 
B N N 2 ? 
C N N 2 ? 
D N N 2 ? 
E N N 2 ? 
F N N 2 ? 
G N N 3 ? 
# 
_struct_biol.id        1 
_struct_biol.details   ? 
# 
loop_
_struct_conf.conf_type_id 
_struct_conf.id 
_struct_conf.pdbx_PDB_helix_id 
_struct_conf.beg_label_comp_id 
_struct_conf.beg_label_asym_id 
_struct_conf.beg_label_seq_id 
_struct_conf.pdbx_beg_PDB_ins_code 
_struct_conf.end_label_comp_id 
_struct_conf.end_label_asym_id 
_struct_conf.end_label_seq_id 
_struct_conf.pdbx_end_PDB_ins_code 
_struct_conf.beg_auth_comp_id 
_struct_conf.beg_auth_asym_id 
_struct_conf.beg_auth_seq_id 
_struct_conf.end_auth_comp_id 
_struct_conf.end_auth_asym_id 
_struct_conf.end_auth_seq_id 
_struct_conf.pdbx_PDB_helix_class 
_struct_conf.details 
_struct_conf.pdbx_PDB_helix_length 
HELX_P HELX_P1 1 ASN A 14  ? GLY A 26  ? ASN A 21  GLY A 33  1 ? 13 
HELX_P HELX_P2 2 PRO A 71  ? LYS A 84  ? PRO A 78  LYS A 91  1 ? 14 
HELX_P HELX_P3 3 GLU A 109 ? ALA A 113 ? GLU A 116 ALA A 120 5 ? 5  
# 
_struct_conf_type.id          HELX_P 
_struct_conf_type.criteria    ? 
_struct_conf_type.reference   ? 
# 
loop_
_struct_conn.id 
_struct_conn.conn_type_id 
_struct_conn.pdbx_leaving_atom_flag 
_struct_conn.pdbx_PDB_id 
_struct_conn.ptnr1_label_asym_id 
_struct_conn.ptnr1_label_comp_id 
_struct_conn.ptnr1_label_seq_id 
_struct_conn.ptnr1_label_atom_id 
_struct_conn.pdbx_ptnr1_label_alt_id 
_struct_conn.pdbx_ptnr1_PDB_ins_code 
_struct_conn.pdbx_ptnr1_standard_comp_id 
_struct_conn.ptnr1_symmetry 
_struct_conn.ptnr2_label_asym_id 
_struct_conn.ptnr2_label_comp_id 
_struct_conn.ptnr2_label_seq_id 
_struct_conn.ptnr2_label_atom_id 
_struct_conn.pdbx_ptnr2_label_alt_id 
_struct_conn.pdbx_ptnr2_PDB_ins_code 
_struct_conn.ptnr1_auth_asym_id 
_struct_conn.ptnr1_auth_comp_id 
_struct_conn.ptnr1_auth_seq_id 
_struct_conn.ptnr2_auth_asym_id 
_struct_conn.ptnr2_auth_comp_id 
_struct_conn.ptnr2_auth_seq_id 
_struct_conn.ptnr2_symmetry 
_struct_conn.pdbx_ptnr3_label_atom_id 
_struct_conn.pdbx_ptnr3_label_seq_id 
_struct_conn.pdbx_ptnr3_label_comp_id 
_struct_conn.pdbx_ptnr3_label_asym_id 
_struct_conn.pdbx_ptnr3_label_alt_id 
_struct_conn.pdbx_ptnr3_PDB_ins_code 
_struct_conn.details 
_struct_conn.pdbx_dist_value 
_struct_conn.pdbx_value_order 
_struct_conn.pdbx_role 
metalc1 metalc ? ? A LYS 5  NZ  ? ? ? 1_555 E ZN  . ZN ? ? A LYS 12  A ZN  204 1_555 ? ? ? ? ? ? ? 2.539 ? ? 
metalc2 metalc ? ? A GLU 7  OE2 ? ? ? 1_555 E ZN  . ZN ? ? A GLU 14  A ZN  204 1_555 ? ? ? ? ? ? ? 2.649 ? ? 
metalc3 metalc ? ? A HIS 36 NE2 ? ? ? 1_555 F ZN  . ZN ? ? A HIS 43  A ZN  205 1_555 ? ? ? ? ? ? ? 2.347 ? ? 
metalc4 metalc ? ? A HIS 44 ND1 ? ? ? 1_555 B ZN  . ZN ? ? A HIS 51  A ZN  201 1_555 ? ? ? ? ? ? ? 2.469 ? ? 
metalc5 metalc ? ? A GLU 54 OE1 ? ? ? 1_555 D ZN  . ZN ? ? A GLU 61  A ZN  203 1_555 ? ? ? ? ? ? ? 2.579 ? ? 
metalc6 metalc ? ? A GLU 64 OE2 ? ? ? 1_555 E ZN  . ZN ? ? A GLU 71  A ZN  204 1_555 ? ? ? ? ? ? ? 2.334 ? ? 
metalc7 metalc ? ? E ZN  .  ZN  ? ? ? 1_555 G HOH . O  ? ? A ZN  204 A HOH 301 1_555 ? ? ? ? ? ? ? 2.573 ? ? 
# 
_struct_conn_type.id          metalc 
_struct_conn_type.criteria    ? 
_struct_conn_type.reference   ? 
# 
_struct_sheet.id               A 
_struct_sheet.type             ? 
_struct_sheet.number_strands   4 
_struct_sheet.details          ? 
# 
loop_
_struct_sheet_order.sheet_id 
_struct_sheet_order.range_id_1 
_struct_sheet_order.range_id_2 
_struct_sheet_order.offset 
_struct_sheet_order.sense 
A 1 2 ? anti-parallel 
A 2 3 ? anti-parallel 
A 3 4 ? anti-parallel 
# 
loop_
_struct_sheet_range.sheet_id 
_struct_sheet_range.id 
_struct_sheet_range.beg_label_comp_id 
_struct_sheet_range.beg_label_asym_id 
_struct_sheet_range.beg_label_seq_id 
_struct_sheet_range.pdbx_beg_PDB_ins_code 
_struct_sheet_range.end_label_comp_id 
_struct_sheet_range.end_label_asym_id 
_struct_sheet_range.end_label_seq_id 
_struct_sheet_range.pdbx_end_PDB_ins_code 
_struct_sheet_range.beg_auth_comp_id 
_struct_sheet_range.beg_auth_asym_id 
_struct_sheet_range.beg_auth_seq_id 
_struct_sheet_range.end_auth_comp_id 
_struct_sheet_range.end_auth_asym_id 
_struct_sheet_range.end_auth_seq_id 
A 1 THR A 31 ? HIS A 44 ? THR A 38 HIS A 51  
A 2 VAL A 51 ? VAL A 67 ? VAL A 58 VAL A 74  
A 3 PHE A 4  ? THR A 10 ? PHE A 11 THR A 17  
A 4 LYS A 92 ? GLU A 97 ? LYS A 99 GLU A 104 
# 
loop_
_pdbx_struct_sheet_hbond.sheet_id 
_pdbx_struct_sheet_hbond.range_id_1 
_pdbx_struct_sheet_hbond.range_id_2 
_pdbx_struct_sheet_hbond.range_1_label_atom_id 
_pdbx_struct_sheet_hbond.range_1_label_comp_id 
_pdbx_struct_sheet_hbond.range_1_label_asym_id 
_pdbx_struct_sheet_hbond.range_1_label_seq_id 
_pdbx_struct_sheet_hbond.range_1_PDB_ins_code 
_pdbx_struct_sheet_hbond.range_1_auth_atom_id 
_pdbx_struct_sheet_hbond.range_1_auth_comp_id 
_pdbx_struct_sheet_hbond.range_1_auth_asym_id 
_pdbx_struct_sheet_hbond.range_1_auth_seq_id 
_pdbx_struct_sheet_hbond.range_2_label_atom_id 
_pdbx_struct_sheet_hbond.range_2_label_comp_id 
_pdbx_struct_sheet_hbond.range_2_label_asym_id 
_pdbx_struct_sheet_hbond.range_2_label_seq_id 
_pdbx_struct_sheet_hbond.range_2_PDB_ins_code 
_pdbx_struct_sheet_hbond.range_2_auth_atom_id 
_pdbx_struct_sheet_hbond.range_2_auth_comp_id 
_pdbx_struct_sheet_hbond.range_2_auth_asym_id 
_pdbx_struct_sheet_hbond.range_2_auth_seq_id 
A 1 2 N ALA A 43 ? N ALA A 50 O LYS A 52 ? O LYS A 59  
A 2 3 O ILE A 65 ? O ILE A 72 N VAL A 6  ? N VAL A 13  
A 3 4 N GLU A 7  ? N GLU A 14 O PHE A 94 ? O PHE A 101 
# 
loop_
_struct_site.id 
_struct_site.pdbx_evidence_code 
_struct_site.pdbx_auth_asym_id 
_struct_site.pdbx_auth_comp_id 
_struct_site.pdbx_auth_seq_id 
_struct_site.pdbx_auth_ins_code 
_struct_site.pdbx_num_residues 
_struct_site.details 
AC1 Software A ZN 201 ? 5 'BINDING SITE FOR RESIDUE ZN A 201' 
AC2 Software A ZN 202 ? 4 'BINDING SITE FOR RESIDUE ZN A 202' 
AC3 Software A ZN 203 ? 5 'BINDING SITE FOR RESIDUE ZN A 203' 
AC4 Software A ZN 204 ? 8 'BINDING SITE FOR RESIDUE ZN A 204' 
AC5 Software A ZN 205 ? 4 'BINDING SITE FOR RESIDUE ZN A 205' 
# 
loop_
_struct_site_gen.id 
_struct_site_gen.site_id 
_struct_site_gen.pdbx_num_res 
_struct_site_gen.label_comp_id 
_struct_site_gen.label_asym_id 
_struct_site_gen.label_seq_id 
_struct_site_gen.pdbx_auth_ins_code 
_struct_site_gen.auth_comp_id 
_struct_site_gen.auth_asym_id 
_struct_site_gen.auth_seq_id 
_struct_site_gen.label_atom_id 
_struct_site_gen.label_alt_id 
_struct_site_gen.symmetry 
_struct_site_gen.details 
1  AC1 5 HIS A 44 ? HIS A 51  . ? 1_555 ? 
2  AC1 5 HIS A 44 ? HIS A 51  . ? 2_545 ? 
3  AC1 5 LEU A 47 ? LEU A 54  . ? 1_555 ? 
4  AC1 5 TYR A 48 ? TYR A 55  . ? 3_655 ? 
5  AC1 5 ZN  C .  ? ZN  A 202 . ? 2_545 ? 
6  AC2 4 HIS A 44 ? HIS A 51  . ? 1_555 ? 
7  AC2 4 TYR A 48 ? TYR A 55  . ? 3_655 ? 
8  AC2 4 TYR A 48 ? TYR A 55  . ? 2_545 ? 
9  AC2 4 ZN  B .  ? ZN  A 201 . ? 3_655 ? 
10 AC3 5 HIS A 36 ? HIS A 43  . ? 6_555 ? 
11 AC3 5 GLU A 46 ? GLU A 53  . ? 3_655 ? 
12 AC3 5 GLU A 54 ? GLU A 61  . ? 1_555 ? 
13 AC3 5 GLU A 59 ? GLU A 66  . ? 6_555 ? 
14 AC3 5 ZN  F .  ? ZN  A 205 . ? 6_555 ? 
15 AC4 8 LYS A 5  ? LYS A 12  . ? 1_555 ? 
16 AC4 8 LYS A 5  ? LYS A 12  . ? 3_545 ? 
17 AC4 8 GLU A 7  ? GLU A 14  . ? 1_555 ? 
18 AC4 8 LYS A 62 ? LYS A 69  . ? 1_555 ? 
19 AC4 8 GLU A 64 ? GLU A 71  . ? 1_555 ? 
20 AC4 8 HOH G .  ? HOH A 301 . ? 2_445 ? 
21 AC4 8 HOH G .  ? HOH A 301 . ? 3_545 ? 
22 AC4 8 HOH G .  ? HOH A 301 . ? 1_555 ? 
23 AC5 4 HIS A 36 ? HIS A 43  . ? 1_555 ? 
24 AC5 4 GLU A 46 ? GLU A 53  . ? 5_445 ? 
25 AC5 4 GLU A 54 ? GLU A 61  . ? 6_555 ? 
26 AC5 4 ZN  D .  ? ZN  A 203 . ? 6_555 ? 
# 
_atom_sites.entry_id                    4R25 
_atom_sites.fract_transf_matrix[1][1]   0.00048042 
_atom_sites.fract_transf_matrix[1][2]   0.01356830 
_atom_sites.fract_transf_matrix[1][3]   -0.01078296 
_atom_sites.fract_transf_matrix[2][1]   0.01289429 
_atom_sites.fract_transf_matrix[2][2]   0.00148565 
_atom_sites.fract_transf_matrix[2][3]   -0.01149506 
_atom_sites.fract_transf_matrix[3][1]   -0.00284005 
_atom_sites.fract_transf_matrix[3][2]   -0.00270950 
_atom_sites.fract_transf_matrix[3][3]   -0.00353593 
_atom_sites.fract_transf_vector[1]      -0.272933 
_atom_sites.fract_transf_vector[2]      -0.493497 
_atom_sites.fract_transf_vector[3]      -0.073685 
# 
loop_
_atom_type.symbol 
C  
N  
O  
S  
ZN 
# 
loop_
_atom_site.group_PDB 
_atom_site.id 
_atom_site.type_symbol 
_atom_site.label_atom_id 
_atom_site.label_alt_id 
_atom_site.label_comp_id 
_atom_site.label_asym_id 
_atom_site.label_entity_id 
_atom_site.label_seq_id 
_atom_site.pdbx_PDB_ins_code 
_atom_site.Cartn_x 
_atom_site.Cartn_y 
_atom_site.Cartn_z 
_atom_site.occupancy 
_atom_site.B_iso_or_equiv 
_atom_site.pdbx_formal_charge 
_atom_site.auth_seq_id 
_atom_site.auth_comp_id 
_atom_site.auth_asym_id 
_atom_site.auth_atom_id 
_atom_site.pdbx_PDB_model_num 
ATOM   1   N  N   . SER A 1 1   ? 10.581  -2.251  18.731  1.00 82.46  ? 8   SER A N   1 
ATOM   2   C  CA  . SER A 1 1   ? 9.366   -2.465  19.511  1.00 108.59 ? 8   SER A CA  1 
ATOM   3   C  C   . SER A 1 1   ? 8.143   -1.771  18.896  1.00 90.53  ? 8   SER A C   1 
ATOM   4   O  O   . SER A 1 1   ? 7.001   -2.108  19.220  1.00 62.93  ? 8   SER A O   1 
ATOM   5   N  N   . HIS A 1 2   ? 8.390   -0.811  18.008  1.00 80.54  ? 9   HIS A N   1 
ATOM   6   C  CA  . HIS A 1 2   ? 7.320   -0.182  17.250  1.00 60.82  ? 9   HIS A CA  1 
ATOM   7   C  C   . HIS A 1 2   ? 6.635   -1.230  16.383  1.00 71.28  ? 9   HIS A C   1 
ATOM   8   O  O   . HIS A 1 2   ? 7.196   -2.294  16.111  1.00 64.43  ? 9   HIS A O   1 
ATOM   9   C  CB  . HIS A 1 2   ? 7.869   0.924   16.353  1.00 69.57  ? 9   HIS A CB  1 
ATOM   10  N  N   . MET A 1 3   ? 5.416   -0.924  15.951  1.00 66.92  ? 10  MET A N   1 
ATOM   11  C  CA  . MET A 1 3   ? 4.705   -1.770  15.005  1.00 52.08  ? 10  MET A CA  1 
ATOM   12  C  C   . MET A 1 3   ? 4.128   -0.868  13.935  1.00 41.10  ? 10  MET A C   1 
ATOM   13  O  O   . MET A 1 3   ? 3.620   0.203   14.238  1.00 47.59  ? 10  MET A O   1 
ATOM   14  C  CB  . MET A 1 3   ? 3.587   -2.541  15.698  1.00 48.49  ? 10  MET A CB  1 
ATOM   15  C  CG  . MET A 1 3   ? 3.990   -3.134  17.030  1.00 63.06  ? 10  MET A CG  1 
ATOM   16  S  SD  . MET A 1 3   ? 2.682   -4.119  17.773  1.00 70.47  ? 10  MET A SD  1 
ATOM   17  C  CE  . MET A 1 3   ? 2.815   -5.607  16.781  1.00 55.42  ? 10  MET A CE  1 
ATOM   18  N  N   . PHE A 1 4   ? 4.199   -1.296  12.684  1.00 37.01  ? 11  PHE A N   1 
ATOM   19  C  CA  . PHE A 1 4   ? 3.731   -0.456  11.592  1.00 47.99  ? 11  PHE A CA  1 
ATOM   20  C  C   . PHE A 1 4   ? 2.811   -1.184  10.638  1.00 36.44  ? 11  PHE A C   1 
ATOM   21  O  O   . PHE A 1 4   ? 2.908   -2.396  10.461  1.00 39.56  ? 11  PHE A O   1 
ATOM   22  C  CB  . PHE A 1 4   ? 4.912   0.124   10.803  1.00 47.46  ? 11  PHE A CB  1 
ATOM   23  C  CG  . PHE A 1 4   ? 5.757   1.065   11.594  1.00 56.20  ? 11  PHE A CG  1 
ATOM   24  C  CD1 . PHE A 1 4   ? 6.881   0.611   12.269  1.00 52.35  ? 11  PHE A CD1 1 
ATOM   25  C  CD2 . PHE A 1 4   ? 5.424   2.405   11.680  1.00 55.94  ? 11  PHE A CD2 1 
ATOM   26  C  CE1 . PHE A 1 4   ? 7.663   1.485   13.010  1.00 62.75  ? 11  PHE A CE1 1 
ATOM   27  C  CE2 . PHE A 1 4   ? 6.201   3.281   12.419  1.00 64.72  ? 11  PHE A CE2 1 
ATOM   28  C  CZ  . PHE A 1 4   ? 7.320   2.821   13.085  1.00 53.33  ? 11  PHE A CZ  1 
ATOM   29  N  N   . LYS A 1 5   ? 1.924   -0.423  10.010  1.00 40.69  ? 12  LYS A N   1 
ATOM   30  C  CA  . LYS A 1 5   ? 1.146   -0.942  8.910   1.00 29.18  ? 12  LYS A CA  1 
ATOM   31  C  C   . LYS A 1 5   ? 1.635   -0.303  7.626   1.00 36.30  ? 12  LYS A C   1 
ATOM   32  O  O   . LYS A 1 5   ? 1.659   0.921   7.497   1.00 44.01  ? 12  LYS A O   1 
ATOM   33  C  CB  . LYS A 1 5   ? -0.337  -0.657  9.110   1.00 35.06  ? 12  LYS A CB  1 
ATOM   34  C  CG  . LYS A 1 5   ? -1.224  -1.172  7.979   1.00 36.33  ? 12  LYS A CG  1 
ATOM   35  C  CD  . LYS A 1 5   ? -2.510  -0.380  7.937   1.00 54.17  ? 12  LYS A CD  1 
ATOM   36  C  CE  . LYS A 1 5   ? -3.694  -1.239  7.555   1.00 78.20  ? 12  LYS A CE  1 
ATOM   37  N  NZ  . LYS A 1 5   ? -4.966  -0.487  7.764   1.00 73.45  ? 12  LYS A NZ  1 
ATOM   38  N  N   . VAL A 1 6   ? 2.024   -1.139  6.672   1.00 39.63  ? 13  VAL A N   1 
ATOM   39  C  CA  . VAL A 1 6   ? 2.400   -0.653  5.361   1.00 27.80  ? 13  VAL A CA  1 
ATOM   40  C  C   . VAL A 1 6   ? 1.254   -0.888  4.392   1.00 36.43  ? 13  VAL A C   1 
ATOM   41  O  O   . VAL A 1 6   ? 0.814   -2.017  4.190   1.00 38.37  ? 13  VAL A O   1 
ATOM   42  C  CB  . VAL A 1 6   ? 3.695   -1.316  4.851   1.00 42.24  ? 13  VAL A CB  1 
ATOM   43  C  CG1 . VAL A 1 6   ? 4.026   -0.838  3.443   1.00 27.58  ? 13  VAL A CG1 1 
ATOM   44  C  CG2 . VAL A 1 6   ? 4.833   -1.009  5.790   1.00 32.48  ? 13  VAL A CG2 1 
ATOM   45  N  N   . GLU A 1 7   ? 0.774   0.197   3.797   1.00 38.64  ? 14  GLU A N   1 
ATOM   46  C  CA  . GLU A 1 7   ? -0.345  0.134   2.874   1.00 32.54  ? 14  GLU A CA  1 
ATOM   47  C  C   . GLU A 1 7   ? 0.102   0.496   1.459   1.00 47.08  ? 14  GLU A C   1 
ATOM   48  O  O   . GLU A 1 7   ? 0.436   1.647   1.177   1.00 46.02  ? 14  GLU A O   1 
ATOM   49  C  CB  . GLU A 1 7   ? -1.425  1.092   3.347   1.00 33.64  ? 14  GLU A CB  1 
ATOM   50  C  CG  . GLU A 1 7   ? -2.768  0.916   2.707   1.00 39.82  ? 14  GLU A CG  1 
ATOM   51  C  CD  . GLU A 1 7   ? -3.847  1.636   3.495   1.00 62.53  ? 14  GLU A CD  1 
ATOM   52  O  OE1 . GLU A 1 7   ? -4.318  2.708   3.055   1.00 59.43  ? 14  GLU A OE1 1 
ATOM   53  O  OE2 . GLU A 1 7   ? -4.212  1.128   4.575   1.00 78.70  ? 14  GLU A OE2 1 
ATOM   54  N  N   . ILE A 1 8   ? 0.118   -0.492  0.572   1.00 38.87  ? 15  ILE A N   1 
ATOM   55  C  CA  . ILE A 1 8   ? 0.481   -0.254  -0.812  1.00 31.77  ? 15  ILE A CA  1 
ATOM   56  C  C   . ILE A 1 8   ? -0.770  -0.188  -1.675  1.00 40.53  ? 15  ILE A C   1 
ATOM   57  O  O   . ILE A 1 8   ? -1.554  -1.133  -1.715  1.00 51.08  ? 15  ILE A O   1 
ATOM   58  C  CB  . ILE A 1 8   ? 1.405   -1.366  -1.347  1.00 32.88  ? 15  ILE A CB  1 
ATOM   59  C  CG1 . ILE A 1 8   ? 2.556   -1.623  -0.372  1.00 32.55  ? 15  ILE A CG1 1 
ATOM   60  C  CG2 . ILE A 1 8   ? 1.934   -0.994  -2.718  1.00 35.70  ? 15  ILE A CG2 1 
ATOM   61  C  CD1 . ILE A 1 8   ? 3.380   -2.857  -0.705  1.00 42.09  ? 15  ILE A CD1 1 
ATOM   62  N  N   . VAL A 1 9   ? -0.963  0.929   -2.363  1.00 40.29  ? 16  VAL A N   1 
ATOM   63  C  CA  . VAL A 1 9   ? -2.104  1.073   -3.258  1.00 45.24  ? 16  VAL A CA  1 
ATOM   64  C  C   . VAL A 1 9   ? -1.624  1.232   -4.699  1.00 54.95  ? 16  VAL A C   1 
ATOM   65  O  O   . VAL A 1 9   ? -1.092  2.271   -5.078  1.00 43.94  ? 16  VAL A O   1 
ATOM   66  C  CB  . VAL A 1 9   ? -2.988  2.269   -2.858  1.00 43.99  ? 16  VAL A CB  1 
ATOM   67  C  CG1 . VAL A 1 9   ? -4.052  2.514   -3.904  1.00 42.80  ? 16  VAL A CG1 1 
ATOM   68  C  CG2 . VAL A 1 9   ? -3.615  2.026   -1.495  1.00 39.66  ? 16  VAL A CG2 1 
ATOM   69  N  N   . THR A 1 10  ? -1.821  0.198   -5.508  1.00 49.65  ? 17  THR A N   1 
ATOM   70  C  CA  . THR A 1 10  ? -1.120  0.130   -6.776  1.00 47.92  ? 17  THR A CA  1 
ATOM   71  C  C   . THR A 1 10  ? -1.882  -0.570  -7.911  1.00 43.33  ? 17  THR A C   1 
ATOM   72  O  O   . THR A 1 10  ? -3.044  -0.943  -7.770  1.00 55.21  ? 17  THR A O   1 
ATOM   73  C  CB  . THR A 1 10  ? 0.287   -0.483  -6.563  1.00 48.42  ? 17  THR A CB  1 
ATOM   74  O  OG1 . THR A 1 10  ? 0.972   -0.618  -7.812  1.00 62.99  ? 17  THR A OG1 1 
ATOM   75  C  CG2 . THR A 1 10  ? 0.192   -1.838  -5.873  1.00 62.76  ? 17  THR A CG2 1 
ATOM   76  N  N   . ARG A 1 11  ? -1.208  -0.695  -9.048  1.00 63.43  ? 18  ARG A N   1 
ATOM   77  C  CA  . ARG A 1 11  ? -1.722  -1.343  -10.253 1.00 67.39  ? 18  ARG A CA  1 
ATOM   78  C  C   . ARG A 1 11  ? -1.755  -2.860  -10.054 1.00 62.31  ? 18  ARG A C   1 
ATOM   79  O  O   . ARG A 1 11  ? -0.825  -3.430  -9.484  1.00 72.73  ? 18  ARG A O   1 
ATOM   80  C  CB  . ARG A 1 11  ? -0.803  -0.952  -11.422 1.00 71.25  ? 18  ARG A CB  1 
ATOM   81  C  CG  . ARG A 1 11  ? -0.921  -1.734  -12.716 1.00 87.30  ? 18  ARG A CG  1 
ATOM   82  C  CD  . ARG A 1 11  ? 0.274   -1.417  -13.647 1.00 64.54  ? 18  ARG A CD  1 
ATOM   83  N  NE  . ARG A 1 11  ? 0.414   0.008   -13.976 1.00 73.65  ? 18  ARG A NE  1 
ATOM   84  C  CZ  . ARG A 1 11  ? 1.485   0.744   -13.676 1.00 77.16  ? 18  ARG A CZ  1 
ATOM   85  N  NH1 . ARG A 1 11  ? 2.519   0.196   -13.045 1.00 56.25  ? 18  ARG A NH1 1 
ATOM   86  N  NH2 . ARG A 1 11  ? 1.532   2.031   -14.006 1.00 58.26  ? 18  ARG A NH2 1 
ATOM   87  N  N   . PRO A 1 12  ? -2.840  -3.509  -10.508 1.00 62.23  ? 19  PRO A N   1 
ATOM   88  C  CA  . PRO A 1 12  ? -3.119  -4.944  -10.319 1.00 53.61  ? 19  PRO A CA  1 
ATOM   89  C  C   . PRO A 1 12  ? -2.040  -5.934  -10.810 1.00 68.70  ? 19  PRO A C   1 
ATOM   90  O  O   . PRO A 1 12  ? -2.085  -7.103  -10.415 1.00 100.86 ? 19  PRO A O   1 
ATOM   91  C  CB  . PRO A 1 12  ? -4.405  -5.150  -11.121 1.00 58.34  ? 19  PRO A CB  1 
ATOM   92  C  CG  . PRO A 1 12  ? -5.094  -3.804  -11.076 1.00 50.33  ? 19  PRO A CG  1 
ATOM   93  C  CD  . PRO A 1 12  ? -3.974  -2.796  -11.135 1.00 55.16  ? 19  PRO A CD  1 
ATOM   94  N  N   . ALA A 1 13  ? -1.101  -5.494  -11.639 1.00 70.58  ? 20  ALA A N   1 
ATOM   95  C  CA  . ALA A 1 13  ? -0.029  -6.375  -12.110 1.00 81.39  ? 20  ALA A CA  1 
ATOM   96  C  C   . ALA A 1 13  ? 1.155   -6.479  -11.134 1.00 79.15  ? 20  ALA A C   1 
ATOM   97  O  O   . ALA A 1 13  ? 1.281   -5.674  -10.212 1.00 62.56  ? 20  ALA A O   1 
ATOM   98  C  CB  . ALA A 1 13  ? 0.454   -5.910  -13.477 1.00 79.52  ? 20  ALA A CB  1 
ATOM   99  N  N   . ASN A 1 14  ? 2.020   -7.468  -11.356 1.00 69.57  ? 21  ASN A N   1 
ATOM   100 C  CA  . ASN A 1 14  ? 3.286   -7.600  -10.626 1.00 72.46  ? 21  ASN A CA  1 
ATOM   101 C  C   . ASN A 1 14  ? 3.185   -8.148  -9.200  1.00 69.05  ? 21  ASN A C   1 
ATOM   102 O  O   . ASN A 1 14  ? 4.154   -8.091  -8.435  1.00 56.77  ? 21  ASN A O   1 
ATOM   103 C  CB  . ASN A 1 14  ? 4.020   -6.261  -10.590 1.00 82.56  ? 21  ASN A CB  1 
ATOM   104 C  CG  . ASN A 1 14  ? 5.278   -6.256  -11.438 1.00 104.41 ? 21  ASN A CG  1 
ATOM   105 O  OD1 . ASN A 1 14  ? 6.012   -7.246  -11.502 1.00 90.51  ? 21  ASN A OD1 1 
ATOM   106 N  ND2 . ASN A 1 14  ? 5.538   -5.126  -12.093 1.00 86.43  ? 21  ASN A ND2 1 
ATOM   107 N  N   . PHE A 1 15  ? 2.024   -8.682  -8.846  1.00 49.56  ? 22  PHE A N   1 
ATOM   108 C  CA  . PHE A 1 15  ? 1.772   -9.092  -7.474  1.00 45.38  ? 22  PHE A CA  1 
ATOM   109 C  C   . PHE A 1 15  ? 2.699   -10.251 -7.067  1.00 57.55  ? 22  PHE A C   1 
ATOM   110 O  O   . PHE A 1 15  ? 3.226   -10.270 -5.955  1.00 49.65  ? 22  PHE A O   1 
ATOM   111 C  CB  . PHE A 1 15  ? 0.291   -9.462  -7.313  1.00 71.45  ? 22  PHE A CB  1 
ATOM   112 C  CG  . PHE A 1 15  ? -0.180  -9.527  -5.883  1.00 48.35  ? 22  PHE A CG  1 
ATOM   113 C  CD1 . PHE A 1 15  ? 0.595   -9.026  -4.851  1.00 53.26  ? 22  PHE A CD1 1 
ATOM   114 C  CD2 . PHE A 1 15  ? -1.393  -10.119 -5.573  1.00 54.89  ? 22  PHE A CD2 1 
ATOM   115 C  CE1 . PHE A 1 15  ? 0.162   -9.101  -3.538  1.00 44.59  ? 22  PHE A CE1 1 
ATOM   116 C  CE2 . PHE A 1 15  ? -1.832  -10.202 -4.258  1.00 63.63  ? 22  PHE A CE2 1 
ATOM   117 C  CZ  . PHE A 1 15  ? -1.056  -9.692  -3.242  1.00 47.41  ? 22  PHE A CZ  1 
ATOM   118 N  N   . GLU A 1 16  ? 2.918   -11.198 -7.977  1.00 56.44  ? 23  GLU A N   1 
ATOM   119 C  CA  . GLU A 1 16  ? 3.735   -12.378 -7.685  1.00 49.80  ? 23  GLU A CA  1 
ATOM   120 C  C   . GLU A 1 16  ? 5.194   -12.078 -7.323  1.00 44.03  ? 23  GLU A C   1 
ATOM   121 O  O   . GLU A 1 16  ? 5.708   -12.598 -6.337  1.00 62.38  ? 23  GLU A O   1 
ATOM   122 C  CB  . GLU A 1 16  ? 3.681   -13.379 -8.835  1.00 54.06  ? 23  GLU A CB  1 
ATOM   123 C  CG  . GLU A 1 16  ? 4.526   -14.618 -8.588  1.00 93.36  ? 23  GLU A CG  1 
ATOM   124 C  CD  . GLU A 1 16  ? 4.084   -15.397 -7.355  1.00 108.48 ? 23  GLU A CD  1 
ATOM   125 O  OE1 . GLU A 1 16  ? 2.859   -15.499 -7.115  1.00 109.11 ? 23  GLU A OE1 1 
ATOM   126 O  OE2 . GLU A 1 16  ? 4.967   -15.895 -6.619  1.00 96.89  ? 23  GLU A OE2 1 
ATOM   127 N  N   . LYS A 1 17  ? 5.863   -11.247 -8.113  1.00 52.10  ? 24  LYS A N   1 
ATOM   128 C  CA  . LYS A 1 17  ? 7.236   -10.867 -7.790  1.00 50.52  ? 24  LYS A CA  1 
ATOM   129 C  C   . LYS A 1 17  ? 7.281   -10.207 -6.414  1.00 42.74  ? 24  LYS A C   1 
ATOM   130 O  O   . LYS A 1 17  ? 8.273   -10.337 -5.690  1.00 55.08  ? 24  LYS A O   1 
ATOM   131 C  CB  . LYS A 1 17  ? 7.822   -9.934  -8.862  1.00 53.27  ? 24  LYS A CB  1 
ATOM   132 C  CG  . LYS A 1 17  ? 9.324   -9.629  -8.696  1.00 64.48  ? 24  LYS A CG  1 
ATOM   133 C  CD  . LYS A 1 17  ? 9.919   -8.970  -9.955  1.00 107.09 ? 24  LYS A CD  1 
ATOM   134 C  CE  . LYS A 1 17  ? 11.242  -8.231  -9.680  1.00 86.02  ? 24  LYS A CE  1 
ATOM   135 N  NZ  . LYS A 1 17  ? 12.304  -9.087  -9.075  1.00 92.07  ? 24  LYS A NZ  1 
ATOM   136 N  N   . LEU A 1 18  ? 6.205   -9.510  -6.052  1.00 49.20  ? 25  LEU A N   1 
ATOM   137 C  CA  . LEU A 1 18  ? 6.130   -8.834  -4.764  1.00 41.99  ? 25  LEU A CA  1 
ATOM   138 C  C   . LEU A 1 18  ? 6.121   -9.852  -3.624  1.00 41.29  ? 25  LEU A C   1 
ATOM   139 O  O   . LEU A 1 18  ? 6.875   -9.729  -2.658  1.00 36.41  ? 25  LEU A O   1 
ATOM   140 C  CB  . LEU A 1 18  ? 4.872   -7.970  -4.699  1.00 58.99  ? 25  LEU A CB  1 
ATOM   141 C  CG  . LEU A 1 18  ? 4.920   -6.536  -4.168  1.00 56.34  ? 25  LEU A CG  1 
ATOM   142 C  CD1 . LEU A 1 18  ? 3.614   -6.221  -3.457  1.00 66.05  ? 25  LEU A CD1 1 
ATOM   143 C  CD2 . LEU A 1 18  ? 6.094   -6.288  -3.232  1.00 53.38  ? 25  LEU A CD2 1 
ATOM   144 N  N   . LYS A 1 19  ? 5.249   -10.845 -3.739  1.00 33.81  ? 26  LYS A N   1 
ATOM   145 C  CA  . LYS A 1 19  ? 5.174   -11.912 -2.752  1.00 46.36  ? 26  LYS A CA  1 
ATOM   146 C  C   . LYS A 1 19  ? 6.532   -12.592 -2.581  1.00 55.75  ? 26  LYS A C   1 
ATOM   147 O  O   . LYS A 1 19  ? 6.934   -12.890 -1.455  1.00 54.14  ? 26  LYS A O   1 
ATOM   148 C  CB  . LYS A 1 19  ? 4.103   -12.930 -3.139  1.00 46.17  ? 26  LYS A CB  1 
ATOM   149 C  CG  . LYS A 1 19  ? 2.705   -12.352 -3.222  1.00 39.20  ? 26  LYS A CG  1 
ATOM   150 C  CD  . LYS A 1 19  ? 1.710   -13.399 -3.674  1.00 47.37  ? 26  LYS A CD  1 
ATOM   151 C  CE  . LYS A 1 19  ? 0.315   -12.831 -3.808  1.00 49.22  ? 26  LYS A CE  1 
ATOM   152 N  NZ  . LYS A 1 19  ? -0.626  -13.887 -4.279  1.00 74.22  ? 26  LYS A NZ  1 
ATOM   153 N  N   . GLN A 1 20  ? 7.236   -12.829 -3.691  1.00 46.94  ? 27  GLN A N   1 
ATOM   154 C  CA  . GLN A 1 20  ? 8.589   -13.396 -3.627  1.00 49.03  ? 27  GLN A CA  1 
ATOM   155 C  C   . GLN A 1 20  ? 9.527   -12.505 -2.834  1.00 54.10  ? 27  GLN A C   1 
ATOM   156 O  O   . GLN A 1 20  ? 10.225  -12.969 -1.925  1.00 53.53  ? 27  GLN A O   1 
ATOM   157 C  CB  . GLN A 1 20  ? 9.187   -13.627 -5.024  1.00 42.11  ? 27  GLN A CB  1 
ATOM   158 C  CG  . GLN A 1 20  ? 8.531   -14.745 -5.833  1.00 41.01  ? 27  GLN A CG  1 
ATOM   159 C  CD  . GLN A 1 20  ? 8.603   -16.102 -5.149  1.00 62.84  ? 27  GLN A CD  1 
ATOM   160 O  OE1 . GLN A 1 20  ? 9.676   -16.550 -4.732  1.00 60.13  ? 27  GLN A OE1 1 
ATOM   161 N  NE2 . GLN A 1 20  ? 7.459   -16.768 -5.039  1.00 42.47  ? 27  GLN A NE2 1 
ATOM   162 N  N   . GLU A 1 21  ? 9.545   -11.221 -3.176  1.00 40.73  ? 28  GLU A N   1 
ATOM   163 C  CA  . GLU A 1 21  ? 10.500  -10.305 -2.561  1.00 42.21  ? 28  GLU A CA  1 
ATOM   164 C  C   . GLU A 1 21  ? 10.164  -10.008 -1.102  1.00 48.78  ? 28  GLU A C   1 
ATOM   165 O  O   . GLU A 1 21  ? 11.053  -9.956  -0.254  1.00 51.40  ? 28  GLU A O   1 
ATOM   166 C  CB  . GLU A 1 21  ? 10.609  -9.015  -3.375  1.00 49.49  ? 28  GLU A CB  1 
ATOM   167 C  CG  . GLU A 1 21  ? 10.998  -9.235  -4.837  1.00 53.02  ? 28  GLU A CG  1 
ATOM   168 C  CD  . GLU A 1 21  ? 12.386  -9.838  -5.003  1.00 75.71  ? 28  GLU A CD  1 
ATOM   169 O  OE1 . GLU A 1 21  ? 13.378  -9.081  -4.926  1.00 85.55  ? 28  GLU A OE1 1 
ATOM   170 O  OE2 . GLU A 1 21  ? 12.487  -11.067 -5.219  1.00 65.12  ? 28  GLU A OE2 1 
ATOM   171 N  N   . LEU A 1 22  ? 8.882   -9.821  -0.805  1.00 45.72  ? 29  LEU A N   1 
ATOM   172 C  CA  . LEU A 1 22  ? 8.480   -9.551  0.568   1.00 49.25  ? 29  LEU A CA  1 
ATOM   173 C  C   . LEU A 1 22  ? 8.728   -10.785 1.416   1.00 39.90  ? 29  LEU A C   1 
ATOM   174 O  O   . LEU A 1 22  ? 9.225   -10.691 2.542   1.00 43.96  ? 29  LEU A O   1 
ATOM   175 C  CB  . LEU A 1 22  ? 7.007   -9.132  0.645   1.00 55.93  ? 29  LEU A CB  1 
ATOM   176 C  CG  . LEU A 1 22  ? 6.689   -7.771  0.030   1.00 39.16  ? 29  LEU A CG  1 
ATOM   177 C  CD1 . LEU A 1 22  ? 5.194   -7.536  0.029   1.00 42.94  ? 29  LEU A CD1 1 
ATOM   178 C  CD2 . LEU A 1 22  ? 7.424   -6.666  0.775   1.00 36.87  ? 29  LEU A CD2 1 
ATOM   179 N  N   . GLY A 1 23  ? 8.378   -11.942 0.867   1.00 38.69  ? 30  GLY A N   1 
ATOM   180 C  CA  . GLY A 1 23  ? 8.674   -13.211 1.514   1.00 50.24  ? 30  GLY A CA  1 
ATOM   181 C  C   . GLY A 1 23  ? 10.140  -13.345 1.919   1.00 53.67  ? 30  GLY A C   1 
ATOM   182 O  O   . GLY A 1 23  ? 10.444  -13.791 3.026   1.00 51.83  ? 30  GLY A O   1 
ATOM   183 N  N   . LYS A 1 24  ? 11.052  -12.934 1.039   1.00 44.64  ? 31  LYS A N   1 
ATOM   184 C  CA  . LYS A 1 24  ? 12.477  -13.155 1.286   1.00 44.43  ? 31  LYS A CA  1 
ATOM   185 C  C   . LYS A 1 24  ? 13.037  -12.305 2.402   1.00 44.54  ? 31  LYS A C   1 
ATOM   186 O  O   . LYS A 1 24  ? 13.976  -12.723 3.076   1.00 51.86  ? 31  LYS A O   1 
ATOM   187 C  CB  . LYS A 1 24  ? 13.297  -12.988 0.005   1.00 50.31  ? 31  LYS A CB  1 
ATOM   188 C  CG  . LYS A 1 24  ? 13.169  -14.190 -0.915  1.00 56.98  ? 31  LYS A CG  1 
ATOM   189 C  CD  . LYS A 1 24  ? 13.568  -13.881 -2.352  1.00 48.83  ? 31  LYS A CD  1 
ATOM   190 C  CE  . LYS A 1 24  ? 13.174  -15.059 -3.250  1.00 60.26  ? 31  LYS A CE  1 
ATOM   191 N  NZ  . LYS A 1 24  ? 13.365  -14.816 -4.706  1.00 60.89  ? 31  LYS A NZ  1 
ATOM   192 N  N   . ILE A 1 25  ? 12.461  -11.125 2.611   1.00 46.19  ? 32  ILE A N   1 
ATOM   193 C  CA  . ILE A 1 25  ? 12.963  -10.220 3.647   1.00 48.84  ? 32  ILE A CA  1 
ATOM   194 C  C   . ILE A 1 25  ? 12.309  -10.461 5.013   1.00 45.88  ? 32  ILE A C   1 
ATOM   195 O  O   . ILE A 1 25  ? 12.636  -9.789  5.990   1.00 52.18  ? 32  ILE A O   1 
ATOM   196 C  CB  . ILE A 1 25  ? 12.797  -8.743  3.248   1.00 59.81  ? 32  ILE A CB  1 
ATOM   197 C  CG1 . ILE A 1 25  ? 11.386  -8.240  3.586   1.00 59.43  ? 32  ILE A CG1 1 
ATOM   198 C  CG2 . ILE A 1 25  ? 13.087  -8.572  1.768   1.00 50.15  ? 32  ILE A CG2 1 
ATOM   199 C  CD1 . ILE A 1 25  ? 11.069  -6.861  3.053   1.00 44.37  ? 32  ILE A CD1 1 
ATOM   200 N  N   . GLY A 1 26  ? 11.387  -11.415 5.086   1.00 44.36  ? 33  GLY A N   1 
ATOM   201 C  CA  . GLY A 1 26  ? 10.814  -11.788 6.368   1.00 47.24  ? 33  GLY A CA  1 
ATOM   202 C  C   . GLY A 1 26  ? 9.301   -11.745 6.534   1.00 64.44  ? 33  GLY A C   1 
ATOM   203 O  O   . GLY A 1 26  ? 8.790   -12.259 7.527   1.00 50.66  ? 33  GLY A O   1 
ATOM   204 N  N   . VAL A 1 27  ? 8.579   -11.144 5.589   1.00 43.93  ? 34  VAL A N   1 
ATOM   205 C  CA  . VAL A 1 27  ? 7.123   -11.079 5.701   1.00 32.21  ? 34  VAL A CA  1 
ATOM   206 C  C   . VAL A 1 27  ? 6.485   -12.454 5.536   1.00 51.30  ? 34  VAL A C   1 
ATOM   207 O  O   . VAL A 1 27  ? 6.749   -13.153 4.555   1.00 49.82  ? 34  VAL A O   1 
ATOM   208 C  CB  . VAL A 1 27  ? 6.494   -10.130 4.676   1.00 45.23  ? 34  VAL A CB  1 
ATOM   209 C  CG1 . VAL A 1 27  ? 4.988   -10.112 4.856   1.00 44.20  ? 34  VAL A CG1 1 
ATOM   210 C  CG2 . VAL A 1 27  ? 7.078   -8.731  4.812   1.00 37.17  ? 34  VAL A CG2 1 
ATOM   211 N  N   . THR A 1 28  ? 5.638   -12.834 6.492   1.00 38.36  ? 35  THR A N   1 
ATOM   212 C  CA  . THR A 1 28  ? 4.986   -14.144 6.457   1.00 41.08  ? 35  THR A CA  1 
ATOM   213 C  C   . THR A 1 28  ? 3.475   -14.088 6.204   1.00 38.84  ? 35  THR A C   1 
ATOM   214 O  O   . THR A 1 28  ? 2.842   -15.118 5.995   1.00 45.24  ? 35  THR A O   1 
ATOM   215 C  CB  . THR A 1 28  ? 5.257   -14.942 7.741   1.00 43.01  ? 35  THR A CB  1 
ATOM   216 O  OG1 . THR A 1 28  ? 4.567   -14.337 8.839   1.00 50.49  ? 35  THR A OG1 1 
ATOM   217 C  CG2 . THR A 1 28  ? 6.746   -14.967 8.044   1.00 47.09  ? 35  THR A CG2 1 
ATOM   218 N  N   . SER A 1 29  ? 2.895   -12.892 6.226   1.00 40.16  ? 36  SER A N   1 
ATOM   219 C  CA  . SER A 1 29  ? 1.495   -12.728 5.825   1.00 43.80  ? 36  SER A CA  1 
ATOM   220 C  C   . SER A 1 29  ? 1.130   -11.284 5.448   1.00 43.56  ? 36  SER A C   1 
ATOM   221 O  O   . SER A 1 29  ? 1.772   -10.322 5.873   1.00 36.62  ? 36  SER A O   1 
ATOM   222 C  CB  . SER A 1 29  ? 0.532   -13.268 6.894   1.00 53.22  ? 36  SER A CB  1 
ATOM   223 O  OG  . SER A 1 29  ? 0.469   -12.425 8.031   1.00 44.72  ? 36  SER A OG  1 
ATOM   224 N  N   . LEU A 1 30  ? 0.089   -11.151 4.640   1.00 35.18  ? 37  LEU A N   1 
ATOM   225 C  CA  . LEU A 1 30  ? -0.400  -9.845  4.242   1.00 38.44  ? 37  LEU A CA  1 
ATOM   226 C  C   . LEU A 1 30  ? -1.850  -9.964  3.774   1.00 43.05  ? 37  LEU A C   1 
ATOM   227 O  O   . LEU A 1 30  ? -2.330  -11.062 3.500   1.00 41.19  ? 37  LEU A O   1 
ATOM   228 C  CB  . LEU A 1 30  ? 0.494   -9.268  3.142   1.00 33.01  ? 37  LEU A CB  1 
ATOM   229 C  CG  . LEU A 1 30  ? 0.620   -10.102 1.869   1.00 41.02  ? 37  LEU A CG  1 
ATOM   230 C  CD1 . LEU A 1 30  ? -0.586  -9.897  0.975   1.00 33.88  ? 37  LEU A CD1 1 
ATOM   231 C  CD2 . LEU A 1 30  ? 1.907   -9.789  1.114   1.00 36.77  ? 37  LEU A CD2 1 
ATOM   232 N  N   . THR A 1 31  ? -2.551  -8.839  3.695   1.00 40.34  ? 38  THR A N   1 
ATOM   233 C  CA  . THR A 1 31  ? -3.914  -8.844  3.169   1.00 30.73  ? 38  THR A CA  1 
ATOM   234 C  C   . THR A 1 31  ? -4.003  -7.987  1.915   1.00 35.81  ? 38  THR A C   1 
ATOM   235 O  O   . THR A 1 31  ? -3.219  -7.063  1.723   1.00 39.39  ? 38  THR A O   1 
ATOM   236 C  CB  . THR A 1 31  ? -4.923  -8.328  4.201   1.00 35.15  ? 38  THR A CB  1 
ATOM   237 O  OG1 . THR A 1 31  ? -4.487  -7.057  4.691   1.00 57.67  ? 38  THR A OG1 1 
ATOM   238 C  CG2 . THR A 1 31  ? -5.041  -9.303  5.372   1.00 43.03  ? 38  THR A CG2 1 
ATOM   239 N  N   . PHE A 1 32  ? -4.951  -8.298  1.049   1.00 29.94  ? 39  PHE A N   1 
ATOM   240 C  CA  . PHE A 1 32  ? -5.128  -7.489  -0.136  1.00 28.74  ? 39  PHE A CA  1 
ATOM   241 C  C   . PHE A 1 32  ? -6.580  -7.467  -0.585  1.00 32.28  ? 39  PHE A C   1 
ATOM   242 O  O   . PHE A 1 32  ? -7.390  -8.290  -0.163  1.00 34.26  ? 39  PHE A O   1 
ATOM   243 C  CB  . PHE A 1 32  ? -4.183  -7.932  -1.267  1.00 27.43  ? 39  PHE A CB  1 
ATOM   244 C  CG  . PHE A 1 32  ? -4.428  -9.321  -1.761  1.00 33.28  ? 39  PHE A CG  1 
ATOM   245 C  CD1 . PHE A 1 32  ? -5.206  -9.544  -2.885  1.00 44.91  ? 39  PHE A CD1 1 
ATOM   246 C  CD2 . PHE A 1 32  ? -3.864  -10.415 -1.112  1.00 38.85  ? 39  PHE A CD2 1 
ATOM   247 C  CE1 . PHE A 1 32  ? -5.430  -10.836 -3.349  1.00 53.91  ? 39  PHE A CE1 1 
ATOM   248 C  CE2 . PHE A 1 32  ? -4.087  -11.705 -1.566  1.00 41.44  ? 39  PHE A CE2 1 
ATOM   249 C  CZ  . PHE A 1 32  ? -4.868  -11.917 -2.687  1.00 45.33  ? 39  PHE A CZ  1 
ATOM   250 N  N   . SER A 1 33  ? -6.906  -6.495  -1.425  1.00 31.98  ? 40  SER A N   1 
ATOM   251 C  CA  . SER A 1 33  ? -8.250  -6.382  -1.962  1.00 40.49  ? 40  SER A CA  1 
ATOM   252 C  C   . SER A 1 33  ? -8.254  -5.429  -3.139  1.00 42.83  ? 40  SER A C   1 
ATOM   253 O  O   . SER A 1 33  ? -7.341  -4.623  -3.302  1.00 45.01  ? 40  SER A O   1 
ATOM   254 C  CB  . SER A 1 33  ? -9.223  -5.889  -0.892  1.00 33.42  ? 40  SER A CB  1 
ATOM   255 O  OG  . SER A 1 33  ? -8.853  -4.608  -0.423  1.00 49.03  ? 40  SER A OG  1 
ATOM   256 N  N   . ASN A 1 34  ? -9.282  -5.535  -3.966  1.00 50.17  ? 41  ASN A N   1 
ATOM   257 C  CA  . ASN A 1 34  ? -9.437  -4.631  -5.083  1.00 40.88  ? 41  ASN A CA  1 
ATOM   258 C  C   . ASN A 1 34  ? -10.302 -3.450  -4.676  1.00 58.19  ? 41  ASN A C   1 
ATOM   259 O  O   . ASN A 1 34  ? -11.384 -3.625  -4.118  1.00 41.88  ? 41  ASN A O   1 
ATOM   260 C  CB  . ASN A 1 34  ? -10.074 -5.345  -6.269  1.00 56.34  ? 41  ASN A CB  1 
ATOM   261 C  CG  . ASN A 1 34  ? -9.181  -6.416  -6.851  1.00 53.26  ? 41  ASN A CG  1 
ATOM   262 O  OD1 . ASN A 1 34  ? -8.173  -6.122  -7.501  1.00 54.97  ? 41  ASN A OD1 1 
ATOM   263 N  ND2 . ASN A 1 34  ? -9.556  -7.668  -6.638  1.00 52.89  ? 41  ASN A ND2 1 
ATOM   264 N  N   . VAL A 1 35  ? -9.805  -2.252  -4.945  1.00 37.05  ? 42  VAL A N   1 
ATOM   265 C  CA  . VAL A 1 35  ? -10.569 -1.040  -4.739  1.00 38.67  ? 42  VAL A CA  1 
ATOM   266 C  C   . VAL A 1 35  ? -10.454 -0.195  -5.995  1.00 42.13  ? 42  VAL A C   1 
ATOM   267 O  O   . VAL A 1 35  ? -9.855  -0.609  -6.983  1.00 50.07  ? 42  VAL A O   1 
ATOM   268 C  CB  . VAL A 1 35  ? -10.046 -0.243  -3.534  1.00 41.91  ? 42  VAL A CB  1 
ATOM   269 C  CG1 . VAL A 1 35  ? -10.207 -1.048  -2.265  1.00 33.69  ? 42  VAL A CG1 1 
ATOM   270 C  CG2 . VAL A 1 35  ? -8.583  0.132   -3.741  1.00 36.30  ? 42  VAL A CG2 1 
ATOM   271 N  N   . HIS A 1 36  ? -11.025 0.997   -5.955  1.00 49.81  ? 43  HIS A N   1 
ATOM   272 C  CA  . HIS A 1 36  ? -10.958 1.892   -7.093  1.00 37.27  ? 43  HIS A CA  1 
ATOM   273 C  C   . HIS A 1 36  ? -10.170 3.139   -6.782  1.00 39.44  ? 43  HIS A C   1 
ATOM   274 O  O   . HIS A 1 36  ? -10.192 3.644   -5.662  1.00 40.96  ? 43  HIS A O   1 
ATOM   275 C  CB  . HIS A 1 36  ? -12.353 2.279   -7.558  1.00 49.92  ? 43  HIS A CB  1 
ATOM   276 C  CG  . HIS A 1 36  ? -13.081 1.171   -8.238  1.00 47.66  ? 43  HIS A CG  1 
ATOM   277 N  ND1 . HIS A 1 36  ? -14.229 0.610   -7.724  1.00 57.10  ? 43  HIS A ND1 1 
ATOM   278 C  CD2 . HIS A 1 36  ? -12.817 0.506   -9.386  1.00 48.00  ? 43  HIS A CD2 1 
ATOM   279 C  CE1 . HIS A 1 36  ? -14.648 -0.347  -8.530  1.00 53.85  ? 43  HIS A CE1 1 
ATOM   280 N  NE2 . HIS A 1 36  ? -13.805 -0.431  -9.546  1.00 62.72  ? 43  HIS A NE2 1 
ATOM   281 N  N   . GLY A 1 37  ? -9.462  3.619   -7.794  1.00 38.77  ? 44  GLY A N   1 
ATOM   282 C  CA  . GLY A 1 37  ? -8.768  4.881   -7.716  1.00 38.15  ? 44  GLY A CA  1 
ATOM   283 C  C   . GLY A 1 37  ? -9.507  5.894   -8.566  1.00 44.99  ? 44  GLY A C   1 
ATOM   284 O  O   . GLY A 1 37  ? -10.134 5.562   -9.571  1.00 41.57  ? 44  GLY A O   1 
ATOM   285 N  N   . CYS A 1 38  ? -9.439  7.144   -8.152  1.00 41.80  ? 45  CYS A N   1 
ATOM   286 C  CA  . CYS A 1 38  ? -10.090 8.209   -8.881  1.00 47.76  ? 45  CYS A CA  1 
ATOM   287 C  C   . CYS A 1 38  ? -9.121  9.362   -8.964  1.00 45.26  ? 45  CYS A C   1 
ATOM   288 O  O   . CYS A 1 38  ? -8.671  9.868   -7.937  1.00 48.38  ? 45  CYS A O   1 
ATOM   289 C  CB  . CYS A 1 38  ? -11.368 8.643   -8.161  1.00 44.81  ? 45  CYS A CB  1 
ATOM   290 S  SG  . CYS A 1 38  ? -12.325 9.869   -9.045  1.00 56.42  ? 45  CYS A SG  1 
ATOM   291 N  N   . GLY A 1 39  ? -8.780  9.757   -10.188 1.00 50.11  ? 46  GLY A N   1 
ATOM   292 C  CA  . GLY A 1 39  ? -7.989  10.952  -10.409 1.00 29.18  ? 46  GLY A CA  1 
ATOM   293 C  C   . GLY A 1 39  ? -8.896  12.158  -10.567 1.00 40.67  ? 46  GLY A C   1 
ATOM   294 O  O   . GLY A 1 39  ? -9.972  12.061  -11.144 1.00 36.24  ? 46  GLY A O   1 
ATOM   295 N  N   . LEU A 1 40  ? -8.469  13.295  -10.035 1.00 42.58  ? 47  LEU A N   1 
ATOM   296 C  CA  . LEU A 1 40  ? -9.235  14.525  -10.140 1.00 45.18  ? 47  LEU A CA  1 
ATOM   297 C  C   . LEU A 1 40  ? -8.353  15.646  -10.701 1.00 52.07  ? 47  LEU A C   1 
ATOM   298 O  O   . LEU A 1 40  ? -7.241  15.876  -10.226 1.00 46.84  ? 47  LEU A O   1 
ATOM   299 C  CB  . LEU A 1 40  ? -9.804  14.927  -8.773  1.00 37.71  ? 47  LEU A CB  1 
ATOM   300 C  CG  . LEU A 1 40  ? -10.700 13.945  -8.009  1.00 43.26  ? 47  LEU A CG  1 
ATOM   301 C  CD1 . LEU A 1 40  ? -11.235 14.593  -6.754  1.00 29.73  ? 47  LEU A CD1 1 
ATOM   302 C  CD2 . LEU A 1 40  ? -11.850 13.450  -8.852  1.00 42.07  ? 47  LEU A CD2 1 
ATOM   303 N  N   . GLN A 1 41  ? -8.846  16.335  -11.724 1.00 48.91  ? 48  GLN A N   1 
ATOM   304 C  CA  . GLN A 1 41  ? -8.110  17.472  -12.268 1.00 60.98  ? 48  GLN A CA  1 
ATOM   305 C  C   . GLN A 1 41  ? -9.001  18.656  -12.636 1.00 49.50  ? 48  GLN A C   1 
ATOM   306 O  O   . GLN A 1 41  ? -10.089 18.490  -13.195 1.00 45.12  ? 48  GLN A O   1 
ATOM   307 C  CB  . GLN A 1 41  ? -7.234  17.050  -13.447 1.00 44.98  ? 48  GLN A CB  1 
ATOM   308 C  CG  . GLN A 1 41  ? -7.786  15.892  -14.241 1.00 67.35  ? 48  GLN A CG  1 
ATOM   309 C  CD  . GLN A 1 41  ? -6.846  15.441  -15.342 1.00 87.36  ? 48  GLN A CD  1 
ATOM   310 O  OE1 . GLN A 1 41  ? -5.633  15.672  -15.276 1.00 78.57  ? 48  GLN A OE1 1 
ATOM   311 N  NE2 . GLN A 1 41  ? -7.402  14.798  -16.369 1.00 72.02  ? 48  GLN A NE2 1 
ATOM   312 N  N   . LYS A 1 42  ? -8.522  19.844  -12.274 1.00 40.73  ? 49  LYS A N   1 
ATOM   313 C  CA  . LYS A 1 42  ? -9.170  21.107  -12.592 1.00 44.80  ? 49  LYS A CA  1 
ATOM   314 C  C   . LYS A 1 42  ? -9.165  21.347  -14.086 1.00 41.65  ? 49  LYS A C   1 
ATOM   315 O  O   . LYS A 1 42  ? -8.114  21.347  -14.726 1.00 49.94  ? 49  LYS A O   1 
ATOM   316 C  CB  . LYS A 1 42  ? -8.455  22.261  -11.893 1.00 40.22  ? 49  LYS A CB  1 
ATOM   317 C  CG  . LYS A 1 42  ? -8.648  22.284  -10.392 1.00 50.10  ? 49  LYS A CG  1 
ATOM   318 C  CD  . LYS A 1 42  ? -7.738  23.308  -9.741  1.00 55.81  ? 49  LYS A CD  1 
ATOM   319 C  CE  . LYS A 1 42  ? -7.988  23.398  -8.241  1.00 59.69  ? 49  LYS A CE  1 
ATOM   320 N  NZ  . LYS A 1 42  ? -6.949  24.220  -7.554  1.00 59.78  ? 49  LYS A NZ  1 
ATOM   321 N  N   . ALA A 1 43  ? -10.354 21.535  -14.634 1.00 28.81  ? 50  ALA A N   1 
ATOM   322 C  CA  . ALA A 1 43  ? -10.524 21.830  -16.044 1.00 40.33  ? 50  ALA A CA  1 
ATOM   323 C  C   . ALA A 1 43  ? -11.137 23.219  -16.216 1.00 43.17  ? 50  ALA A C   1 
ATOM   324 O  O   . ALA A 1 43  ? -11.771 23.750  -15.300 1.00 44.71  ? 50  ALA A O   1 
ATOM   325 C  CB  . ALA A 1 43  ? -11.391 20.776  -16.692 1.00 33.36  ? 50  ALA A CB  1 
ATOM   326 N  N   . HIS A 1 44  ? -10.937 23.820  -17.382 1.00 52.90  ? 51  HIS A N   1 
ATOM   327 C  CA  . HIS A 1 44  ? -11.570 25.103  -17.665 1.00 46.45  ? 51  HIS A CA  1 
ATOM   328 C  C   . HIS A 1 44  ? -13.042 24.935  -17.979 1.00 42.95  ? 51  HIS A C   1 
ATOM   329 O  O   . HIS A 1 44  ? -13.448 23.977  -18.636 1.00 49.25  ? 51  HIS A O   1 
ATOM   330 C  CB  . HIS A 1 44  ? -10.892 25.815  -18.834 1.00 43.42  ? 51  HIS A CB  1 
ATOM   331 C  CG  . HIS A 1 44  ? -9.621  26.501  -18.458 1.00 58.03  ? 51  HIS A CG  1 
ATOM   332 N  ND1 . HIS A 1 44  ? -9.590  27.614  -17.649 1.00 59.03  ? 51  HIS A ND1 1 
ATOM   333 C  CD2 . HIS A 1 44  ? -8.334  26.225  -18.768 1.00 41.42  ? 51  HIS A CD2 1 
ATOM   334 C  CE1 . HIS A 1 44  ? -8.338  28.001  -17.477 1.00 46.79  ? 51  HIS A CE1 1 
ATOM   335 N  NE2 . HIS A 1 44  ? -7.557  27.171  -18.147 1.00 70.17  ? 51  HIS A NE2 1 
ATOM   336 N  N   . THR A 1 45  ? -13.846 25.869  -17.489 1.00 49.04  ? 52  THR A N   1 
ATOM   337 C  CA  . THR A 1 45  ? -15.164 26.070  -18.062 1.00 50.27  ? 52  THR A CA  1 
ATOM   338 C  C   . THR A 1 45  ? -15.040 27.204  -19.074 1.00 54.20  ? 52  THR A C   1 
ATOM   339 O  O   . THR A 1 45  ? -13.958 27.766  -19.288 1.00 51.25  ? 52  THR A O   1 
ATOM   340 C  CB  . THR A 1 45  ? -16.239 26.394  -16.998 1.00 68.16  ? 52  THR A CB  1 
ATOM   341 O  OG1 . THR A 1 45  ? -15.924 27.629  -16.344 1.00 65.62  ? 52  THR A OG1 1 
ATOM   342 C  CG2 . THR A 1 45  ? -16.325 25.280  -15.956 1.00 53.07  ? 52  THR A CG2 1 
ATOM   343 N  N   . GLU A 1 46  ? -16.146 27.541  -19.708 1.00 66.90  ? 53  GLU A N   1 
ATOM   344 C  CA  . GLU A 1 46  ? -16.133 28.582  -20.718 1.00 51.36  ? 53  GLU A CA  1 
ATOM   345 C  C   . GLU A 1 46  ? -15.959 29.966  -20.102 1.00 55.06  ? 53  GLU A C   1 
ATOM   346 O  O   . GLU A 1 46  ? -15.386 30.864  -20.718 1.00 59.70  ? 53  GLU A O   1 
ATOM   347 C  CB  . GLU A 1 46  ? -17.429 28.524  -21.504 1.00 50.39  ? 53  GLU A CB  1 
ATOM   348 C  CG  . GLU A 1 46  ? -17.421 29.347  -22.741 1.00 68.30  ? 53  GLU A CG  1 
ATOM   349 C  CD  . GLU A 1 46  ? -18.712 29.204  -23.466 1.00 55.51  ? 53  GLU A CD  1 
ATOM   350 O  OE1 . GLU A 1 46  ? -19.675 28.746  -22.821 1.00 70.14  ? 53  GLU A OE1 1 
ATOM   351 O  OE2 . GLU A 1 46  ? -18.765 29.534  -24.667 1.00 73.76  ? 53  GLU A OE2 1 
ATOM   352 N  N   . LEU A 1 47  ? -16.455 30.137  -18.883 1.00 47.09  ? 54  LEU A N   1 
ATOM   353 C  CA  . LEU A 1 47  ? -16.373 31.427  -18.210 1.00 57.06  ? 54  LEU A CA  1 
ATOM   354 C  C   . LEU A 1 47  ? -15.068 31.582  -17.442 1.00 47.02  ? 54  LEU A C   1 
ATOM   355 O  O   . LEU A 1 47  ? -14.496 30.604  -16.974 1.00 56.25  ? 54  LEU A O   1 
ATOM   356 C  CB  . LEU A 1 47  ? -17.579 31.614  -17.286 1.00 48.79  ? 54  LEU A CB  1 
ATOM   357 C  CG  . LEU A 1 47  ? -18.905 31.367  -18.005 1.00 58.96  ? 54  LEU A CG  1 
ATOM   358 C  CD1 . LEU A 1 47  ? -20.059 31.372  -17.027 1.00 71.27  ? 54  LEU A CD1 1 
ATOM   359 C  CD2 . LEU A 1 47  ? -19.127 32.391  -19.118 1.00 59.97  ? 54  LEU A CD2 1 
ATOM   360 N  N   . TYR A 1 48  ? -14.604 32.820  -17.322 1.00 48.22  ? 55  TYR A N   1 
ATOM   361 C  CA  . TYR A 1 48  ? -13.350 33.114  -16.641 1.00 55.39  ? 55  TYR A CA  1 
ATOM   362 C  C   . TYR A 1 48  ? -13.305 32.669  -15.179 1.00 66.86  ? 55  TYR A C   1 
ATOM   363 O  O   . TYR A 1 48  ? -12.236 32.347  -14.663 1.00 90.37  ? 55  TYR A O   1 
ATOM   364 C  CB  . TYR A 1 48  ? -13.013 34.604  -16.757 1.00 53.31  ? 55  TYR A CB  1 
ATOM   365 C  CG  . TYR A 1 48  ? -11.860 34.875  -17.687 1.00 68.33  ? 55  TYR A CG  1 
ATOM   366 C  CD1 . TYR A 1 48  ? -10.573 35.012  -17.203 1.00 62.72  ? 55  TYR A CD1 1 
ATOM   367 C  CD2 . TYR A 1 48  ? -12.058 34.971  -19.051 1.00 78.45  ? 55  TYR A CD2 1 
ATOM   368 C  CE1 . TYR A 1 48  ? -9.513  35.251  -18.058 1.00 75.87  ? 55  TYR A CE1 1 
ATOM   369 C  CE2 . TYR A 1 48  ? -11.015 35.208  -19.906 1.00 89.43  ? 55  TYR A CE2 1 
ATOM   370 C  CZ  . TYR A 1 48  ? -9.746  35.349  -19.412 1.00 84.03  ? 55  TYR A CZ  1 
ATOM   371 O  OH  . TYR A 1 48  ? -8.729  35.588  -20.306 1.00 74.73  ? 55  TYR A OH  1 
ATOM   372 N  N   . ARG A 1 49  ? -14.452 32.645  -14.511 1.00 74.85  ? 56  ARG A N   1 
ATOM   373 C  CA  . ARG A 1 49  ? -14.494 32.221  -13.110 1.00 99.20  ? 56  ARG A CA  1 
ATOM   374 C  C   . ARG A 1 49  ? -14.472 30.699  -12.923 1.00 94.04  ? 56  ARG A C   1 
ATOM   375 O  O   . ARG A 1 49  ? -13.995 30.181  -11.910 1.00 80.13  ? 56  ARG A O   1 
ATOM   376 C  CB  . ARG A 1 49  ? -15.755 32.783  -12.452 1.00 88.79  ? 56  ARG A CB  1 
ATOM   377 C  CG  . ARG A 1 49  ? -17.020 32.623  -13.293 1.00 83.75  ? 56  ARG A CG  1 
ATOM   378 C  CD  . ARG A 1 49  ? -17.808 31.368  -12.931 1.00 80.91  ? 56  ARG A CD  1 
ATOM   379 N  NE  . ARG A 1 49  ? -17.653 30.302  -13.918 1.00 95.45  ? 56  ARG A NE  1 
ATOM   380 C  CZ  . ARG A 1 49  ? -18.632 29.486  -14.301 1.00 109.36 ? 56  ARG A CZ  1 
ATOM   381 N  NH1 . ARG A 1 49  ? -19.847 29.621  -13.787 1.00 107.21 ? 56  ARG A NH1 1 
ATOM   382 N  NH2 . ARG A 1 49  ? -18.398 28.538  -15.205 1.00 77.81  ? 56  ARG A NH2 1 
ATOM   383 N  N   . GLY A 1 50  ? -14.989 29.993  -13.918 1.00 84.26  ? 57  GLY A N   1 
ATOM   384 C  CA  . GLY A 1 50  ? -15.411 28.623  -13.741 1.00 69.82  ? 57  GLY A CA  1 
ATOM   385 C  C   . GLY A 1 50  ? -14.357 27.552  -13.667 1.00 79.54  ? 57  GLY A C   1 
ATOM   386 O  O   . GLY A 1 50  ? -13.521 27.403  -14.560 1.00 79.33  ? 57  GLY A O   1 
ATOM   387 N  N   . VAL A 1 51  ? -14.409 26.795  -12.579 1.00 80.24  ? 58  VAL A N   1 
ATOM   388 C  CA  . VAL A 1 51  ? -13.696 25.535  -12.517 1.00 61.63  ? 58  VAL A CA  1 
ATOM   389 C  C   . VAL A 1 51  ? -14.697 24.396  -12.674 1.00 62.72  ? 58  VAL A C   1 
ATOM   390 O  O   . VAL A 1 51  ? -15.863 24.499  -12.288 1.00 49.90  ? 58  VAL A O   1 
ATOM   391 C  CB  . VAL A 1 51  ? -12.860 25.380  -11.238 1.00 78.08  ? 58  VAL A CB  1 
ATOM   392 C  CG1 . VAL A 1 51  ? -12.143 24.045  -11.243 1.00 64.07  ? 58  VAL A CG1 1 
ATOM   393 C  CG2 . VAL A 1 51  ? -11.836 26.506  -11.142 1.00 72.10  ? 58  VAL A CG2 1 
ATOM   394 N  N   . LYS A 1 52  ? -14.216 23.313  -13.263 1.00 51.56  ? 59  LYS A N   1 
ATOM   395 C  CA  . LYS A 1 52  ? -15.002 22.114  -13.485 1.00 41.71  ? 59  LYS A CA  1 
ATOM   396 C  C   . LYS A 1 52  ? -14.014 20.983  -13.254 1.00 67.58  ? 59  LYS A C   1 
ATOM   397 O  O   . LYS A 1 52  ? -12.833 21.130  -13.590 1.00 45.46  ? 59  LYS A O   1 
ATOM   398 C  CB  . LYS A 1 52  ? -15.504 22.110  -14.927 1.00 53.93  ? 59  LYS A CB  1 
ATOM   399 C  CG  . LYS A 1 52  ? -15.774 20.744  -15.519 1.00 72.93  ? 59  LYS A CG  1 
ATOM   400 C  CD  . LYS A 1 52  ? -14.961 20.496  -16.806 1.00 74.64  ? 59  LYS A CD  1 
ATOM   401 C  CE  . LYS A 1 52  ? -15.476 21.265  -18.027 1.00 56.90  ? 59  LYS A CE  1 
ATOM   402 N  NZ  . LYS A 1 52  ? -15.265 20.541  -19.325 1.00 82.37  ? 59  LYS A NZ  1 
ATOM   403 N  N   . ILE A 1 53  ? -14.451 19.883  -12.646 1.00 46.72  ? 60  ILE A N   1 
ATOM   404 C  CA  . ILE A 1 53  ? -13.514 18.808  -12.318 1.00 48.88  ? 60  ILE A CA  1 
ATOM   405 C  C   . ILE A 1 53  ? -13.719 17.601  -13.216 1.00 46.84  ? 60  ILE A C   1 
ATOM   406 O  O   . ILE A 1 53  ? -14.836 17.139  -13.410 1.00 43.84  ? 60  ILE A O   1 
ATOM   407 C  CB  . ILE A 1 53  ? -13.630 18.377  -10.848 1.00 44.59  ? 60  ILE A CB  1 
ATOM   408 C  CG1 . ILE A 1 53  ? -13.406 19.574  -9.919  1.00 43.20  ? 60  ILE A CG1 1 
ATOM   409 C  CG2 . ILE A 1 53  ? -12.647 17.256  -10.527 1.00 45.88  ? 60  ILE A CG2 1 
ATOM   410 C  CD1 . ILE A 1 53  ? -12.024 20.158  -9.985  1.00 43.74  ? 60  ILE A CD1 1 
ATOM   411 N  N   . GLU A 1 54  ? -12.627 17.090  -13.764 1.00 46.83  ? 61  GLU A N   1 
ATOM   412 C  CA  . GLU A 1 54  ? -12.689 15.902  -14.591 1.00 44.48  ? 61  GLU A CA  1 
ATOM   413 C  C   . GLU A 1 54  ? -12.038 14.760  -13.824 1.00 53.29  ? 61  GLU A C   1 
ATOM   414 O  O   . GLU A 1 54  ? -11.048 14.957  -13.114 1.00 58.17  ? 61  GLU A O   1 
ATOM   415 C  CB  . GLU A 1 54  ? -11.972 16.155  -15.908 1.00 52.25  ? 61  GLU A CB  1 
ATOM   416 C  CG  . GLU A 1 54  ? -12.146 15.079  -16.947 1.00 73.22  ? 61  GLU A CG  1 
ATOM   417 C  CD  . GLU A 1 54  ? -11.498 15.478  -18.252 1.00 96.38  ? 61  GLU A CD  1 
ATOM   418 O  OE1 . GLU A 1 54  ? -11.461 14.648  -19.189 1.00 83.44  ? 61  GLU A OE1 1 
ATOM   419 O  OE2 . GLU A 1 54  ? -11.021 16.632  -18.332 1.00 68.24  ? 61  GLU A OE2 1 
ATOM   420 N  N   . SER A 1 55  ? -12.597 13.567  -13.957 1.00 50.89  ? 62  SER A N   1 
ATOM   421 C  CA  . SER A 1 55  ? -12.160 12.448  -13.145 1.00 54.82  ? 62  SER A CA  1 
ATOM   422 C  C   . SER A 1 55  ? -12.222 11.132  -13.899 1.00 55.52  ? 62  SER A C   1 
ATOM   423 O  O   . SER A 1 55  ? -13.134 10.898  -14.694 1.00 53.70  ? 62  SER A O   1 
ATOM   424 C  CB  . SER A 1 55  ? -13.004 12.362  -11.868 1.00 48.28  ? 62  SER A CB  1 
ATOM   425 O  OG  . SER A 1 55  ? -14.365 12.127  -12.175 1.00 54.97  ? 62  SER A OG  1 
ATOM   426 N  N   . ASN A 1 56  ? -11.238 10.278  -13.646 1.00 49.68  ? 63  ASN A N   1 
ATOM   427 C  CA  . ASN A 1 56  ? -11.260 8.930   -14.183 1.00 51.88  ? 63  ASN A CA  1 
ATOM   428 C  C   . ASN A 1 56  ? -11.203 7.927   -13.048 1.00 56.08  ? 63  ASN A C   1 
ATOM   429 O  O   . ASN A 1 56  ? -10.565 8.172   -12.026 1.00 65.20  ? 63  ASN A O   1 
ATOM   430 C  CB  . ASN A 1 56  ? -10.124 8.695   -15.192 1.00 63.73  ? 63  ASN A CB  1 
ATOM   431 C  CG  . ASN A 1 56  ? -8.737  8.879   -14.584 1.00 80.92  ? 63  ASN A CG  1 
ATOM   432 O  OD1 . ASN A 1 56  ? -8.446  9.907   -13.971 1.00 82.56  ? 63  ASN A OD1 1 
ATOM   433 N  ND2 . ASN A 1 56  ? -7.870  7.877   -14.757 1.00 62.34  ? 63  ASN A ND2 1 
ATOM   434 N  N   . VAL A 1 57  ? -11.893 6.810   -13.222 1.00 49.79  ? 64  VAL A N   1 
ATOM   435 C  CA  . VAL A 1 57  ? -11.859 5.739   -12.248 1.00 54.23  ? 64  VAL A CA  1 
ATOM   436 C  C   . VAL A 1 57  ? -11.071 4.555   -12.799 1.00 50.03  ? 64  VAL A C   1 
ATOM   437 O  O   . VAL A 1 57  ? -11.380 4.041   -13.868 1.00 75.19  ? 64  VAL A O   1 
ATOM   438 C  CB  . VAL A 1 57  ? -13.282 5.303   -11.857 1.00 57.21  ? 64  VAL A CB  1 
ATOM   439 C  CG1 . VAL A 1 57  ? -13.240 4.079   -10.953 1.00 50.71  ? 64  VAL A CG1 1 
ATOM   440 C  CG2 . VAL A 1 57  ? -14.006 6.452   -11.171 1.00 44.22  ? 64  VAL A CG2 1 
ATOM   441 N  N   . TYR A 1 58  ? -10.040 4.136   -12.073 1.00 52.94  ? 65  TYR A N   1 
ATOM   442 C  CA  . TYR A 1 58  ? -9.237  2.989   -12.483 1.00 55.63  ? 65  TYR A CA  1 
ATOM   443 C  C   . TYR A 1 58  ? -9.244  1.883   -11.425 1.00 49.07  ? 65  TYR A C   1 
ATOM   444 O  O   . TYR A 1 58  ? -9.872  2.016   -10.373 1.00 56.85  ? 65  TYR A O   1 
ATOM   445 C  CB  . TYR A 1 58  ? -7.807  3.424   -12.822 1.00 46.27  ? 65  TYR A CB  1 
ATOM   446 C  CG  . TYR A 1 58  ? -7.262  4.479   -11.895 1.00 63.22  ? 65  TYR A CG  1 
ATOM   447 C  CD1 . TYR A 1 58  ? -7.583  5.820   -12.077 1.00 61.58  ? 65  TYR A CD1 1 
ATOM   448 C  CD2 . TYR A 1 58  ? -6.430  4.140   -10.832 1.00 65.70  ? 65  TYR A CD2 1 
ATOM   449 C  CE1 . TYR A 1 58  ? -7.100  6.798   -11.223 1.00 54.34  ? 65  TYR A CE1 1 
ATOM   450 C  CE2 . TYR A 1 58  ? -5.935  5.112   -9.973  1.00 70.81  ? 65  TYR A CE2 1 
ATOM   451 C  CZ  . TYR A 1 58  ? -6.275  6.440   -10.173 1.00 68.32  ? 65  TYR A CZ  1 
ATOM   452 O  OH  . TYR A 1 58  ? -5.794  7.409   -9.323  1.00 53.85  ? 65  TYR A OH  1 
ATOM   453 N  N   . GLU A 1 59  ? -8.560  0.785   -11.722 1.00 55.99  ? 66  GLU A N   1 
ATOM   454 C  CA  . GLU A 1 59  ? -8.494  -0.350  -10.811 1.00 41.39  ? 66  GLU A CA  1 
ATOM   455 C  C   . GLU A 1 59  ? -7.276  -0.226  -9.944  1.00 50.80  ? 66  GLU A C   1 
ATOM   456 O  O   . GLU A 1 59  ? -6.214  0.185   -10.406 1.00 49.78  ? 66  GLU A O   1 
ATOM   457 C  CB  . GLU A 1 59  ? -8.389  -1.650  -11.581 1.00 47.90  ? 66  GLU A CB  1 
ATOM   458 C  CG  . GLU A 1 59  ? -9.375  -1.740  -12.688 1.00 54.51  ? 66  GLU A CG  1 
ATOM   459 C  CD  . GLU A 1 59  ? -10.760 -1.505  -12.188 1.00 60.13  ? 66  GLU A CD  1 
ATOM   460 O  OE1 . GLU A 1 59  ? -11.478 -0.712  -12.831 1.00 81.00  ? 66  GLU A OE1 1 
ATOM   461 O  OE2 . GLU A 1 59  ? -11.121 -2.105  -11.150 1.00 59.88  ? 66  GLU A OE2 1 
ATOM   462 N  N   . ARG A 1 60  ? -7.426  -0.596  -8.682  1.00 47.11  ? 67  ARG A N   1 
ATOM   463 C  CA  . ARG A 1 60  ? -6.304  -0.557  -7.770  1.00 44.02  ? 67  ARG A CA  1 
ATOM   464 C  C   . ARG A 1 60  ? -6.277  -1.795  -6.882  1.00 53.83  ? 67  ARG A C   1 
ATOM   465 O  O   . ARG A 1 60  ? -7.316  -2.373  -6.550  1.00 39.77  ? 67  ARG A O   1 
ATOM   466 C  CB  . ARG A 1 60  ? -6.349  0.718   -6.928  1.00 46.59  ? 67  ARG A CB  1 
ATOM   467 C  CG  . ARG A 1 60  ? -6.276  2.019   -7.736  1.00 59.29  ? 67  ARG A CG  1 
ATOM   468 C  CD  . ARG A 1 60  ? -4.848  2.418   -8.096  1.00 45.43  ? 67  ARG A CD  1 
ATOM   469 N  NE  . ARG A 1 60  ? -4.359  1.748   -9.296  1.00 66.09  ? 67  ARG A NE  1 
ATOM   470 C  CZ  . ARG A 1 60  ? -3.467  2.274   -10.129 1.00 73.72  ? 67  ARG A CZ  1 
ATOM   471 N  NH1 . ARG A 1 60  ? -2.977  3.482   -9.893  1.00 82.47  ? 67  ARG A NH1 1 
ATOM   472 N  NH2 . ARG A 1 60  ? -3.075  1.602   -11.203 1.00 66.91  ? 67  ARG A NH2 1 
ATOM   473 N  N   . LEU A 1 61  ? -5.072  -2.203  -6.518  1.00 44.80  ? 68  LEU A N   1 
ATOM   474 C  CA  . LEU A 1 61  ? -4.870  -3.304  -5.603  1.00 41.63  ? 68  LEU A CA  1 
ATOM   475 C  C   . LEU A 1 61  ? -4.382  -2.722  -4.290  1.00 42.45  ? 68  LEU A C   1 
ATOM   476 O  O   . LEU A 1 61  ? -3.376  -2.021  -4.259  1.00 40.49  ? 68  LEU A O   1 
ATOM   477 C  CB  . LEU A 1 61  ? -3.829  -4.263  -6.174  1.00 45.66  ? 68  LEU A CB  1 
ATOM   478 C  CG  . LEU A 1 61  ? -3.339  -5.400  -5.283  1.00 56.17  ? 68  LEU A CG  1 
ATOM   479 C  CD1 . LEU A 1 61  ? -4.464  -6.381  -4.953  1.00 33.08  ? 68  LEU A CD1 1 
ATOM   480 C  CD2 . LEU A 1 61  ? -2.175  -6.104  -5.959  1.00 48.10  ? 68  LEU A CD2 1 
ATOM   481 N  N   . LYS A 1 62  ? -5.093  -2.994  -3.203  1.00 34.18  ? 69  LYS A N   1 
ATOM   482 C  CA  . LYS A 1 62  ? -4.662  -2.500  -1.901  1.00 31.17  ? 69  LYS A CA  1 
ATOM   483 C  C   . LYS A 1 62  ? -4.018  -3.653  -1.138  1.00 31.77  ? 69  LYS A C   1 
ATOM   484 O  O   . LYS A 1 62  ? -4.653  -4.701  -0.941  1.00 40.75  ? 69  LYS A O   1 
ATOM   485 C  CB  . LYS A 1 62  ? -5.853  -1.951  -1.124  1.00 41.73  ? 69  LYS A CB  1 
ATOM   486 C  CG  . LYS A 1 62  ? -5.506  -1.122  0.113   1.00 45.57  ? 69  LYS A CG  1 
ATOM   487 C  CD  . LYS A 1 62  ? -6.802  -0.699  0.805   1.00 38.15  ? 69  LYS A CD  1 
ATOM   488 C  CE  . LYS A 1 62  ? -6.561  0.302   1.913   1.00 62.15  ? 69  LYS A CE  1 
ATOM   489 N  NZ  . LYS A 1 62  ? -7.874  0.700   2.511   1.00 66.92  ? 69  LYS A NZ  1 
ATOM   490 N  N   . ILE A 1 63  ? -2.760  -3.471  -0.743  1.00 37.57  ? 70  ILE A N   1 
ATOM   491 C  CA  . ILE A 1 63  ? -2.019  -4.492  -0.023  1.00 26.86  ? 70  ILE A CA  1 
ATOM   492 C  C   . ILE A 1 63  ? -1.611  -3.982  1.349   1.00 29.05  ? 70  ILE A C   1 
ATOM   493 O  O   . ILE A 1 63  ? -0.948  -2.958  1.472   1.00 39.83  ? 70  ILE A O   1 
ATOM   494 C  CB  . ILE A 1 63  ? -0.740  -4.870  -0.774  1.00 44.09  ? 70  ILE A CB  1 
ATOM   495 C  CG1 . ILE A 1 63  ? -1.075  -5.457  -2.152  1.00 42.98  ? 70  ILE A CG1 1 
ATOM   496 C  CG2 . ILE A 1 63  ? 0.098   -5.830  0.063   1.00 30.31  ? 70  ILE A CG2 1 
ATOM   497 C  CD1 . ILE A 1 63  ? 0.071   -5.480  -3.102  1.00 36.74  ? 70  ILE A CD1 1 
ATOM   498 N  N   . GLU A 1 64  ? -1.977  -4.727  2.381   1.00 39.94  ? 71  GLU A N   1 
ATOM   499 C  CA  . GLU A 1 64  ? -1.619  -4.359  3.742   1.00 39.05  ? 71  GLU A CA  1 
ATOM   500 C  C   . GLU A 1 64  ? -0.644  -5.347  4.407   1.00 47.39  ? 71  GLU A C   1 
ATOM   501 O  O   . GLU A 1 64  ? -0.833  -6.563  4.389   1.00 37.25  ? 71  GLU A O   1 
ATOM   502 C  CB  . GLU A 1 64  ? -2.876  -4.177  4.579   1.00 33.51  ? 71  GLU A CB  1 
ATOM   503 C  CG  . GLU A 1 64  ? -3.738  -3.021  4.097   1.00 47.19  ? 71  GLU A CG  1 
ATOM   504 C  CD  . GLU A 1 64  ? -4.983  -2.822  4.939   1.00 69.53  ? 71  GLU A CD  1 
ATOM   505 O  OE1 . GLU A 1 64  ? -5.445  -3.790  5.583   1.00 72.83  ? 71  GLU A OE1 1 
ATOM   506 O  OE2 . GLU A 1 64  ? -5.498  -1.689  4.961   1.00 73.00  ? 71  GLU A OE2 1 
ATOM   507 N  N   . ILE A 1 65  ? 0.409   -4.793  4.985   1.00 29.56  ? 72  ILE A N   1 
ATOM   508 C  CA  . ILE A 1 65  ? 1.435   -5.566  5.637   1.00 32.73  ? 72  ILE A CA  1 
ATOM   509 C  C   . ILE A 1 65  ? 1.679   -4.937  6.995   1.00 36.75  ? 72  ILE A C   1 
ATOM   510 O  O   . ILE A 1 65  ? 1.858   -3.728  7.098   1.00 41.31  ? 72  ILE A O   1 
ATOM   511 C  CB  . ILE A 1 65  ? 2.731   -5.536  4.813   1.00 38.49  ? 72  ILE A CB  1 
ATOM   512 C  CG1 . ILE A 1 65  ? 2.415   -5.817  3.344   1.00 42.81  ? 72  ILE A CG1 1 
ATOM   513 C  CG2 . ILE A 1 65  ? 3.737   -6.537  5.349   1.00 39.30  ? 72  ILE A CG2 1 
ATOM   514 C  CD1 . ILE A 1 65  ? 3.484   -5.347  2.389   1.00 50.52  ? 72  ILE A CD1 1 
ATOM   515 N  N   . VAL A 1 66  ? 1.641   -5.747  8.043   1.00 42.36  ? 73  VAL A N   1 
ATOM   516 C  CA  . VAL A 1 66  ? 2.001   -5.268  9.367   1.00 40.43  ? 73  VAL A CA  1 
ATOM   517 C  C   . VAL A 1 66  ? 3.392   -5.780  9.681   1.00 41.64  ? 73  VAL A C   1 
ATOM   518 O  O   . VAL A 1 66  ? 3.723   -6.911  9.349   1.00 45.48  ? 73  VAL A O   1 
ATOM   519 C  CB  . VAL A 1 66  ? 1.007   -5.753  10.430  1.00 48.06  ? 73  VAL A CB  1 
ATOM   520 C  CG1 . VAL A 1 66  ? 1.420   -5.263  11.819  1.00 42.77  ? 73  VAL A CG1 1 
ATOM   521 C  CG2 . VAL A 1 66  ? -0.394  -5.279  10.080  1.00 46.25  ? 73  VAL A CG2 1 
ATOM   522 N  N   . VAL A 1 67  ? 4.216   -4.945  10.298  1.00 35.05  ? 74  VAL A N   1 
ATOM   523 C  CA  . VAL A 1 67  ? 5.596   -5.327  10.562  1.00 46.12  ? 74  VAL A CA  1 
ATOM   524 C  C   . VAL A 1 67  ? 6.069   -4.774  11.875  1.00 50.86  ? 74  VAL A C   1 
ATOM   525 O  O   . VAL A 1 67  ? 5.608   -3.722  12.319  1.00 58.47  ? 74  VAL A O   1 
ATOM   526 C  CB  . VAL A 1 67  ? 6.571   -4.817  9.476   1.00 44.30  ? 74  VAL A CB  1 
ATOM   527 C  CG1 . VAL A 1 67  ? 6.257   -5.452  8.130   1.00 47.19  ? 74  VAL A CG1 1 
ATOM   528 C  CG2 . VAL A 1 67  ? 6.521   -3.296  9.391   1.00 54.43  ? 74  VAL A CG2 1 
ATOM   529 N  N   . SER A 1 68  ? 7.002   -5.495  12.487  1.00 60.58  ? 75  SER A N   1 
ATOM   530 C  CA  . SER A 1 68  ? 7.685   -5.025  13.679  1.00 54.59  ? 75  SER A CA  1 
ATOM   531 C  C   . SER A 1 68  ? 9.165   -5.372  13.588  1.00 57.56  ? 75  SER A C   1 
ATOM   532 O  O   . SER A 1 68  ? 10.002  -4.485  13.448  1.00 54.15  ? 75  SER A O   1 
ATOM   533 C  CB  . SER A 1 68  ? 7.062   -5.631  14.933  1.00 61.15  ? 75  SER A CB  1 
ATOM   534 O  OG  . SER A 1 68  ? 7.583   -5.007  16.091  1.00 68.96  ? 75  SER A OG  1 
ATOM   535 N  N   . LYS A 1 69  ? 9.485   -6.663  13.654  1.00 74.29  ? 76  LYS A N   1 
ATOM   536 C  CA  . LYS A 1 69  ? 10.873  -7.107  13.525  1.00 62.19  ? 76  LYS A CA  1 
ATOM   537 C  C   . LYS A 1 69  ? 11.404  -6.726  12.156  1.00 62.88  ? 76  LYS A C   1 
ATOM   538 O  O   . LYS A 1 69  ? 12.416  -6.041  12.039  1.00 83.38  ? 76  LYS A O   1 
ATOM   539 C  CB  . LYS A 1 69  ? 10.994  -8.619  13.726  1.00 78.24  ? 76  LYS A CB  1 
ATOM   540 C  CG  . LYS A 1 69  ? 10.782  -9.082  15.159  1.00 72.95  ? 76  LYS A CG  1 
ATOM   541 C  CD  . LYS A 1 69  ? 9.673   -10.114 15.231  1.00 90.07  ? 76  LYS A CD  1 
ATOM   542 C  CE  . LYS A 1 69  ? 8.372   -9.570  14.644  1.00 73.82  ? 76  LYS A CE  1 
ATOM   543 N  NZ  . LYS A 1 69  ? 7.285   -10.583 14.717  1.00 82.29  ? 76  LYS A NZ  1 
ATOM   544 N  N   . VAL A 1 70  ? 10.713  -7.178  11.118  1.00 62.30  ? 77  VAL A N   1 
ATOM   545 C  CA  . VAL A 1 70  ? 11.050  -6.776  9.763   1.00 60.33  ? 77  VAL A CA  1 
ATOM   546 C  C   . VAL A 1 70  ? 10.867  -5.278  9.624   1.00 69.93  ? 77  VAL A C   1 
ATOM   547 O  O   . VAL A 1 70  ? 9.772   -4.758  9.839   1.00 68.92  ? 77  VAL A O   1 
ATOM   548 C  CB  . VAL A 1 70  ? 10.150  -7.446  8.742   1.00 71.65  ? 77  VAL A CB  1 
ATOM   549 C  CG1 . VAL A 1 70  ? 10.494  -6.941  7.354   1.00 47.96  ? 77  VAL A CG1 1 
ATOM   550 C  CG2 . VAL A 1 70  ? 10.273  -8.964  8.846   1.00 59.87  ? 77  VAL A CG2 1 
ATOM   551 N  N   . PRO A 1 71  ? 11.945  -4.579  9.261   1.00 64.38  ? 78  PRO A N   1 
ATOM   552 C  CA  . PRO A 1 71  ? 11.972  -3.119  9.247   1.00 42.80  ? 78  PRO A CA  1 
ATOM   553 C  C   . PRO A 1 71  ? 11.096  -2.538  8.154   1.00 63.99  ? 78  PRO A C   1 
ATOM   554 O  O   . PRO A 1 71  ? 11.148  -2.995  7.011   1.00 53.52  ? 78  PRO A O   1 
ATOM   555 C  CB  . PRO A 1 71  ? 13.444  -2.805  8.955   1.00 45.24  ? 78  PRO A CB  1 
ATOM   556 C  CG  . PRO A 1 71  ? 14.183  -4.045  9.337   1.00 52.87  ? 78  PRO A CG  1 
ATOM   557 C  CD  . PRO A 1 71  ? 13.265  -5.151  8.954   1.00 69.09  ? 78  PRO A CD  1 
ATOM   558 N  N   . VAL A 1 72  ? 10.307  -1.528  8.507   1.00 48.67  ? 79  VAL A N   1 
ATOM   559 C  CA  . VAL A 1 72  ? 9.467   -0.844  7.535   1.00 58.69  ? 79  VAL A CA  1 
ATOM   560 C  C   . VAL A 1 72  ? 10.250  -0.469  6.281   1.00 54.98  ? 79  VAL A C   1 
ATOM   561 O  O   . VAL A 1 72  ? 9.808   -0.742  5.164   1.00 54.85  ? 79  VAL A O   1 
ATOM   562 C  CB  . VAL A 1 72  ? 8.847   0.432   8.127   1.00 62.25  ? 79  VAL A CB  1 
ATOM   563 C  CG1 . VAL A 1 72  ? 8.165   1.238   7.043   1.00 67.00  ? 79  VAL A CG1 1 
ATOM   564 C  CG2 . VAL A 1 72  ? 7.859   0.080   9.198   1.00 55.73  ? 79  VAL A CG2 1 
ATOM   565 N  N   . ASP A 1 73  ? 11.411  0.153   6.466   1.00 61.92  ? 80  ASP A N   1 
ATOM   566 C  CA  . ASP A 1 73  ? 12.161  0.707   5.343   1.00 52.23  ? 80  ASP A CA  1 
ATOM   567 C  C   . ASP A 1 73  ? 12.640  -0.360  4.352   1.00 59.19  ? 80  ASP A C   1 
ATOM   568 O  O   . ASP A 1 73  ? 12.834  -0.079  3.164   1.00 57.08  ? 80  ASP A O   1 
ATOM   569 C  CB  . ASP A 1 73  ? 13.313  1.578   5.852   1.00 73.65  ? 80  ASP A CB  1 
ATOM   570 C  CG  . ASP A 1 73  ? 12.827  2.790   6.629   1.00 95.38  ? 80  ASP A CG  1 
ATOM   571 O  OD1 . ASP A 1 73  ? 11.629  3.126   6.537   1.00 82.44  ? 80  ASP A OD1 1 
ATOM   572 O  OD2 . ASP A 1 73  ? 13.653  3.420   7.324   1.00 96.42  ? 80  ASP A OD2 1 
ATOM   573 N  N   . GLN A 1 74  ? 12.818  -1.584  4.840   1.00 49.34  ? 81  GLN A N   1 
ATOM   574 C  CA  . GLN A 1 74  ? 13.138  -2.704  3.965   1.00 36.81  ? 81  GLN A CA  1 
ATOM   575 C  C   . GLN A 1 74  ? 11.875  -3.140  3.212   1.00 56.12  ? 81  GLN A C   1 
ATOM   576 O  O   . GLN A 1 74  ? 11.957  -3.563  2.063   1.00 53.38  ? 81  GLN A O   1 
ATOM   577 C  CB  . GLN A 1 74  ? 13.735  -3.868  4.770   1.00 58.84  ? 81  GLN A CB  1 
ATOM   578 C  CG  . GLN A 1 74  ? 14.683  -4.775  3.979   1.00 68.71  ? 81  GLN A CG  1 
ATOM   579 C  CD  . GLN A 1 74  ? 15.359  -5.852  4.835   1.00 75.83  ? 81  GLN A CD  1 
ATOM   580 O  OE1 . GLN A 1 74  ? 15.732  -6.919  4.335   1.00 60.80  ? 81  GLN A OE1 1 
ATOM   581 N  NE2 . GLN A 1 74  ? 15.517  -5.572  6.123   1.00 59.47  ? 81  GLN A NE2 1 
ATOM   582 N  N   . VAL A 1 75  ? 10.706  -3.007  3.845   1.00 63.59  ? 82  VAL A N   1 
ATOM   583 C  CA  . VAL A 1 75  ? 9.436   -3.293  3.164   1.00 40.27  ? 82  VAL A CA  1 
ATOM   584 C  C   . VAL A 1 75  ? 9.133   -2.277  2.078   1.00 45.09  ? 82  VAL A C   1 
ATOM   585 O  O   . VAL A 1 75  ? 8.762   -2.635  0.961   1.00 58.17  ? 82  VAL A O   1 
ATOM   586 C  CB  . VAL A 1 75  ? 8.216   -3.297  4.114   1.00 50.40  ? 82  VAL A CB  1 
ATOM   587 C  CG1 . VAL A 1 75  ? 6.937   -3.481  3.300   1.00 33.11  ? 82  VAL A CG1 1 
ATOM   588 C  CG2 . VAL A 1 75  ? 8.341   -4.383  5.167   1.00 41.39  ? 82  VAL A CG2 1 
ATOM   589 N  N   . THR A 1 76  ? 9.274   -0.999  2.410   1.00 48.70  ? 83  THR A N   1 
ATOM   590 C  CA  . THR A 1 76  ? 8.926   0.044   1.458   1.00 60.97  ? 83  THR A CA  1 
ATOM   591 C  C   . THR A 1 76  ? 9.909   0.099   0.298   1.00 52.29  ? 83  THR A C   1 
ATOM   592 O  O   . THR A 1 76  ? 9.509   0.319   -0.842  1.00 54.49  ? 83  THR A O   1 
ATOM   593 C  CB  . THR A 1 76  ? 8.815   1.420   2.127   1.00 53.35  ? 83  THR A CB  1 
ATOM   594 O  OG1 . THR A 1 76  ? 10.113  1.868   2.522   1.00 67.45  ? 83  THR A OG1 1 
ATOM   595 C  CG2 . THR A 1 76  ? 7.917   1.337   3.345   1.00 46.20  ? 83  THR A CG2 1 
ATOM   596 N  N   . GLU A 1 77  ? 11.191  -0.117  0.583   1.00 56.82  ? 84  GLU A N   1 
ATOM   597 C  CA  . GLU A 1 77  ? 12.208  -0.068  -0.468  1.00 62.95  ? 84  GLU A CA  1 
ATOM   598 C  C   . GLU A 1 77  ? 12.008  -1.191  -1.473  1.00 58.96  ? 84  GLU A C   1 
ATOM   599 O  O   . GLU A 1 77  ? 12.137  -0.992  -2.684  1.00 62.68  ? 84  GLU A O   1 
ATOM   600 C  CB  . GLU A 1 77  ? 13.614  -0.140  0.121   1.00 52.95  ? 84  GLU A CB  1 
ATOM   601 C  CG  . GLU A 1 77  ? 14.713  -0.086  -0.930  1.00 78.10  ? 84  GLU A CG  1 
ATOM   602 C  CD  . GLU A 1 77  ? 14.802  1.269   -1.617  1.00 97.09  ? 84  GLU A CD  1 
ATOM   603 O  OE1 . GLU A 1 77  ? 14.295  2.267   -1.060  1.00 101.25 ? 84  GLU A OE1 1 
ATOM   604 O  OE2 . GLU A 1 77  ? 15.384  1.337   -2.720  1.00 118.28 ? 84  GLU A OE2 1 
ATOM   605 N  N   . THR A 1 78  ? 11.686  -2.372  -0.957  1.00 43.67  ? 85  THR A N   1 
ATOM   606 C  CA  . THR A 1 78  ? 11.434  -3.529  -1.797  1.00 42.61  ? 85  THR A CA  1 
ATOM   607 C  C   . THR A 1 78  ? 10.196  -3.303  -2.643  1.00 48.40  ? 85  THR A C   1 
ATOM   608 O  O   . THR A 1 78  ? 10.160  -3.666  -3.812  1.00 62.53  ? 85  THR A O   1 
ATOM   609 C  CB  . THR A 1 78  ? 11.228  -4.781  -0.942  1.00 43.32  ? 85  THR A CB  1 
ATOM   610 O  OG1 . THR A 1 78  ? 12.333  -4.923  -0.049  1.00 55.24  ? 85  THR A OG1 1 
ATOM   611 C  CG2 . THR A 1 78  ? 11.116  -6.029  -1.814  1.00 42.96  ? 85  THR A CG2 1 
ATOM   612 N  N   . ALA A 1 79  ? 9.174   -2.713  -2.035  1.00 65.84  ? 86  ALA A N   1 
ATOM   613 C  CA  . ALA A 1 79  ? 7.942   -2.407  -2.744  1.00 64.08  ? 86  ALA A CA  1 
ATOM   614 C  C   . ALA A 1 79  ? 8.191   -1.450  -3.915  1.00 51.09  ? 86  ALA A C   1 
ATOM   615 O  O   . ALA A 1 79  ? 7.613   -1.610  -4.986  1.00 49.31  ? 86  ALA A O   1 
ATOM   616 C  CB  . ALA A 1 79  ? 6.916   -1.829  -1.784  1.00 59.11  ? 86  ALA A CB  1 
ATOM   617 N  N   . LYS A 1 80  ? 9.056   -0.462  -3.707  1.00 56.82  ? 87  LYS A N   1 
ATOM   618 C  CA  . LYS A 1 80  ? 9.398   0.488   -4.768  1.00 69.64  ? 87  LYS A CA  1 
ATOM   619 C  C   . LYS A 1 80  ? 10.041  -0.212  -5.958  1.00 68.07  ? 87  LYS A C   1 
ATOM   620 O  O   . LYS A 1 80  ? 9.526   -0.153  -7.071  1.00 73.58  ? 87  LYS A O   1 
ATOM   621 C  CB  . LYS A 1 80  ? 10.335  1.576   -4.246  1.00 64.78  ? 87  LYS A CB  1 
ATOM   622 C  CG  . LYS A 1 80  ? 9.725   2.428   -3.162  1.00 77.53  ? 87  LYS A CG  1 
ATOM   623 C  CD  . LYS A 1 80  ? 10.789  3.136   -2.341  1.00 78.28  ? 87  LYS A CD  1 
ATOM   624 C  CE  . LYS A 1 80  ? 11.466  4.246   -3.123  1.00 83.82  ? 87  LYS A CE  1 
ATOM   625 N  NZ  . LYS A 1 80  ? 12.258  5.127   -2.209  1.00 88.72  ? 87  LYS A NZ  1 
ATOM   626 N  N   . ARG A 1 81  ? 11.169  -0.872  -5.716  1.00 65.07  ? 88  ARG A N   1 
ATOM   627 C  CA  . ARG A 1 81  ? 11.875  -1.587  -6.769  1.00 56.08  ? 88  ARG A CA  1 
ATOM   628 C  C   . ARG A 1 81  ? 10.928  -2.402  -7.619  1.00 69.57  ? 88  ARG A C   1 
ATOM   629 O  O   . ARG A 1 81  ? 10.885  -2.257  -8.839  1.00 76.39  ? 88  ARG A O   1 
ATOM   630 C  CB  . ARG A 1 81  ? 12.887  -2.551  -6.170  1.00 63.61  ? 88  ARG A CB  1 
ATOM   631 C  CG  . ARG A 1 81  ? 14.128  -1.922  -5.614  1.00 64.89  ? 88  ARG A CG  1 
ATOM   632 C  CD  . ARG A 1 81  ? 14.995  -3.017  -5.035  1.00 81.54  ? 88  ARG A CD  1 
ATOM   633 N  NE  . ARG A 1 81  ? 14.646  -4.311  -5.615  1.00 71.40  ? 88  ARG A NE  1 
ATOM   634 C  CZ  . ARG A 1 81  ? 14.441  -5.413  -4.901  1.00 80.44  ? 88  ARG A CZ  1 
ATOM   635 N  NH1 . ARG A 1 81  ? 14.555  -5.368  -3.582  1.00 68.37  ? 88  ARG A NH1 1 
ATOM   636 N  NH2 . ARG A 1 81  ? 14.129  -6.556  -5.503  1.00 60.69  ? 88  ARG A NH2 1 
ATOM   637 N  N   . VAL A 1 82  ? 10.179  -3.275  -6.959  1.00 51.54  ? 89  VAL A N   1 
ATOM   638 C  CA  . VAL A 1 82  ? 9.397   -4.289  -7.651  1.00 55.62  ? 89  VAL A CA  1 
ATOM   639 C  C   . VAL A 1 82  ? 8.262   -3.703  -8.474  1.00 59.21  ? 89  VAL A C   1 
ATOM   640 O  O   . VAL A 1 82  ? 7.952   -4.203  -9.554  1.00 63.04  ? 89  VAL A O   1 
ATOM   641 C  CB  . VAL A 1 82  ? 8.812   -5.305  -6.653  1.00 52.49  ? 89  VAL A CB  1 
ATOM   642 C  CG1 . VAL A 1 82  ? 7.959   -6.324  -7.376  1.00 57.13  ? 89  VAL A CG1 1 
ATOM   643 C  CG2 . VAL A 1 82  ? 9.923   -5.985  -5.877  1.00 50.56  ? 89  VAL A CG2 1 
ATOM   644 N  N   . LEU A 1 83  ? 7.647   -2.639  -7.959  1.00 70.97  ? 90  LEU A N   1 
ATOM   645 C  CA  . LEU A 1 83  ? 6.416   -2.092  -8.540  1.00 77.99  ? 90  LEU A CA  1 
ATOM   646 C  C   . LEU A 1 83  ? 6.653   -0.881  -9.449  1.00 69.48  ? 90  LEU A C   1 
ATOM   647 O  O   . LEU A 1 83  ? 5.736   -0.409  -10.128 1.00 68.97  ? 90  LEU A O   1 
ATOM   648 C  CB  . LEU A 1 83  ? 5.415   -1.746  -7.428  1.00 63.25  ? 90  LEU A CB  1 
ATOM   649 C  CG  . LEU A 1 83  ? 4.994   -2.911  -6.526  1.00 65.08  ? 90  LEU A CG  1 
ATOM   650 C  CD1 . LEU A 1 83  ? 4.192   -2.430  -5.321  1.00 47.32  ? 90  LEU A CD1 1 
ATOM   651 C  CD2 . LEU A 1 83  ? 4.209   -3.942  -7.322  1.00 48.06  ? 90  LEU A CD2 1 
ATOM   652 N  N   . LYS A 1 84  ? 7.887   -0.387  -9.454  1.00 62.64  ? 91  LYS A N   1 
ATOM   653 C  CA  . LYS A 1 84  ? 8.279   0.737   -10.300 1.00 68.90  ? 91  LYS A CA  1 
ATOM   654 C  C   . LYS A 1 84  ? 8.289   0.365   -11.782 1.00 72.97  ? 91  LYS A C   1 
ATOM   655 O  O   . LYS A 1 84  ? 8.922   -0.620  -12.174 1.00 66.90  ? 91  LYS A O   1 
ATOM   656 C  CB  . LYS A 1 84  ? 9.668   1.226   -9.880  1.00 62.27  ? 91  LYS A CB  1 
ATOM   657 C  CG  . LYS A 1 84  ? 10.348  2.139   -10.880 1.00 99.37  ? 91  LYS A CG  1 
ATOM   658 C  CD  . LYS A 1 84  ? 10.218  3.612   -10.502 1.00 85.57  ? 91  LYS A CD  1 
ATOM   659 C  CE  . LYS A 1 84  ? 11.012  3.951   -9.246  1.00 92.40  ? 91  LYS A CE  1 
ATOM   660 N  NZ  . LYS A 1 84  ? 12.399  3.407   -9.306  1.00 103.75 ? 91  LYS A NZ  1 
ATOM   661 N  N   . THR A 1 85  ? 7.579   1.141   -12.599 1.00 65.41  ? 92  THR A N   1 
ATOM   662 C  CA  . THR A 1 85  ? 7.629   0.966   -14.048 1.00 69.80  ? 92  THR A CA  1 
ATOM   663 C  C   . THR A 1 85  ? 7.705   2.314   -14.759 1.00 86.96  ? 92  THR A C   1 
ATOM   664 O  O   . THR A 1 85  ? 7.689   2.373   -15.988 1.00 89.01  ? 92  THR A O   1 
ATOM   665 C  CB  . THR A 1 85  ? 6.412   0.191   -14.598 1.00 77.72  ? 92  THR A CB  1 
ATOM   666 O  OG1 . THR A 1 85  ? 5.287   1.072   -14.722 1.00 76.39  ? 92  THR A OG1 1 
ATOM   667 C  CG2 . THR A 1 85  ? 6.064   -0.995  -13.706 1.00 58.10  ? 92  THR A CG2 1 
ATOM   668 N  N   . GLY A 1 86  ? 7.772   3.392   -13.982 1.00 93.81  ? 93  GLY A N   1 
ATOM   669 C  CA  . GLY A 1 86  ? 7.897   4.731   -14.531 1.00 73.37  ? 93  GLY A CA  1 
ATOM   670 C  C   . GLY A 1 86  ? 6.608   5.300   -15.093 1.00 76.97  ? 93  GLY A C   1 
ATOM   671 O  O   . GLY A 1 86  ? 6.336   6.494   -14.964 1.00 87.79  ? 93  GLY A O   1 
ATOM   672 N  N   . SER A 1 87  ? 5.816   4.447   -15.730 1.00 65.82  ? 94  SER A N   1 
ATOM   673 C  CA  . SER A 1 87  ? 4.551   4.870   -16.307 1.00 71.62  ? 94  SER A CA  1 
ATOM   674 C  C   . SER A 1 87  ? 3.596   5.252   -15.186 1.00 92.53  ? 94  SER A C   1 
ATOM   675 O  O   . SER A 1 87  ? 3.581   4.602   -14.142 1.00 84.39  ? 94  SER A O   1 
ATOM   676 C  CB  . SER A 1 87  ? 3.944   3.742   -17.149 1.00 89.54  ? 94  SER A CB  1 
ATOM   677 O  OG  . SER A 1 87  ? 4.850   2.658   -17.298 1.00 79.51  ? 94  SER A OG  1 
ATOM   678 N  N   . PRO A 1 88  ? 2.797   6.311   -15.395 1.00 81.63  ? 95  PRO A N   1 
ATOM   679 C  CA  . PRO A 1 88  ? 1.821   6.721   -14.381 1.00 76.19  ? 95  PRO A CA  1 
ATOM   680 C  C   . PRO A 1 88  ? 0.914   5.558   -13.994 1.00 90.47  ? 95  PRO A C   1 
ATOM   681 O  O   . PRO A 1 88  ? 0.659   4.678   -14.823 1.00 77.64  ? 95  PRO A O   1 
ATOM   682 C  CB  . PRO A 1 88  ? 1.027   7.831   -15.082 1.00 105.05 ? 95  PRO A CB  1 
ATOM   683 C  CG  . PRO A 1 88  ? 1.306   7.654   -16.540 1.00 72.88  ? 95  PRO A CG  1 
ATOM   684 C  CD  . PRO A 1 88  ? 2.703   7.134   -16.609 1.00 81.50  ? 95  PRO A CD  1 
ATOM   685 N  N   . GLY A 1 89  ? 0.449   5.549   -12.747 1.00 85.01  ? 96  GLY A N   1 
ATOM   686 C  CA  . GLY A 1 89  ? -0.355  4.449   -12.237 1.00 67.76  ? 96  GLY A CA  1 
ATOM   687 C  C   . GLY A 1 89  ? 0.467   3.436   -11.458 1.00 58.97  ? 96  GLY A C   1 
ATOM   688 O  O   . GLY A 1 89  ? 0.055   2.291   -11.273 1.00 64.47  ? 96  GLY A O   1 
ATOM   689 N  N   . ASP A 1 90  ? 1.641   3.860   -11.003 1.00 64.73  ? 97  ASP A N   1 
ATOM   690 C  CA  . ASP A 1 90  ? 2.522   2.999   -10.225 1.00 59.82  ? 97  ASP A CA  1 
ATOM   691 C  C   . ASP A 1 90  ? 2.053   2.914   -8.775  1.00 69.81  ? 97  ASP A C   1 
ATOM   692 O  O   . ASP A 1 90  ? 2.394   1.981   -8.056  1.00 69.17  ? 97  ASP A O   1 
ATOM   693 C  CB  . ASP A 1 90  ? 3.960   3.518   -10.285 1.00 64.77  ? 97  ASP A CB  1 
ATOM   694 C  CG  . ASP A 1 90  ? 4.752   2.920   -11.437 1.00 77.31  ? 97  ASP A CG  1 
ATOM   695 O  OD1 . ASP A 1 90  ? 4.164   2.171   -12.247 1.00 70.33  ? 97  ASP A OD1 1 
ATOM   696 O  OD2 . ASP A 1 90  ? 5.966   3.199   -11.535 1.00 77.58  ? 97  ASP A OD2 1 
ATOM   697 N  N   . GLY A 1 91  ? 1.281   3.905   -8.349  1.00 57.66  ? 98  GLY A N   1 
ATOM   698 C  CA  . GLY A 1 91  ? 0.689   3.889   -7.030  1.00 56.60  ? 98  GLY A CA  1 
ATOM   699 C  C   . GLY A 1 91  ? 1.531   4.513   -5.939  1.00 45.84  ? 98  GLY A C   1 
ATOM   700 O  O   . GLY A 1 91  ? 2.557   5.128   -6.198  1.00 53.79  ? 98  GLY A O   1 
ATOM   701 N  N   . LYS A 1 92  ? 1.080   4.341   -4.703  1.00 48.97  ? 99  LYS A N   1 
ATOM   702 C  CA  . LYS A 1 92  ? 1.718   4.958   -3.548  1.00 57.13  ? 99  LYS A CA  1 
ATOM   703 C  C   . LYS A 1 92  ? 1.829   3.970   -2.389  1.00 47.76  ? 99  LYS A C   1 
ATOM   704 O  O   . LYS A 1 92  ? 1.302   2.861   -2.444  1.00 43.64  ? 99  LYS A O   1 
ATOM   705 C  CB  . LYS A 1 92  ? 0.942   6.205   -3.108  1.00 51.63  ? 99  LYS A CB  1 
ATOM   706 C  CG  . LYS A 1 92  ? 0.627   7.181   -4.241  1.00 60.87  ? 99  LYS A CG  1 
ATOM   707 C  CD  . LYS A 1 92  ? 0.413   8.597   -3.720  1.00 63.49  ? 99  LYS A CD  1 
ATOM   708 C  CE  . LYS A 1 92  ? -0.089  9.529   -4.816  1.00 72.02  ? 99  LYS A CE  1 
ATOM   709 N  NZ  . LYS A 1 92  ? -1.441  9.128   -5.303  1.00 74.39  ? 99  LYS A NZ  1 
ATOM   710 N  N   . ILE A 1 93  ? 2.528   4.385   -1.342  1.00 40.89  ? 100 ILE A N   1 
ATOM   711 C  CA  . ILE A 1 93  ? 2.725   3.540   -0.185  1.00 37.09  ? 100 ILE A CA  1 
ATOM   712 C  C   . ILE A 1 93  ? 2.555   4.398   1.043   1.00 43.20  ? 100 ILE A C   1 
ATOM   713 O  O   . ILE A 1 93  ? 3.219   5.414   1.174   1.00 47.01  ? 100 ILE A O   1 
ATOM   714 C  CB  . ILE A 1 93  ? 4.145   2.958   -0.147  1.00 34.13  ? 100 ILE A CB  1 
ATOM   715 C  CG1 . ILE A 1 93  ? 4.416   2.113   -1.388  1.00 42.20  ? 100 ILE A CG1 1 
ATOM   716 C  CG2 . ILE A 1 93  ? 4.363   2.140   1.131   1.00 29.50  ? 100 ILE A CG2 1 
ATOM   717 C  CD1 . ILE A 1 93  ? 5.840   1.647   -1.479  1.00 36.66  ? 100 ILE A CD1 1 
ATOM   718 N  N   . PHE A 1 94  ? 1.683   3.979   1.953   1.00 40.30  ? 101 PHE A N   1 
ATOM   719 C  CA  . PHE A 1 94  ? 1.443   4.741   3.166   1.00 33.74  ? 101 PHE A CA  1 
ATOM   720 C  C   . PHE A 1 94  ? 1.863   3.970   4.410   1.00 38.90  ? 101 PHE A C   1 
ATOM   721 O  O   . PHE A 1 94  ? 1.611   2.773   4.527   1.00 40.04  ? 101 PHE A O   1 
ATOM   722 C  CB  . PHE A 1 94  ? -0.029  5.150   3.248   1.00 43.98  ? 101 PHE A CB  1 
ATOM   723 C  CG  . PHE A 1 94  ? -0.555  5.760   1.978   1.00 35.49  ? 101 PHE A CG  1 
ATOM   724 C  CD1 . PHE A 1 94  ? -0.333  7.096   1.689   1.00 47.91  ? 101 PHE A CD1 1 
ATOM   725 C  CD2 . PHE A 1 94  ? -1.260  4.996   1.068   1.00 42.82  ? 101 PHE A CD2 1 
ATOM   726 C  CE1 . PHE A 1 94  ? -0.818  7.663   0.517   1.00 45.99  ? 101 PHE A CE1 1 
ATOM   727 C  CE2 . PHE A 1 94  ? -1.743  5.554   -0.105  1.00 45.18  ? 101 PHE A CE2 1 
ATOM   728 C  CZ  . PHE A 1 94  ? -1.525  6.888   -0.379  1.00 40.20  ? 101 PHE A CZ  1 
ATOM   729 N  N   . VAL A 1 95  ? 2.509   4.667   5.336   1.00 41.33  ? 102 VAL A N   1 
ATOM   730 C  CA  . VAL A 1 95  ? 2.959   4.057   6.575   1.00 34.08  ? 102 VAL A CA  1 
ATOM   731 C  C   . VAL A 1 95  ? 2.205   4.638   7.778   1.00 45.62  ? 102 VAL A C   1 
ATOM   732 O  O   . VAL A 1 95  ? 2.024   5.853   7.878   1.00 45.03  ? 102 VAL A O   1 
ATOM   733 C  CB  . VAL A 1 95  ? 4.490   4.200   6.743   1.00 51.36  ? 102 VAL A CB  1 
ATOM   734 C  CG1 . VAL A 1 95  ? 4.997   3.312   7.884   1.00 31.76  ? 102 VAL A CG1 1 
ATOM   735 C  CG2 . VAL A 1 95  ? 5.198   3.841   5.433   1.00 32.13  ? 102 VAL A CG2 1 
ATOM   736 N  N   . TYR A 1 96  ? 1.748   3.751   8.663   1.00 37.98  ? 103 TYR A N   1 
ATOM   737 C  CA  . TYR A 1 96  ? 1.010   4.122   9.863   1.00 34.43  ? 103 TYR A CA  1 
ATOM   738 C  C   . TYR A 1 96  ? 1.578   3.462   11.111  1.00 36.25  ? 103 TYR A C   1 
ATOM   739 O  O   . TYR A 1 96  ? 2.025   2.319   11.075  1.00 52.58  ? 103 TYR A O   1 
ATOM   740 C  CB  . TYR A 1 96  ? -0.438  3.653   9.772   1.00 43.47  ? 103 TYR A CB  1 
ATOM   741 C  CG  . TYR A 1 96  ? -1.211  4.130   8.582   1.00 44.19  ? 103 TYR A CG  1 
ATOM   742 C  CD1 . TYR A 1 96  ? -1.253  3.378   7.423   1.00 41.94  ? 103 TYR A CD1 1 
ATOM   743 C  CD2 . TYR A 1 96  ? -1.937  5.314   8.626   1.00 45.89  ? 103 TYR A CD2 1 
ATOM   744 C  CE1 . TYR A 1 96  ? -1.970  3.793   6.327   1.00 39.19  ? 103 TYR A CE1 1 
ATOM   745 C  CE2 . TYR A 1 96  ? -2.669  5.744   7.530   1.00 49.76  ? 103 TYR A CE2 1 
ATOM   746 C  CZ  . TYR A 1 96  ? -2.679  4.978   6.380   1.00 75.12  ? 103 TYR A CZ  1 
ATOM   747 O  OH  . TYR A 1 96  ? -3.398  5.393   5.277   1.00 71.42  ? 103 TYR A OH  1 
ATOM   748 N  N   . GLU A 1 97  ? 1.514   4.167   12.231  1.00 39.72  ? 104 GLU A N   1 
ATOM   749 C  CA  . GLU A 1 97  ? 1.836   3.571   13.520  1.00 37.24  ? 104 GLU A CA  1 
ATOM   750 C  C   . GLU A 1 97  ? 0.685   2.682   13.969  1.00 42.17  ? 104 GLU A C   1 
ATOM   751 O  O   . GLU A 1 97  ? -0.476  3.001   13.713  1.00 49.64  ? 104 GLU A O   1 
ATOM   752 C  CB  . GLU A 1 97  ? 2.073   4.660   14.572  1.00 61.25  ? 104 GLU A CB  1 
ATOM   753 C  CG  . GLU A 1 97  ? 3.459   5.294   14.519  1.00 80.62  ? 104 GLU A CG  1 
ATOM   754 C  CD  . GLU A 1 97  ? 3.553   6.594   15.302  1.00 90.25  ? 104 GLU A CD  1 
ATOM   755 O  OE1 . GLU A 1 97  ? 2.535   7.066   15.858  1.00 92.87  ? 104 GLU A OE1 1 
ATOM   756 O  OE2 . GLU A 1 97  ? 4.663   7.150   15.352  1.00 108.40 ? 104 GLU A OE2 1 
ATOM   757 N  N   . ILE A 1 98  ? 1.003   1.573   14.636  1.00 42.07  ? 105 ILE A N   1 
ATOM   758 C  CA  . ILE A 1 98  ? -0.018  0.731   15.247  1.00 37.17  ? 105 ILE A CA  1 
ATOM   759 C  C   . ILE A 1 98  ? 0.130   0.725   16.764  1.00 39.13  ? 105 ILE A C   1 
ATOM   760 O  O   . ILE A 1 98  ? 1.193   0.414   17.285  1.00 48.11  ? 105 ILE A O   1 
ATOM   761 C  CB  . ILE A 1 98  ? 0.087   -0.714  14.774  1.00 52.38  ? 105 ILE A CB  1 
ATOM   762 C  CG1 . ILE A 1 98  ? -0.171  -0.817  13.274  1.00 47.76  ? 105 ILE A CG1 1 
ATOM   763 C  CG2 . ILE A 1 98  ? -0.903  -1.585  15.525  1.00 51.07  ? 105 ILE A CG2 1 
ATOM   764 C  CD1 . ILE A 1 98  ? -0.118  -2.232  12.766  1.00 57.05  ? 105 ILE A CD1 1 
ATOM   765 N  N   . SER A 1 99  ? -0.944  1.045   17.474  1.00 41.21  ? 106 SER A N   1 
ATOM   766 C  CA  . SER A 1 99  ? -0.906  1.040   18.933  1.00 37.50  ? 106 SER A CA  1 
ATOM   767 C  C   . SER A 1 99  ? -0.697  -0.358  19.506  1.00 45.55  ? 106 SER A C   1 
ATOM   768 O  O   . SER A 1 99  ? -0.100  -0.507  20.565  1.00 62.11  ? 106 SER A O   1 
ATOM   769 C  CB  . SER A 1 99  ? -2.180  1.653   19.523  1.00 40.40  ? 106 SER A CB  1 
ATOM   770 O  OG  . SER A 1 99  ? -2.180  3.062   19.387  1.00 72.51  ? 106 SER A OG  1 
ATOM   771 N  N   . ASN A 1 100 ? -1.195  -1.378  18.815  1.00 55.87  ? 107 ASN A N   1 
ATOM   772 C  CA  . ASN A 1 100 ? -1.104  -2.745  19.319  1.00 48.13  ? 107 ASN A CA  1 
ATOM   773 C  C   . ASN A 1 100 ? -1.585  -3.794  18.320  1.00 40.92  ? 107 ASN A C   1 
ATOM   774 O  O   . ASN A 1 100 ? -2.351  -3.497  17.409  1.00 52.99  ? 107 ASN A O   1 
ATOM   775 C  CB  . ASN A 1 100 ? -1.871  -2.873  20.648  1.00 47.51  ? 107 ASN A CB  1 
ATOM   776 C  CG  . ASN A 1 100 ? -1.587  -4.189  21.380  1.00 60.76  ? 107 ASN A CG  1 
ATOM   777 O  OD1 . ASN A 1 100 ? -0.709  -4.963  21.001  1.00 56.10  ? 107 ASN A OD1 1 
ATOM   778 N  ND2 . ASN A 1 100 ? -2.335  -4.435  22.445  1.00 50.62  ? 107 ASN A ND2 1 
ATOM   779 N  N   . THR A 1 101 ? -1.107  -5.019  18.497  1.00 45.27  ? 108 THR A N   1 
ATOM   780 C  CA  . THR A 1 101 ? -1.548  -6.156  17.709  1.00 45.36  ? 108 THR A CA  1 
ATOM   781 C  C   . THR A 1 101 ? -1.839  -7.323  18.639  1.00 51.49  ? 108 THR A C   1 
ATOM   782 O  O   . THR A 1 101 ? -1.187  -7.498  19.660  1.00 58.01  ? 108 THR A O   1 
ATOM   783 C  CB  . THR A 1 101 ? -0.478  -6.600  16.710  1.00 50.02  ? 108 THR A CB  1 
ATOM   784 O  OG1 . THR A 1 101 ? -0.063  -5.475  15.932  1.00 60.76  ? 108 THR A OG1 1 
ATOM   785 C  CG2 . THR A 1 101 ? -1.021  -7.691  15.788  1.00 43.09  ? 108 THR A CG2 1 
ATOM   786 N  N   . ILE A 1 102 ? -2.826  -8.121  18.274  1.00 53.79  ? 109 ILE A N   1 
ATOM   787 C  CA  . ILE A 1 102 ? -3.225  -9.241  19.093  1.00 42.56  ? 109 ILE A CA  1 
ATOM   788 C  C   . ILE A 1 102 ? -3.440  -10.433 18.196  1.00 49.00  ? 109 ILE A C   1 
ATOM   789 O  O   . ILE A 1 102 ? -4.243  -10.384 17.270  1.00 54.77  ? 109 ILE A O   1 
ATOM   790 C  CB  . ILE A 1 102 ? -4.517  -8.943  19.859  1.00 49.30  ? 109 ILE A CB  1 
ATOM   791 C  CG1 . ILE A 1 102 ? -4.279  -7.814  20.857  1.00 59.63  ? 109 ILE A CG1 1 
ATOM   792 C  CG2 . ILE A 1 102 ? -5.026  -10.187 20.564  1.00 47.04  ? 109 ILE A CG2 1 
ATOM   793 C  CD1 . ILE A 1 102 ? -5.516  -7.387  21.596  1.00 66.58  ? 109 ILE A CD1 1 
ATOM   794 N  N   . ASN A 1 103 ? -2.690  -11.496 18.460  1.00 63.15  ? 110 ASN A N   1 
ATOM   795 C  CA  . ASN A 1 103 ? -2.906  -12.750 17.776  1.00 51.69  ? 110 ASN A CA  1 
ATOM   796 C  C   . ASN A 1 103 ? -4.055  -13.463 18.447  1.00 56.92  ? 110 ASN A C   1 
ATOM   797 O  O   . ASN A 1 103 ? -4.016  -13.728 19.645  1.00 65.27  ? 110 ASN A O   1 
ATOM   798 C  CB  . ASN A 1 103 ? -1.660  -13.621 17.828  1.00 53.96  ? 110 ASN A CB  1 
ATOM   799 C  CG  . ASN A 1 103 ? -1.758  -14.807 16.911  1.00 55.33  ? 110 ASN A CG  1 
ATOM   800 O  OD1 . ASN A 1 103 ? -2.742  -15.551 16.932  1.00 59.41  ? 110 ASN A OD1 1 
ATOM   801 N  ND2 . ASN A 1 103 ? -0.755  -14.971 16.062  1.00 52.00  ? 110 ASN A ND2 1 
ATOM   802 N  N   . ILE A 1 104 ? -5.081  -13.773 17.675  1.00 57.28  ? 111 ILE A N   1 
ATOM   803 C  CA  . ILE A 1 104 ? -6.307  -14.290 18.253  1.00 65.24  ? 111 ILE A CA  1 
ATOM   804 C  C   . ILE A 1 104 ? -6.159  -15.717 18.769  1.00 68.35  ? 111 ILE A C   1 
ATOM   805 O  O   . ILE A 1 104 ? -6.672  -16.047 19.835  1.00 68.74  ? 111 ILE A O   1 
ATOM   806 C  CB  . ILE A 1 104 ? -7.478  -14.161 17.270  1.00 70.50  ? 111 ILE A CB  1 
ATOM   807 C  CG1 . ILE A 1 104 ? -7.839  -12.682 17.103  1.00 47.69  ? 111 ILE A CG1 1 
ATOM   808 C  CG2 . ILE A 1 104 ? -8.676  -14.948 17.764  1.00 69.91  ? 111 ILE A CG2 1 
ATOM   809 C  CD1 . ILE A 1 104 ? -8.844  -12.415 16.015  1.00 45.81  ? 111 ILE A CD1 1 
ATOM   810 N  N   . ARG A 1 105 ? -5.436  -16.555 18.032  1.00 71.20  ? 112 ARG A N   1 
ATOM   811 C  CA  . ARG A 1 105 ? -5.255  -17.950 18.440  1.00 79.50  ? 112 ARG A CA  1 
ATOM   812 C  C   . ARG A 1 105 ? -4.381  -18.134 19.686  1.00 73.29  ? 112 ARG A C   1 
ATOM   813 O  O   . ARG A 1 105 ? -4.701  -18.945 20.553  1.00 79.65  ? 112 ARG A O   1 
ATOM   814 C  CB  . ARG A 1 105 ? -4.692  -18.783 17.293  1.00 66.83  ? 112 ARG A CB  1 
ATOM   815 C  CG  . ARG A 1 105 ? -3.540  -19.691 17.696  1.00 81.45  ? 112 ARG A CG  1 
ATOM   816 C  CD  . ARG A 1 105 ? -3.051  -20.526 16.525  1.00 90.84  ? 112 ARG A CD  1 
ATOM   817 N  NE  . ARG A 1 105 ? -2.798  -19.716 15.333  1.00 131.58 ? 112 ARG A NE  1 
ATOM   818 C  CZ  . ARG A 1 105 ? -3.739  -19.358 14.461  1.00 126.54 ? 112 ARG A CZ  1 
ATOM   819 N  NH1 . ARG A 1 105 ? -4.997  -19.731 14.656  1.00 115.94 ? 112 ARG A NH1 1 
ATOM   820 N  NH2 . ARG A 1 105 ? -3.428  -18.621 13.399  1.00 127.52 ? 112 ARG A NH2 1 
ATOM   821 N  N   . THR A 1 106 ? -3.282  -17.388 19.771  1.00 69.40  ? 113 THR A N   1 
ATOM   822 C  CA  . THR A 1 106 ? -2.323  -17.564 20.857  1.00 63.04  ? 113 THR A CA  1 
ATOM   823 C  C   . THR A 1 106 ? -2.597  -16.615 22.018  1.00 74.06  ? 113 THR A C   1 
ATOM   824 O  O   . THR A 1 106 ? -2.347  -16.949 23.178  1.00 72.01  ? 113 THR A O   1 
ATOM   825 C  CB  . THR A 1 106 ? -0.863  -17.362 20.376  1.00 79.43  ? 113 THR A CB  1 
ATOM   826 O  OG1 . THR A 1 106 ? -0.564  -15.962 20.289  1.00 67.92  ? 113 THR A OG1 1 
ATOM   827 C  CG2 . THR A 1 106 ? -0.644  -18.018 19.018  1.00 58.39  ? 113 THR A CG2 1 
ATOM   828 N  N   . GLY A 1 107 ? -3.100  -15.428 21.698  1.00 71.07  ? 114 GLY A N   1 
ATOM   829 C  CA  . GLY A 1 107 ? -3.428  -14.439 22.709  1.00 48.86  ? 114 GLY A CA  1 
ATOM   830 C  C   . GLY A 1 107 ? -2.290  -13.491 23.030  1.00 54.08  ? 114 GLY A C   1 
ATOM   831 O  O   . GLY A 1 107 ? -2.352  -12.749 24.009  1.00 63.31  ? 114 GLY A O   1 
ATOM   832 N  N   . GLU A 1 108 ? -1.248  -13.507 22.205  1.00 64.56  ? 115 GLU A N   1 
ATOM   833 C  CA  . GLU A 1 108 ? -0.092  -12.643 22.433  1.00 65.79  ? 115 GLU A CA  1 
ATOM   834 C  C   . GLU A 1 108 ? -0.326  -11.239 21.909  1.00 64.43  ? 115 GLU A C   1 
ATOM   835 O  O   . GLU A 1 108 ? -1.053  -11.042 20.936  1.00 59.23  ? 115 GLU A O   1 
ATOM   836 C  CB  . GLU A 1 108 ? 1.147   -13.207 21.747  1.00 77.52  ? 115 GLU A CB  1 
ATOM   837 C  CG  . GLU A 1 108 ? 1.433   -14.650 22.061  1.00 79.76  ? 115 GLU A CG  1 
ATOM   838 C  CD  . GLU A 1 108 ? 2.632   -15.153 21.303  1.00 92.76  ? 115 GLU A CD  1 
ATOM   839 O  OE1 . GLU A 1 108 ? 2.459   -15.569 20.137  1.00 83.38  ? 115 GLU A OE1 1 
ATOM   840 O  OE2 . GLU A 1 108 ? 3.747   -15.114 21.869  1.00 85.55  ? 115 GLU A OE2 1 
ATOM   841 N  N   . GLU A 1 109 ? 0.330   -10.274 22.544  1.00 68.31  ? 116 GLU A N   1 
ATOM   842 C  CA  . GLU A 1 109 ? 0.227   -8.875  22.157  1.00 65.28  ? 116 GLU A CA  1 
ATOM   843 C  C   . GLU A 1 109 ? 1.608   -8.289  21.839  1.00 72.98  ? 116 GLU A C   1 
ATOM   844 O  O   . GLU A 1 109 ? 2.631   -8.789  22.317  1.00 75.33  ? 116 GLU A O   1 
ATOM   845 C  CB  . GLU A 1 109 ? -0.474  -8.080  23.261  1.00 45.91  ? 116 GLU A CB  1 
ATOM   846 C  CG  . GLU A 1 109 ? -1.807  -8.695  23.685  1.00 59.65  ? 116 GLU A CG  1 
ATOM   847 C  CD  . GLU A 1 109 ? -2.681  -7.753  24.500  1.00 88.16  ? 116 GLU A CD  1 
ATOM   848 O  OE1 . GLU A 1 109 ? -2.190  -6.674  24.907  1.00 72.79  ? 116 GLU A OE1 1 
ATOM   849 O  OE2 . GLU A 1 109 ? -3.866  -8.093  24.727  1.00 70.45  ? 116 GLU A OE2 1 
ATOM   850 N  N   . GLY A 1 110 ? 1.633   -7.237  21.024  1.00 56.18  ? 117 GLY A N   1 
ATOM   851 C  CA  . GLY A 1 110 ? 2.882   -6.629  20.599  1.00 56.05  ? 117 GLY A CA  1 
ATOM   852 C  C   . GLY A 1 110 ? 3.536   -7.394  19.461  1.00 60.58  ? 117 GLY A C   1 
ATOM   853 O  O   . GLY A 1 110 ? 2.913   -8.277  18.868  1.00 61.62  ? 117 GLY A O   1 
ATOM   854 N  N   . PRO A 1 111 ? 4.798   -7.057  19.149  1.00 58.76  ? 118 PRO A N   1 
ATOM   855 C  CA  . PRO A 1 111 ? 5.539   -7.665  18.032  1.00 56.41  ? 118 PRO A CA  1 
ATOM   856 C  C   . PRO A 1 111 ? 5.676   -9.188  18.100  1.00 47.52  ? 118 PRO A C   1 
ATOM   857 O  O   . PRO A 1 111 ? 6.228   -9.784  17.179  1.00 75.40  ? 118 PRO A O   1 
ATOM   858 C  CB  . PRO A 1 111 ? 6.915   -6.987  18.100  1.00 49.30  ? 118 PRO A CB  1 
ATOM   859 C  CG  . PRO A 1 111 ? 6.957   -6.269  19.414  1.00 58.48  ? 118 PRO A CG  1 
ATOM   860 C  CD  . PRO A 1 111 ? 5.547   -5.954  19.773  1.00 55.09  ? 118 PRO A CD  1 
ATOM   861 N  N   . GLU A 1 112 ? 5.171   -9.807  19.160  1.00 59.30  ? 119 GLU A N   1 
ATOM   862 C  CA  . GLU A 1 112 ? 5.163   -11.264 19.256  1.00 56.27  ? 119 GLU A CA  1 
ATOM   863 C  C   . GLU A 1 112 ? 3.862   -11.873 18.741  1.00 80.74  ? 119 GLU A C   1 
ATOM   864 O  O   . GLU A 1 112 ? 3.775   -13.082 18.509  1.00 79.91  ? 119 GLU A O   1 
ATOM   865 C  CB  . GLU A 1 112 ? 5.445   -11.710 20.692  1.00 83.52  ? 119 GLU A CB  1 
ATOM   866 C  CG  . GLU A 1 112 ? 6.865   -11.407 21.134  1.00 106.16 ? 119 GLU A CG  1 
ATOM   867 C  CD  . GLU A 1 112 ? 7.891   -11.808 20.080  1.00 137.08 ? 119 GLU A CD  1 
ATOM   868 O  OE1 . GLU A 1 112 ? 7.783   -12.933 19.540  1.00 156.73 ? 119 GLU A OE1 1 
ATOM   869 O  OE2 . GLU A 1 112 ? 8.797   -10.997 19.781  1.00 130.23 ? 119 GLU A OE2 1 
ATOM   870 N  N   . ALA A 1 113 ? 2.849   -11.032 18.562  1.00 71.99  ? 120 ALA A N   1 
ATOM   871 C  CA  . ALA A 1 113 ? 1.587   -11.479 17.990  1.00 61.93  ? 120 ALA A CA  1 
ATOM   872 C  C   . ALA A 1 113 ? 1.725   -11.707 16.485  1.00 70.46  ? 120 ALA A C   1 
ATOM   873 O  O   . ALA A 1 113 ? 1.007   -12.517 15.900  1.00 66.31  ? 120 ALA A O   1 
ATOM   874 C  CB  . ALA A 1 113 ? 0.483   -10.473 18.283  1.00 79.34  ? 120 ALA A CB  1 
ATOM   875 N  N   . LEU A 1 114 ? 2.669   -10.997 15.871  1.00 75.82  ? 121 LEU A N   1 
ATOM   876 C  CA  . LEU A 1 114 ? 2.863   -11.047 14.425  1.00 77.79  ? 121 LEU A CA  1 
ATOM   877 C  C   . LEU A 1 114 ? 3.409   -12.395 13.955  1.00 91.54  ? 121 LEU A C   1 
ATOM   878 O  O   . LEU A 1 114 ? 4.411   -12.912 14.459  1.00 110.15 ? 121 LEU A O   1 
ATOM   879 C  CB  . LEU A 1 114 ? 3.749   -9.887  13.953  1.00 76.92  ? 121 LEU A CB  1 
ATOM   880 C  CG  . LEU A 1 114 ? 3.160   -8.507  14.218  1.00 66.25  ? 121 LEU A CG  1 
ATOM   881 C  CD1 . LEU A 1 114 ? 4.014   -7.391  13.638  1.00 63.35  ? 121 LEU A CD1 1 
ATOM   882 C  CD2 . LEU A 1 114 ? 1.781   -8.468  13.624  1.00 71.25  ? 121 LEU A CD2 1 
ATOM   883 O  OXT . LEU A 1 114 ? 2.830   -13.004 13.047  1.00 98.97  ? 121 LEU A OXT 1 
HETATM 884 ZN ZN  . ZN  B 2 .   ? -10.994 29.441  -16.763 1.00 81.72  ? 201 ZN  A ZN  1 
HETATM 885 ZN ZN  . ZN  C 2 .   ? -4.521  27.910  -17.080 1.00 123.47 ? 202 ZN  A ZN  1 
HETATM 886 ZN ZN  . ZN  D 2 .   ? -10.968 15.713  -21.485 1.00 74.72  ? 203 ZN  A ZN  1 
HETATM 887 ZN ZN  . ZN  E 2 .   ? -6.397  0.288   5.814   1.00 114.89 ? 204 ZN  A ZN  1 
HETATM 888 ZN ZN  . ZN  F 2 .   ? -15.099 -1.031  -11.410 1.00 95.54  ? 205 ZN  A ZN  1 
HETATM 889 O  O   . HOH G 3 .   ? -8.852  -0.063  5.128   0.33 39.85  ? 301 HOH A O   1 
HETATM 890 O  O   . HOH G 3 .   ? 8.797   -15.324 4.819   1.00 45.47  ? 302 HOH A O   1 
HETATM 891 O  O   . HOH G 3 .   ? -1.732  4.752   15.440  1.00 53.91  ? 303 HOH A O   1 
HETATM 892 O  O   . HOH G 3 .   ? 5.559   8.820   14.215  1.00 70.73  ? 304 HOH A O   1 
HETATM 893 O  O   . HOH G 3 .   ? -5.390  4.519   1.015   1.00 52.43  ? 305 HOH A O   1 
HETATM 894 O  O   . HOH G 3 .   ? -3.949  17.755  -13.908 1.00 64.08  ? 306 HOH A O   1 
HETATM 895 O  O   . HOH G 3 .   ? -5.750  6.987   -0.899  1.00 55.54  ? 307 HOH A O   1 
# 
loop_
_pdbx_poly_seq_scheme.asym_id 
_pdbx_poly_seq_scheme.entity_id 
_pdbx_poly_seq_scheme.seq_id 
_pdbx_poly_seq_scheme.mon_id 
_pdbx_poly_seq_scheme.ndb_seq_num 
_pdbx_poly_seq_scheme.pdb_seq_num 
_pdbx_poly_seq_scheme.auth_seq_num 
_pdbx_poly_seq_scheme.pdb_mon_id 
_pdbx_poly_seq_scheme.auth_mon_id 
_pdbx_poly_seq_scheme.pdb_strand_id 
_pdbx_poly_seq_scheme.pdb_ins_code 
_pdbx_poly_seq_scheme.hetero 
A 1 1   SER 1   8   -1  SER SER A . n 
A 1 2   HIS 2   9   0   HIS HIS A . n 
A 1 3   MET 3   10  1   MET MET A . n 
A 1 4   PHE 4   11  2   PHE PHE A . n 
A 1 5   LYS 5   12  3   LYS LYS A . n 
A 1 6   VAL 6   13  4   VAL VAL A . n 
A 1 7   GLU 7   14  5   GLU GLU A . n 
A 1 8   ILE 8   15  6   ILE ILE A . n 
A 1 9   VAL 9   16  7   VAL VAL A . n 
A 1 10  THR 10  17  8   THR THR A . n 
A 1 11  ARG 11  18  9   ARG ARG A . n 
A 1 12  PRO 12  19  10  PRO PRO A . n 
A 1 13  ALA 13  20  11  ALA ALA A . n 
A 1 14  ASN 14  21  12  ASN ASN A . n 
A 1 15  PHE 15  22  13  PHE PHE A . n 
A 1 16  GLU 16  23  14  GLU GLU A . n 
A 1 17  LYS 17  24  15  LYS LYS A . n 
A 1 18  LEU 18  25  16  LEU LEU A . n 
A 1 19  LYS 19  26  17  LYS LYS A . n 
A 1 20  GLN 20  27  18  GLN GLN A . n 
A 1 21  GLU 21  28  19  GLU GLU A . n 
A 1 22  LEU 22  29  20  LEU LEU A . n 
A 1 23  GLY 23  30  21  GLY GLY A . n 
A 1 24  LYS 24  31  22  LYS LYS A . n 
A 1 25  ILE 25  32  23  ILE ILE A . n 
A 1 26  GLY 26  33  24  GLY GLY A . n 
A 1 27  VAL 27  34  25  VAL VAL A . n 
A 1 28  THR 28  35  26  THR THR A . n 
A 1 29  SER 29  36  27  SER SER A . n 
A 1 30  LEU 30  37  28  LEU LEU A . n 
A 1 31  THR 31  38  29  THR THR A . n 
A 1 32  PHE 32  39  30  PHE PHE A . n 
A 1 33  SER 33  40  31  SER SER A . n 
A 1 34  ASN 34  41  32  ASN ASN A . n 
A 1 35  VAL 35  42  33  VAL VAL A . n 
A 1 36  HIS 36  43  34  HIS HIS A . n 
A 1 37  GLY 37  44  35  GLY GLY A . n 
A 1 38  CYS 38  45  36  CYS CYS A . n 
A 1 39  GLY 39  46  37  GLY GLY A . n 
A 1 40  LEU 40  47  38  LEU LEU A . n 
A 1 41  GLN 41  48  39  GLN GLN A . n 
A 1 42  LYS 42  49  40  LYS LYS A . n 
A 1 43  ALA 43  50  41  ALA ALA A . n 
A 1 44  HIS 44  51  42  HIS HIS A . n 
A 1 45  THR 45  52  43  THR THR A . n 
A 1 46  GLU 46  53  44  GLU GLU A . n 
A 1 47  LEU 47  54  45  LEU LEU A . n 
A 1 48  TYR 48  55  46  TYR TYR A . n 
A 1 49  ARG 49  56  47  ARG ARG A . n 
A 1 50  GLY 50  57  48  GLY GLY A . n 
A 1 51  VAL 51  58  49  VAL VAL A . n 
A 1 52  LYS 52  59  50  LYS LYS A . n 
A 1 53  ILE 53  60  51  ILE ILE A . n 
A 1 54  GLU 54  61  52  GLU GLU A . n 
A 1 55  SER 55  62  53  SER SER A . n 
A 1 56  ASN 56  63  54  ASN ASN A . n 
A 1 57  VAL 57  64  55  VAL VAL A . n 
A 1 58  TYR 58  65  56  TYR TYR A . n 
A 1 59  GLU 59  66  57  GLU GLU A . n 
A 1 60  ARG 60  67  58  ARG ARG A . n 
A 1 61  LEU 61  68  59  LEU LEU A . n 
A 1 62  LYS 62  69  60  LYS LYS A . n 
A 1 63  ILE 63  70  61  ILE ILE A . n 
A 1 64  GLU 64  71  62  GLU GLU A . n 
A 1 65  ILE 65  72  63  ILE ILE A . n 
A 1 66  VAL 66  73  64  VAL VAL A . n 
A 1 67  VAL 67  74  65  VAL VAL A . n 
A 1 68  SER 68  75  66  SER SER A . n 
A 1 69  LYS 69  76  67  LYS LYS A . n 
A 1 70  VAL 70  77  68  VAL VAL A . n 
A 1 71  PRO 71  78  69  PRO PRO A . n 
A 1 72  VAL 72  79  70  VAL VAL A . n 
A 1 73  ASP 73  80  71  ASP ASP A . n 
A 1 74  GLN 74  81  72  GLN GLN A . n 
A 1 75  VAL 75  82  73  VAL VAL A . n 
A 1 76  THR 76  83  74  THR THR A . n 
A 1 77  GLU 77  84  75  GLU GLU A . n 
A 1 78  THR 78  85  76  THR THR A . n 
A 1 79  ALA 79  86  77  ALA ALA A . n 
A 1 80  LYS 80  87  78  LYS LYS A . n 
A 1 81  ARG 81  88  79  ARG ARG A . n 
A 1 82  VAL 82  89  80  VAL VAL A . n 
A 1 83  LEU 83  90  81  LEU LEU A . n 
A 1 84  LYS 84  91  82  LYS LYS A . n 
A 1 85  THR 85  92  83  THR THR A . n 
A 1 86  GLY 86  93  84  GLY GLY A . n 
A 1 87  SER 87  94  85  SER SER A . n 
A 1 88  PRO 88  95  86  PRO PRO A . n 
A 1 89  GLY 89  96  87  GLY GLY A . n 
A 1 90  ASP 90  97  88  ASP ASP A . n 
A 1 91  GLY 91  98  89  GLY GLY A . n 
A 1 92  LYS 92  99  90  LYS LYS A . n 
A 1 93  ILE 93  100 91  ILE ILE A . n 
A 1 94  PHE 94  101 92  PHE PHE A . n 
A 1 95  VAL 95  102 93  VAL VAL A . n 
A 1 96  TYR 96  103 94  TYR TYR A . n 
A 1 97  GLU 97  104 95  GLU GLU A . n 
A 1 98  ILE 98  105 96  ILE ILE A . n 
A 1 99  SER 99  106 97  SER SER A . n 
A 1 100 ASN 100 107 98  ASN ASN A . n 
A 1 101 THR 101 108 99  THR THR A . n 
A 1 102 ILE 102 109 100 ILE ILE A . n 
A 1 103 ASN 103 110 101 ASN ASN A . n 
A 1 104 ILE 104 111 102 ILE ILE A . n 
A 1 105 ARG 105 112 103 ARG ARG A . n 
A 1 106 THR 106 113 104 THR THR A . n 
A 1 107 GLY 107 114 105 GLY GLY A . n 
A 1 108 GLU 108 115 106 GLU GLU A . n 
A 1 109 GLU 109 116 107 GLU GLU A . n 
A 1 110 GLY 110 117 108 GLY GLY A . n 
A 1 111 PRO 111 118 109 PRO PRO A . n 
A 1 112 GLU 112 119 110 GLU GLU A . n 
A 1 113 ALA 113 120 111 ALA ALA A . n 
A 1 114 LEU 114 121 112 LEU LEU A . n 
# 
loop_
_pdbx_nonpoly_scheme.asym_id 
_pdbx_nonpoly_scheme.entity_id 
_pdbx_nonpoly_scheme.mon_id 
_pdbx_nonpoly_scheme.ndb_seq_num 
_pdbx_nonpoly_scheme.pdb_seq_num 
_pdbx_nonpoly_scheme.auth_seq_num 
_pdbx_nonpoly_scheme.pdb_mon_id 
_pdbx_nonpoly_scheme.auth_mon_id 
_pdbx_nonpoly_scheme.pdb_strand_id 
_pdbx_nonpoly_scheme.pdb_ins_code 
B 2 ZN  1 201 1 ZN  ZN  A . 
C 2 ZN  1 202 2 ZN  ZN  A . 
D 2 ZN  1 203 3 ZN  ZN  A . 
E 2 ZN  1 204 4 ZN  ZN  A . 
F 2 ZN  1 205 5 ZN  ZN  A . 
G 3 HOH 1 301 1 HOH HOH A . 
G 3 HOH 2 302 2 HOH HOH A . 
G 3 HOH 3 303 3 HOH HOH A . 
G 3 HOH 4 304 4 HOH HOH A . 
G 3 HOH 5 305 5 HOH HOH A . 
G 3 HOH 6 306 6 HOH HOH A . 
G 3 HOH 7 307 7 HOH HOH A . 
# 
_pdbx_struct_assembly.id                   1 
_pdbx_struct_assembly.details              author_and_software_defined_assembly 
_pdbx_struct_assembly.method_details       PISA 
_pdbx_struct_assembly.oligomeric_details   trimeric 
_pdbx_struct_assembly.oligomeric_count     3 
# 
_pdbx_struct_assembly_gen.assembly_id       1 
_pdbx_struct_assembly_gen.oper_expression   1,2,3 
_pdbx_struct_assembly_gen.asym_id_list      A,B,C,D,E,F,G 
# 
loop_
_pdbx_struct_assembly_prop.biol_id 
_pdbx_struct_assembly_prop.type 
_pdbx_struct_assembly_prop.value 
_pdbx_struct_assembly_prop.details 
1 'ABSA (A^2)' 8340  ? 
1 MORE         -196  ? 
1 'SSA (A^2)'  15730 ? 
# 
loop_
_pdbx_struct_oper_list.id 
_pdbx_struct_oper_list.type 
_pdbx_struct_oper_list.name 
_pdbx_struct_oper_list.symmetry_operation 
_pdbx_struct_oper_list.matrix[1][1] 
_pdbx_struct_oper_list.matrix[1][2] 
_pdbx_struct_oper_list.matrix[1][3] 
_pdbx_struct_oper_list.vector[1] 
_pdbx_struct_oper_list.matrix[2][1] 
_pdbx_struct_oper_list.matrix[2][2] 
_pdbx_struct_oper_list.matrix[2][3] 
_pdbx_struct_oper_list.vector[2] 
_pdbx_struct_oper_list.matrix[3][1] 
_pdbx_struct_oper_list.matrix[3][2] 
_pdbx_struct_oper_list.matrix[3][3] 
_pdbx_struct_oper_list.vector[3] 
1 'identity operation'         1_555 x,y,z        1.0000000000  0.0000000000  0.0000000000 0.0000000000   0.0000000000  1.0000000000  0.0000000000 0.0000000000  0.0000000000 0.0000000000 1.0000000000 0.0000000000  
2 'crystal symmetry operation' 2_445 -y-1,x-y-1,z -0.0665082208 0.9932004943  0.0955480751 -9.8676998225  -0.1660675316 -0.1054429571 0.9804607885 -6.5674805628 0.9838690114 0.0493412697 0.1719511779 12.9582098857 
3 'crystal symmetry operation' 3_545 -x+y,-x-1,z  -0.0665082208 -0.1660675316 0.9838690114 -14.4961095939 0.9932004943  -0.1054429571 0.0493412697 8.4687352413  0.0955480751 0.9804607885 0.1719511779 5.1538174413 
# 
_pdbx_struct_special_symmetry.id              1 
_pdbx_struct_special_symmetry.PDB_model_num   1 
_pdbx_struct_special_symmetry.auth_asym_id    A 
_pdbx_struct_special_symmetry.auth_comp_id    HOH 
_pdbx_struct_special_symmetry.auth_seq_id     301 
_pdbx_struct_special_symmetry.PDB_ins_code    ? 
_pdbx_struct_special_symmetry.label_asym_id   G 
_pdbx_struct_special_symmetry.label_comp_id   HOH 
_pdbx_struct_special_symmetry.label_seq_id    . 
# 
loop_
_pdbx_struct_conn_angle.id 
_pdbx_struct_conn_angle.ptnr1_label_atom_id 
_pdbx_struct_conn_angle.ptnr1_label_alt_id 
_pdbx_struct_conn_angle.ptnr1_label_asym_id 
_pdbx_struct_conn_angle.ptnr1_label_comp_id 
_pdbx_struct_conn_angle.ptnr1_label_seq_id 
_pdbx_struct_conn_angle.ptnr1_auth_atom_id 
_pdbx_struct_conn_angle.ptnr1_auth_asym_id 
_pdbx_struct_conn_angle.ptnr1_auth_comp_id 
_pdbx_struct_conn_angle.ptnr1_auth_seq_id 
_pdbx_struct_conn_angle.ptnr1_PDB_ins_code 
_pdbx_struct_conn_angle.ptnr1_symmetry 
_pdbx_struct_conn_angle.ptnr2_label_atom_id 
_pdbx_struct_conn_angle.ptnr2_label_alt_id 
_pdbx_struct_conn_angle.ptnr2_label_asym_id 
_pdbx_struct_conn_angle.ptnr2_label_comp_id 
_pdbx_struct_conn_angle.ptnr2_label_seq_id 
_pdbx_struct_conn_angle.ptnr2_auth_atom_id 
_pdbx_struct_conn_angle.ptnr2_auth_asym_id 
_pdbx_struct_conn_angle.ptnr2_auth_comp_id 
_pdbx_struct_conn_angle.ptnr2_auth_seq_id 
_pdbx_struct_conn_angle.ptnr2_PDB_ins_code 
_pdbx_struct_conn_angle.ptnr2_symmetry 
_pdbx_struct_conn_angle.ptnr3_label_atom_id 
_pdbx_struct_conn_angle.ptnr3_label_alt_id 
_pdbx_struct_conn_angle.ptnr3_label_asym_id 
_pdbx_struct_conn_angle.ptnr3_label_comp_id 
_pdbx_struct_conn_angle.ptnr3_label_seq_id 
_pdbx_struct_conn_angle.ptnr3_auth_atom_id 
_pdbx_struct_conn_angle.ptnr3_auth_asym_id 
_pdbx_struct_conn_angle.ptnr3_auth_comp_id 
_pdbx_struct_conn_angle.ptnr3_auth_seq_id 
_pdbx_struct_conn_angle.ptnr3_PDB_ins_code 
_pdbx_struct_conn_angle.ptnr3_symmetry 
_pdbx_struct_conn_angle.value 
_pdbx_struct_conn_angle.value_esd 
1 NZ  ? A LYS 5  ? A LYS 12 ? 1_555 ZN ? E ZN . ? A ZN 204 ? 1_555 OE2 ? A GLU 7  ? A GLU 14  ? 1_555 89.5  ? 
2 NZ  ? A LYS 5  ? A LYS 12 ? 1_555 ZN ? E ZN . ? A ZN 204 ? 1_555 OE2 ? A GLU 64 ? A GLU 71  ? 1_555 78.8  ? 
3 OE2 ? A GLU 7  ? A GLU 14 ? 1_555 ZN ? E ZN . ? A ZN 204 ? 1_555 OE2 ? A GLU 64 ? A GLU 71  ? 1_555 77.3  ? 
4 NZ  ? A LYS 5  ? A LYS 12 ? 1_555 ZN ? E ZN . ? A ZN 204 ? 1_555 O   ? G HOH .  ? A HOH 301 ? 1_555 134.5 ? 
5 OE2 ? A GLU 7  ? A GLU 14 ? 1_555 ZN ? E ZN . ? A ZN 204 ? 1_555 O   ? G HOH .  ? A HOH 301 ? 1_555 134.9 ? 
6 OE2 ? A GLU 64 ? A GLU 71 ? 1_555 ZN ? E ZN . ? A ZN 204 ? 1_555 O   ? G HOH .  ? A HOH 301 ? 1_555 98.9  ? 
# 
loop_
_pdbx_audit_revision_history.ordinal 
_pdbx_audit_revision_history.data_content_type 
_pdbx_audit_revision_history.major_revision 
_pdbx_audit_revision_history.minor_revision 
_pdbx_audit_revision_history.revision_date 
1 'Structure model' 1 0 2015-03-04 
2 'Structure model' 1 1 2023-09-20 
# 
_pdbx_audit_revision_details.ordinal             1 
_pdbx_audit_revision_details.revision_ordinal    1 
_pdbx_audit_revision_details.data_content_type   'Structure model' 
_pdbx_audit_revision_details.provider            repository 
_pdbx_audit_revision_details.type                'Initial release' 
_pdbx_audit_revision_details.description         ? 
_pdbx_audit_revision_details.details             ? 
# 
loop_
_pdbx_audit_revision_group.ordinal 
_pdbx_audit_revision_group.revision_ordinal 
_pdbx_audit_revision_group.data_content_type 
_pdbx_audit_revision_group.group 
1 2 'Structure model' 'Data collection'        
2 2 'Structure model' 'Database references'    
3 2 'Structure model' 'Derived calculations'   
4 2 'Structure model' 'Refinement description' 
# 
loop_
_pdbx_audit_revision_category.ordinal 
_pdbx_audit_revision_category.revision_ordinal 
_pdbx_audit_revision_category.data_content_type 
_pdbx_audit_revision_category.category 
1 2 'Structure model' chem_comp_atom                
2 2 'Structure model' chem_comp_bond                
3 2 'Structure model' database_2                    
4 2 'Structure model' pdbx_initial_refinement_model 
5 2 'Structure model' pdbx_struct_conn_angle        
6 2 'Structure model' struct_conn                   
7 2 'Structure model' struct_ref_seq_dif            
8 2 'Structure model' struct_site                   
# 
loop_
_pdbx_audit_revision_item.ordinal 
_pdbx_audit_revision_item.revision_ordinal 
_pdbx_audit_revision_item.data_content_type 
_pdbx_audit_revision_item.item 
1  2 'Structure model' '_database_2.pdbx_DOI'                        
2  2 'Structure model' '_database_2.pdbx_database_accession'         
3  2 'Structure model' '_pdbx_struct_conn_angle.ptnr1_auth_comp_id'  
4  2 'Structure model' '_pdbx_struct_conn_angle.ptnr1_auth_seq_id'   
5  2 'Structure model' '_pdbx_struct_conn_angle.ptnr1_label_asym_id' 
6  2 'Structure model' '_pdbx_struct_conn_angle.ptnr1_label_atom_id' 
7  2 'Structure model' '_pdbx_struct_conn_angle.ptnr1_label_comp_id' 
8  2 'Structure model' '_pdbx_struct_conn_angle.ptnr1_label_seq_id'  
9  2 'Structure model' '_pdbx_struct_conn_angle.ptnr3_auth_comp_id'  
10 2 'Structure model' '_pdbx_struct_conn_angle.ptnr3_auth_seq_id'   
11 2 'Structure model' '_pdbx_struct_conn_angle.ptnr3_label_asym_id' 
12 2 'Structure model' '_pdbx_struct_conn_angle.ptnr3_label_atom_id' 
13 2 'Structure model' '_pdbx_struct_conn_angle.ptnr3_label_comp_id' 
14 2 'Structure model' '_pdbx_struct_conn_angle.ptnr3_label_seq_id'  
15 2 'Structure model' '_pdbx_struct_conn_angle.value'               
16 2 'Structure model' '_struct_conn.pdbx_dist_value'                
17 2 'Structure model' '_struct_conn.ptnr1_auth_comp_id'             
18 2 'Structure model' '_struct_conn.ptnr1_auth_seq_id'              
19 2 'Structure model' '_struct_conn.ptnr1_label_asym_id'            
20 2 'Structure model' '_struct_conn.ptnr1_label_atom_id'            
21 2 'Structure model' '_struct_conn.ptnr1_label_comp_id'            
22 2 'Structure model' '_struct_conn.ptnr1_label_seq_id'             
23 2 'Structure model' '_struct_conn.ptnr2_auth_comp_id'             
24 2 'Structure model' '_struct_conn.ptnr2_auth_seq_id'              
25 2 'Structure model' '_struct_conn.ptnr2_label_asym_id'            
26 2 'Structure model' '_struct_conn.ptnr2_label_atom_id'            
27 2 'Structure model' '_struct_conn.ptnr2_label_comp_id'            
28 2 'Structure model' '_struct_ref_seq_dif.details'                 
29 2 'Structure model' '_struct_site.pdbx_auth_asym_id'              
30 2 'Structure model' '_struct_site.pdbx_auth_comp_id'              
31 2 'Structure model' '_struct_site.pdbx_auth_seq_id'               
# 
loop_
_software.pdbx_ordinal 
_software.name 
_software.version 
_software.date 
_software.type 
_software.contact_author 
_software.contact_author_email 
_software.classification 
_software.location 
_software.language 
_software.citation_id 
1 PHENIX      1.6.4_486 ?               package 'Paul D. Adams' PDAdams@lbl.gov          refinement        
http://www.phenix-online.org/             C++ ? 
2 PDB_EXTRACT 3.14      'Dec. 10, 2013' package PDB             deposit@deposit.rcsb.org 'data extraction' 
http://sw-tools.pdb.org/apps/PDB_EXTRACT/ C++ ? 
3 ADSC        Quantum   ?               ?       ?               ?                        'data collection' ? ?   ? 
4 MOSFLM      .         ?               ?       ?               ?                        'data reduction'  ? ?   ? 
5 SCALA       .         ?               ?       ?               ?                        'data scaling'    ? ?   ? 
6 PHASER      .         ?               ?       ?               ?                        phasing           ? ?   ? 
# 
loop_
_pdbx_validate_torsion.id 
_pdbx_validate_torsion.PDB_model_num 
_pdbx_validate_torsion.auth_comp_id 
_pdbx_validate_torsion.auth_asym_id 
_pdbx_validate_torsion.auth_seq_id 
_pdbx_validate_torsion.PDB_ins_code 
_pdbx_validate_torsion.label_alt_id 
_pdbx_validate_torsion.phi 
_pdbx_validate_torsion.psi 
1 1 SER A 75  ? ? -138.81 -68.29 
2 1 PRO A 118 ? ? -57.65  -2.44  
# 
loop_
_pdbx_unobs_or_zero_occ_atoms.id 
_pdbx_unobs_or_zero_occ_atoms.PDB_model_num 
_pdbx_unobs_or_zero_occ_atoms.polymer_flag 
_pdbx_unobs_or_zero_occ_atoms.occupancy_flag 
_pdbx_unobs_or_zero_occ_atoms.auth_asym_id 
_pdbx_unobs_or_zero_occ_atoms.auth_comp_id 
_pdbx_unobs_or_zero_occ_atoms.auth_seq_id 
_pdbx_unobs_or_zero_occ_atoms.PDB_ins_code 
_pdbx_unobs_or_zero_occ_atoms.auth_atom_id 
_pdbx_unobs_or_zero_occ_atoms.label_alt_id 
_pdbx_unobs_or_zero_occ_atoms.label_asym_id 
_pdbx_unobs_or_zero_occ_atoms.label_comp_id 
_pdbx_unobs_or_zero_occ_atoms.label_seq_id 
_pdbx_unobs_or_zero_occ_atoms.label_atom_id 
1 1 Y 1 A SER 8 ? CB  ? A SER 1 CB  
2 1 Y 1 A SER 8 ? OG  ? A SER 1 OG  
3 1 Y 1 A HIS 9 ? CG  ? A HIS 2 CG  
4 1 Y 1 A HIS 9 ? ND1 ? A HIS 2 ND1 
5 1 Y 1 A HIS 9 ? CD2 ? A HIS 2 CD2 
6 1 Y 1 A HIS 9 ? CE1 ? A HIS 2 CE1 
7 1 Y 1 A HIS 9 ? NE2 ? A HIS 2 NE2 
# 
loop_
_chem_comp_atom.comp_id 
_chem_comp_atom.atom_id 
_chem_comp_atom.type_symbol 
_chem_comp_atom.pdbx_aromatic_flag 
_chem_comp_atom.pdbx_stereo_config 
_chem_comp_atom.pdbx_ordinal 
ALA N    N  N N 1   
ALA CA   C  N S 2   
ALA C    C  N N 3   
ALA O    O  N N 4   
ALA CB   C  N N 5   
ALA OXT  O  N N 6   
ALA H    H  N N 7   
ALA H2   H  N N 8   
ALA HA   H  N N 9   
ALA HB1  H  N N 10  
ALA HB2  H  N N 11  
ALA HB3  H  N N 12  
ALA HXT  H  N N 13  
ARG N    N  N N 14  
ARG CA   C  N S 15  
ARG C    C  N N 16  
ARG O    O  N N 17  
ARG CB   C  N N 18  
ARG CG   C  N N 19  
ARG CD   C  N N 20  
ARG NE   N  N N 21  
ARG CZ   C  N N 22  
ARG NH1  N  N N 23  
ARG NH2  N  N N 24  
ARG OXT  O  N N 25  
ARG H    H  N N 26  
ARG H2   H  N N 27  
ARG HA   H  N N 28  
ARG HB2  H  N N 29  
ARG HB3  H  N N 30  
ARG HG2  H  N N 31  
ARG HG3  H  N N 32  
ARG HD2  H  N N 33  
ARG HD3  H  N N 34  
ARG HE   H  N N 35  
ARG HH11 H  N N 36  
ARG HH12 H  N N 37  
ARG HH21 H  N N 38  
ARG HH22 H  N N 39  
ARG HXT  H  N N 40  
ASN N    N  N N 41  
ASN CA   C  N S 42  
ASN C    C  N N 43  
ASN O    O  N N 44  
ASN CB   C  N N 45  
ASN CG   C  N N 46  
ASN OD1  O  N N 47  
ASN ND2  N  N N 48  
ASN OXT  O  N N 49  
ASN H    H  N N 50  
ASN H2   H  N N 51  
ASN HA   H  N N 52  
ASN HB2  H  N N 53  
ASN HB3  H  N N 54  
ASN HD21 H  N N 55  
ASN HD22 H  N N 56  
ASN HXT  H  N N 57  
ASP N    N  N N 58  
ASP CA   C  N S 59  
ASP C    C  N N 60  
ASP O    O  N N 61  
ASP CB   C  N N 62  
ASP CG   C  N N 63  
ASP OD1  O  N N 64  
ASP OD2  O  N N 65  
ASP OXT  O  N N 66  
ASP H    H  N N 67  
ASP H2   H  N N 68  
ASP HA   H  N N 69  
ASP HB2  H  N N 70  
ASP HB3  H  N N 71  
ASP HD2  H  N N 72  
ASP HXT  H  N N 73  
CYS N    N  N N 74  
CYS CA   C  N R 75  
CYS C    C  N N 76  
CYS O    O  N N 77  
CYS CB   C  N N 78  
CYS SG   S  N N 79  
CYS OXT  O  N N 80  
CYS H    H  N N 81  
CYS H2   H  N N 82  
CYS HA   H  N N 83  
CYS HB2  H  N N 84  
CYS HB3  H  N N 85  
CYS HG   H  N N 86  
CYS HXT  H  N N 87  
GLN N    N  N N 88  
GLN CA   C  N S 89  
GLN C    C  N N 90  
GLN O    O  N N 91  
GLN CB   C  N N 92  
GLN CG   C  N N 93  
GLN CD   C  N N 94  
GLN OE1  O  N N 95  
GLN NE2  N  N N 96  
GLN OXT  O  N N 97  
GLN H    H  N N 98  
GLN H2   H  N N 99  
GLN HA   H  N N 100 
GLN HB2  H  N N 101 
GLN HB3  H  N N 102 
GLN HG2  H  N N 103 
GLN HG3  H  N N 104 
GLN HE21 H  N N 105 
GLN HE22 H  N N 106 
GLN HXT  H  N N 107 
GLU N    N  N N 108 
GLU CA   C  N S 109 
GLU C    C  N N 110 
GLU O    O  N N 111 
GLU CB   C  N N 112 
GLU CG   C  N N 113 
GLU CD   C  N N 114 
GLU OE1  O  N N 115 
GLU OE2  O  N N 116 
GLU OXT  O  N N 117 
GLU H    H  N N 118 
GLU H2   H  N N 119 
GLU HA   H  N N 120 
GLU HB2  H  N N 121 
GLU HB3  H  N N 122 
GLU HG2  H  N N 123 
GLU HG3  H  N N 124 
GLU HE2  H  N N 125 
GLU HXT  H  N N 126 
GLY N    N  N N 127 
GLY CA   C  N N 128 
GLY C    C  N N 129 
GLY O    O  N N 130 
GLY OXT  O  N N 131 
GLY H    H  N N 132 
GLY H2   H  N N 133 
GLY HA2  H  N N 134 
GLY HA3  H  N N 135 
GLY HXT  H  N N 136 
HIS N    N  N N 137 
HIS CA   C  N S 138 
HIS C    C  N N 139 
HIS O    O  N N 140 
HIS CB   C  N N 141 
HIS CG   C  Y N 142 
HIS ND1  N  Y N 143 
HIS CD2  C  Y N 144 
HIS CE1  C  Y N 145 
HIS NE2  N  Y N 146 
HIS OXT  O  N N 147 
HIS H    H  N N 148 
HIS H2   H  N N 149 
HIS HA   H  N N 150 
HIS HB2  H  N N 151 
HIS HB3  H  N N 152 
HIS HD1  H  N N 153 
HIS HD2  H  N N 154 
HIS HE1  H  N N 155 
HIS HE2  H  N N 156 
HIS HXT  H  N N 157 
HOH O    O  N N 158 
HOH H1   H  N N 159 
HOH H2   H  N N 160 
ILE N    N  N N 161 
ILE CA   C  N S 162 
ILE C    C  N N 163 
ILE O    O  N N 164 
ILE CB   C  N S 165 
ILE CG1  C  N N 166 
ILE CG2  C  N N 167 
ILE CD1  C  N N 168 
ILE OXT  O  N N 169 
ILE H    H  N N 170 
ILE H2   H  N N 171 
ILE HA   H  N N 172 
ILE HB   H  N N 173 
ILE HG12 H  N N 174 
ILE HG13 H  N N 175 
ILE HG21 H  N N 176 
ILE HG22 H  N N 177 
ILE HG23 H  N N 178 
ILE HD11 H  N N 179 
ILE HD12 H  N N 180 
ILE HD13 H  N N 181 
ILE HXT  H  N N 182 
LEU N    N  N N 183 
LEU CA   C  N S 184 
LEU C    C  N N 185 
LEU O    O  N N 186 
LEU CB   C  N N 187 
LEU CG   C  N N 188 
LEU CD1  C  N N 189 
LEU CD2  C  N N 190 
LEU OXT  O  N N 191 
LEU H    H  N N 192 
LEU H2   H  N N 193 
LEU HA   H  N N 194 
LEU HB2  H  N N 195 
LEU HB3  H  N N 196 
LEU HG   H  N N 197 
LEU HD11 H  N N 198 
LEU HD12 H  N N 199 
LEU HD13 H  N N 200 
LEU HD21 H  N N 201 
LEU HD22 H  N N 202 
LEU HD23 H  N N 203 
LEU HXT  H  N N 204 
LYS N    N  N N 205 
LYS CA   C  N S 206 
LYS C    C  N N 207 
LYS O    O  N N 208 
LYS CB   C  N N 209 
LYS CG   C  N N 210 
LYS CD   C  N N 211 
LYS CE   C  N N 212 
LYS NZ   N  N N 213 
LYS OXT  O  N N 214 
LYS H    H  N N 215 
LYS H2   H  N N 216 
LYS HA   H  N N 217 
LYS HB2  H  N N 218 
LYS HB3  H  N N 219 
LYS HG2  H  N N 220 
LYS HG3  H  N N 221 
LYS HD2  H  N N 222 
LYS HD3  H  N N 223 
LYS HE2  H  N N 224 
LYS HE3  H  N N 225 
LYS HZ1  H  N N 226 
LYS HZ2  H  N N 227 
LYS HZ3  H  N N 228 
LYS HXT  H  N N 229 
MET N    N  N N 230 
MET CA   C  N S 231 
MET C    C  N N 232 
MET O    O  N N 233 
MET CB   C  N N 234 
MET CG   C  N N 235 
MET SD   S  N N 236 
MET CE   C  N N 237 
MET OXT  O  N N 238 
MET H    H  N N 239 
MET H2   H  N N 240 
MET HA   H  N N 241 
MET HB2  H  N N 242 
MET HB3  H  N N 243 
MET HG2  H  N N 244 
MET HG3  H  N N 245 
MET HE1  H  N N 246 
MET HE2  H  N N 247 
MET HE3  H  N N 248 
MET HXT  H  N N 249 
PHE N    N  N N 250 
PHE CA   C  N S 251 
PHE C    C  N N 252 
PHE O    O  N N 253 
PHE CB   C  N N 254 
PHE CG   C  Y N 255 
PHE CD1  C  Y N 256 
PHE CD2  C  Y N 257 
PHE CE1  C  Y N 258 
PHE CE2  C  Y N 259 
PHE CZ   C  Y N 260 
PHE OXT  O  N N 261 
PHE H    H  N N 262 
PHE H2   H  N N 263 
PHE HA   H  N N 264 
PHE HB2  H  N N 265 
PHE HB3  H  N N 266 
PHE HD1  H  N N 267 
PHE HD2  H  N N 268 
PHE HE1  H  N N 269 
PHE HE2  H  N N 270 
PHE HZ   H  N N 271 
PHE HXT  H  N N 272 
PRO N    N  N N 273 
PRO CA   C  N S 274 
PRO C    C  N N 275 
PRO O    O  N N 276 
PRO CB   C  N N 277 
PRO CG   C  N N 278 
PRO CD   C  N N 279 
PRO OXT  O  N N 280 
PRO H    H  N N 281 
PRO HA   H  N N 282 
PRO HB2  H  N N 283 
PRO HB3  H  N N 284 
PRO HG2  H  N N 285 
PRO HG3  H  N N 286 
PRO HD2  H  N N 287 
PRO HD3  H  N N 288 
PRO HXT  H  N N 289 
SER N    N  N N 290 
SER CA   C  N S 291 
SER C    C  N N 292 
SER O    O  N N 293 
SER CB   C  N N 294 
SER OG   O  N N 295 
SER OXT  O  N N 296 
SER H    H  N N 297 
SER H2   H  N N 298 
SER HA   H  N N 299 
SER HB2  H  N N 300 
SER HB3  H  N N 301 
SER HG   H  N N 302 
SER HXT  H  N N 303 
THR N    N  N N 304 
THR CA   C  N S 305 
THR C    C  N N 306 
THR O    O  N N 307 
THR CB   C  N R 308 
THR OG1  O  N N 309 
THR CG2  C  N N 310 
THR OXT  O  N N 311 
THR H    H  N N 312 
THR H2   H  N N 313 
THR HA   H  N N 314 
THR HB   H  N N 315 
THR HG1  H  N N 316 
THR HG21 H  N N 317 
THR HG22 H  N N 318 
THR HG23 H  N N 319 
THR HXT  H  N N 320 
TYR N    N  N N 321 
TYR CA   C  N S 322 
TYR C    C  N N 323 
TYR O    O  N N 324 
TYR CB   C  N N 325 
TYR CG   C  Y N 326 
TYR CD1  C  Y N 327 
TYR CD2  C  Y N 328 
TYR CE1  C  Y N 329 
TYR CE2  C  Y N 330 
TYR CZ   C  Y N 331 
TYR OH   O  N N 332 
TYR OXT  O  N N 333 
TYR H    H  N N 334 
TYR H2   H  N N 335 
TYR HA   H  N N 336 
TYR HB2  H  N N 337 
TYR HB3  H  N N 338 
TYR HD1  H  N N 339 
TYR HD2  H  N N 340 
TYR HE1  H  N N 341 
TYR HE2  H  N N 342 
TYR HH   H  N N 343 
TYR HXT  H  N N 344 
VAL N    N  N N 345 
VAL CA   C  N S 346 
VAL C    C  N N 347 
VAL O    O  N N 348 
VAL CB   C  N N 349 
VAL CG1  C  N N 350 
VAL CG2  C  N N 351 
VAL OXT  O  N N 352 
VAL H    H  N N 353 
VAL H2   H  N N 354 
VAL HA   H  N N 355 
VAL HB   H  N N 356 
VAL HG11 H  N N 357 
VAL HG12 H  N N 358 
VAL HG13 H  N N 359 
VAL HG21 H  N N 360 
VAL HG22 H  N N 361 
VAL HG23 H  N N 362 
VAL HXT  H  N N 363 
ZN  ZN   ZN N N 364 
# 
loop_
_chem_comp_bond.comp_id 
_chem_comp_bond.atom_id_1 
_chem_comp_bond.atom_id_2 
_chem_comp_bond.value_order 
_chem_comp_bond.pdbx_aromatic_flag 
_chem_comp_bond.pdbx_stereo_config 
_chem_comp_bond.pdbx_ordinal 
ALA N   CA   sing N N 1   
ALA N   H    sing N N 2   
ALA N   H2   sing N N 3   
ALA CA  C    sing N N 4   
ALA CA  CB   sing N N 5   
ALA CA  HA   sing N N 6   
ALA C   O    doub N N 7   
ALA C   OXT  sing N N 8   
ALA CB  HB1  sing N N 9   
ALA CB  HB2  sing N N 10  
ALA CB  HB3  sing N N 11  
ALA OXT HXT  sing N N 12  
ARG N   CA   sing N N 13  
ARG N   H    sing N N 14  
ARG N   H2   sing N N 15  
ARG CA  C    sing N N 16  
ARG CA  CB   sing N N 17  
ARG CA  HA   sing N N 18  
ARG C   O    doub N N 19  
ARG C   OXT  sing N N 20  
ARG CB  CG   sing N N 21  
ARG CB  HB2  sing N N 22  
ARG CB  HB3  sing N N 23  
ARG CG  CD   sing N N 24  
ARG CG  HG2  sing N N 25  
ARG CG  HG3  sing N N 26  
ARG CD  NE   sing N N 27  
ARG CD  HD2  sing N N 28  
ARG CD  HD3  sing N N 29  
ARG NE  CZ   sing N N 30  
ARG NE  HE   sing N N 31  
ARG CZ  NH1  sing N N 32  
ARG CZ  NH2  doub N N 33  
ARG NH1 HH11 sing N N 34  
ARG NH1 HH12 sing N N 35  
ARG NH2 HH21 sing N N 36  
ARG NH2 HH22 sing N N 37  
ARG OXT HXT  sing N N 38  
ASN N   CA   sing N N 39  
ASN N   H    sing N N 40  
ASN N   H2   sing N N 41  
ASN CA  C    sing N N 42  
ASN CA  CB   sing N N 43  
ASN CA  HA   sing N N 44  
ASN C   O    doub N N 45  
ASN C   OXT  sing N N 46  
ASN CB  CG   sing N N 47  
ASN CB  HB2  sing N N 48  
ASN CB  HB3  sing N N 49  
ASN CG  OD1  doub N N 50  
ASN CG  ND2  sing N N 51  
ASN ND2 HD21 sing N N 52  
ASN ND2 HD22 sing N N 53  
ASN OXT HXT  sing N N 54  
ASP N   CA   sing N N 55  
ASP N   H    sing N N 56  
ASP N   H2   sing N N 57  
ASP CA  C    sing N N 58  
ASP CA  CB   sing N N 59  
ASP CA  HA   sing N N 60  
ASP C   O    doub N N 61  
ASP C   OXT  sing N N 62  
ASP CB  CG   sing N N 63  
ASP CB  HB2  sing N N 64  
ASP CB  HB3  sing N N 65  
ASP CG  OD1  doub N N 66  
ASP CG  OD2  sing N N 67  
ASP OD2 HD2  sing N N 68  
ASP OXT HXT  sing N N 69  
CYS N   CA   sing N N 70  
CYS N   H    sing N N 71  
CYS N   H2   sing N N 72  
CYS CA  C    sing N N 73  
CYS CA  CB   sing N N 74  
CYS CA  HA   sing N N 75  
CYS C   O    doub N N 76  
CYS C   OXT  sing N N 77  
CYS CB  SG   sing N N 78  
CYS CB  HB2  sing N N 79  
CYS CB  HB3  sing N N 80  
CYS SG  HG   sing N N 81  
CYS OXT HXT  sing N N 82  
GLN N   CA   sing N N 83  
GLN N   H    sing N N 84  
GLN N   H2   sing N N 85  
GLN CA  C    sing N N 86  
GLN CA  CB   sing N N 87  
GLN CA  HA   sing N N 88  
GLN C   O    doub N N 89  
GLN C   OXT  sing N N 90  
GLN CB  CG   sing N N 91  
GLN CB  HB2  sing N N 92  
GLN CB  HB3  sing N N 93  
GLN CG  CD   sing N N 94  
GLN CG  HG2  sing N N 95  
GLN CG  HG3  sing N N 96  
GLN CD  OE1  doub N N 97  
GLN CD  NE2  sing N N 98  
GLN NE2 HE21 sing N N 99  
GLN NE2 HE22 sing N N 100 
GLN OXT HXT  sing N N 101 
GLU N   CA   sing N N 102 
GLU N   H    sing N N 103 
GLU N   H2   sing N N 104 
GLU CA  C    sing N N 105 
GLU CA  CB   sing N N 106 
GLU CA  HA   sing N N 107 
GLU C   O    doub N N 108 
GLU C   OXT  sing N N 109 
GLU CB  CG   sing N N 110 
GLU CB  HB2  sing N N 111 
GLU CB  HB3  sing N N 112 
GLU CG  CD   sing N N 113 
GLU CG  HG2  sing N N 114 
GLU CG  HG3  sing N N 115 
GLU CD  OE1  doub N N 116 
GLU CD  OE2  sing N N 117 
GLU OE2 HE2  sing N N 118 
GLU OXT HXT  sing N N 119 
GLY N   CA   sing N N 120 
GLY N   H    sing N N 121 
GLY N   H2   sing N N 122 
GLY CA  C    sing N N 123 
GLY CA  HA2  sing N N 124 
GLY CA  HA3  sing N N 125 
GLY C   O    doub N N 126 
GLY C   OXT  sing N N 127 
GLY OXT HXT  sing N N 128 
HIS N   CA   sing N N 129 
HIS N   H    sing N N 130 
HIS N   H2   sing N N 131 
HIS CA  C    sing N N 132 
HIS CA  CB   sing N N 133 
HIS CA  HA   sing N N 134 
HIS C   O    doub N N 135 
HIS C   OXT  sing N N 136 
HIS CB  CG   sing N N 137 
HIS CB  HB2  sing N N 138 
HIS CB  HB3  sing N N 139 
HIS CG  ND1  sing Y N 140 
HIS CG  CD2  doub Y N 141 
HIS ND1 CE1  doub Y N 142 
HIS ND1 HD1  sing N N 143 
HIS CD2 NE2  sing Y N 144 
HIS CD2 HD2  sing N N 145 
HIS CE1 NE2  sing Y N 146 
HIS CE1 HE1  sing N N 147 
HIS NE2 HE2  sing N N 148 
HIS OXT HXT  sing N N 149 
HOH O   H1   sing N N 150 
HOH O   H2   sing N N 151 
ILE N   CA   sing N N 152 
ILE N   H    sing N N 153 
ILE N   H2   sing N N 154 
ILE CA  C    sing N N 155 
ILE CA  CB   sing N N 156 
ILE CA  HA   sing N N 157 
ILE C   O    doub N N 158 
ILE C   OXT  sing N N 159 
ILE CB  CG1  sing N N 160 
ILE CB  CG2  sing N N 161 
ILE CB  HB   sing N N 162 
ILE CG1 CD1  sing N N 163 
ILE CG1 HG12 sing N N 164 
ILE CG1 HG13 sing N N 165 
ILE CG2 HG21 sing N N 166 
ILE CG2 HG22 sing N N 167 
ILE CG2 HG23 sing N N 168 
ILE CD1 HD11 sing N N 169 
ILE CD1 HD12 sing N N 170 
ILE CD1 HD13 sing N N 171 
ILE OXT HXT  sing N N 172 
LEU N   CA   sing N N 173 
LEU N   H    sing N N 174 
LEU N   H2   sing N N 175 
LEU CA  C    sing N N 176 
LEU CA  CB   sing N N 177 
LEU CA  HA   sing N N 178 
LEU C   O    doub N N 179 
LEU C   OXT  sing N N 180 
LEU CB  CG   sing N N 181 
LEU CB  HB2  sing N N 182 
LEU CB  HB3  sing N N 183 
LEU CG  CD1  sing N N 184 
LEU CG  CD2  sing N N 185 
LEU CG  HG   sing N N 186 
LEU CD1 HD11 sing N N 187 
LEU CD1 HD12 sing N N 188 
LEU CD1 HD13 sing N N 189 
LEU CD2 HD21 sing N N 190 
LEU CD2 HD22 sing N N 191 
LEU CD2 HD23 sing N N 192 
LEU OXT HXT  sing N N 193 
LYS N   CA   sing N N 194 
LYS N   H    sing N N 195 
LYS N   H2   sing N N 196 
LYS CA  C    sing N N 197 
LYS CA  CB   sing N N 198 
LYS CA  HA   sing N N 199 
LYS C   O    doub N N 200 
LYS C   OXT  sing N N 201 
LYS CB  CG   sing N N 202 
LYS CB  HB2  sing N N 203 
LYS CB  HB3  sing N N 204 
LYS CG  CD   sing N N 205 
LYS CG  HG2  sing N N 206 
LYS CG  HG3  sing N N 207 
LYS CD  CE   sing N N 208 
LYS CD  HD2  sing N N 209 
LYS CD  HD3  sing N N 210 
LYS CE  NZ   sing N N 211 
LYS CE  HE2  sing N N 212 
LYS CE  HE3  sing N N 213 
LYS NZ  HZ1  sing N N 214 
LYS NZ  HZ2  sing N N 215 
LYS NZ  HZ3  sing N N 216 
LYS OXT HXT  sing N N 217 
MET N   CA   sing N N 218 
MET N   H    sing N N 219 
MET N   H2   sing N N 220 
MET CA  C    sing N N 221 
MET CA  CB   sing N N 222 
MET CA  HA   sing N N 223 
MET C   O    doub N N 224 
MET C   OXT  sing N N 225 
MET CB  CG   sing N N 226 
MET CB  HB2  sing N N 227 
MET CB  HB3  sing N N 228 
MET CG  SD   sing N N 229 
MET CG  HG2  sing N N 230 
MET CG  HG3  sing N N 231 
MET SD  CE   sing N N 232 
MET CE  HE1  sing N N 233 
MET CE  HE2  sing N N 234 
MET CE  HE3  sing N N 235 
MET OXT HXT  sing N N 236 
PHE N   CA   sing N N 237 
PHE N   H    sing N N 238 
PHE N   H2   sing N N 239 
PHE CA  C    sing N N 240 
PHE CA  CB   sing N N 241 
PHE CA  HA   sing N N 242 
PHE C   O    doub N N 243 
PHE C   OXT  sing N N 244 
PHE CB  CG   sing N N 245 
PHE CB  HB2  sing N N 246 
PHE CB  HB3  sing N N 247 
PHE CG  CD1  doub Y N 248 
PHE CG  CD2  sing Y N 249 
PHE CD1 CE1  sing Y N 250 
PHE CD1 HD1  sing N N 251 
PHE CD2 CE2  doub Y N 252 
PHE CD2 HD2  sing N N 253 
PHE CE1 CZ   doub Y N 254 
PHE CE1 HE1  sing N N 255 
PHE CE2 CZ   sing Y N 256 
PHE CE2 HE2  sing N N 257 
PHE CZ  HZ   sing N N 258 
PHE OXT HXT  sing N N 259 
PRO N   CA   sing N N 260 
PRO N   CD   sing N N 261 
PRO N   H    sing N N 262 
PRO CA  C    sing N N 263 
PRO CA  CB   sing N N 264 
PRO CA  HA   sing N N 265 
PRO C   O    doub N N 266 
PRO C   OXT  sing N N 267 
PRO CB  CG   sing N N 268 
PRO CB  HB2  sing N N 269 
PRO CB  HB3  sing N N 270 
PRO CG  CD   sing N N 271 
PRO CG  HG2  sing N N 272 
PRO CG  HG3  sing N N 273 
PRO CD  HD2  sing N N 274 
PRO CD  HD3  sing N N 275 
PRO OXT HXT  sing N N 276 
SER N   CA   sing N N 277 
SER N   H    sing N N 278 
SER N   H2   sing N N 279 
SER CA  C    sing N N 280 
SER CA  CB   sing N N 281 
SER CA  HA   sing N N 282 
SER C   O    doub N N 283 
SER C   OXT  sing N N 284 
SER CB  OG   sing N N 285 
SER CB  HB2  sing N N 286 
SER CB  HB3  sing N N 287 
SER OG  HG   sing N N 288 
SER OXT HXT  sing N N 289 
THR N   CA   sing N N 290 
THR N   H    sing N N 291 
THR N   H2   sing N N 292 
THR CA  C    sing N N 293 
THR CA  CB   sing N N 294 
THR CA  HA   sing N N 295 
THR C   O    doub N N 296 
THR C   OXT  sing N N 297 
THR CB  OG1  sing N N 298 
THR CB  CG2  sing N N 299 
THR CB  HB   sing N N 300 
THR OG1 HG1  sing N N 301 
THR CG2 HG21 sing N N 302 
THR CG2 HG22 sing N N 303 
THR CG2 HG23 sing N N 304 
THR OXT HXT  sing N N 305 
TYR N   CA   sing N N 306 
TYR N   H    sing N N 307 
TYR N   H2   sing N N 308 
TYR CA  C    sing N N 309 
TYR CA  CB   sing N N 310 
TYR CA  HA   sing N N 311 
TYR C   O    doub N N 312 
TYR C   OXT  sing N N 313 
TYR CB  CG   sing N N 314 
TYR CB  HB2  sing N N 315 
TYR CB  HB3  sing N N 316 
TYR CG  CD1  doub Y N 317 
TYR CG  CD2  sing Y N 318 
TYR CD1 CE1  sing Y N 319 
TYR CD1 HD1  sing N N 320 
TYR CD2 CE2  doub Y N 321 
TYR CD2 HD2  sing N N 322 
TYR CE1 CZ   doub Y N 323 
TYR CE1 HE1  sing N N 324 
TYR CE2 CZ   sing Y N 325 
TYR CE2 HE2  sing N N 326 
TYR CZ  OH   sing N N 327 
TYR OH  HH   sing N N 328 
TYR OXT HXT  sing N N 329 
VAL N   CA   sing N N 330 
VAL N   H    sing N N 331 
VAL N   H2   sing N N 332 
VAL CA  C    sing N N 333 
VAL CA  CB   sing N N 334 
VAL CA  HA   sing N N 335 
VAL C   O    doub N N 336 
VAL C   OXT  sing N N 337 
VAL CB  CG1  sing N N 338 
VAL CB  CG2  sing N N 339 
VAL CB  HB   sing N N 340 
VAL CG1 HG11 sing N N 341 
VAL CG1 HG12 sing N N 342 
VAL CG1 HG13 sing N N 343 
VAL CG2 HG21 sing N N 344 
VAL CG2 HG22 sing N N 345 
VAL CG2 HG23 sing N N 346 
VAL OXT HXT  sing N N 347 
# 
loop_
_pdbx_entity_nonpoly.entity_id 
_pdbx_entity_nonpoly.name 
_pdbx_entity_nonpoly.comp_id 
2 'ZINC ION' ZN  
3 water      HOH 
# 
_pdbx_initial_refinement_model.id               1 
_pdbx_initial_refinement_model.entity_id_list   ? 
_pdbx_initial_refinement_model.type             'experimental model' 
_pdbx_initial_refinement_model.source_name      PDB 
_pdbx_initial_refinement_model.accession_code   2Z0G 
_pdbx_initial_refinement_model.details          ? 
# 
